data_2KT7
#
_entry.id   2KT7
#
_entity_poly.entity_id   1
_entity_poly.type   'polypeptide(L)'
_entity_poly.pdbx_seq_one_letter_code
;MDTNNFTVKVEYVDADGAEIAPSDTLTDYHYVSTPKDIPGYKLREIPHNATGNITDTGIIVRYIYDKIIDVSYVDETGKD
LLPVVEIINSEAAVLEHHHHHH
;
_entity_poly.pdbx_strand_id   A
#
# COMPACT_ATOMS: atom_id res chain seq x y z
N MET A 1 31.34 2.10 10.12
CA MET A 1 29.91 1.83 9.76
C MET A 1 29.49 0.41 10.17
N ASP A 2 28.76 0.30 11.28
CA ASP A 2 28.28 -0.99 11.77
C ASP A 2 26.94 -1.38 11.11
N THR A 3 26.05 -0.39 10.99
CA THR A 3 24.70 -0.62 10.43
C THR A 3 24.76 -0.94 8.94
N ASN A 4 25.54 -0.17 8.18
CA ASN A 4 25.67 -0.36 6.71
C ASN A 4 24.31 -0.17 6.00
N ASN A 5 23.42 0.58 6.64
CA ASN A 5 22.08 0.89 6.11
C ASN A 5 21.23 -0.37 5.86
N PHE A 6 21.34 -1.36 6.73
CA PHE A 6 20.41 -2.50 6.71
C PHE A 6 19.04 -2.05 7.24
N THR A 7 18.20 -1.53 6.34
CA THR A 7 16.88 -1.00 6.69
C THR A 7 15.81 -1.52 5.72
N VAL A 8 14.54 -1.35 6.09
CA VAL A 8 13.42 -1.77 5.23
C VAL A 8 12.53 -0.59 4.85
N LYS A 9 12.41 -0.33 3.56
CA LYS A 9 11.61 0.78 3.05
C LYS A 9 10.18 0.31 2.70
N VAL A 10 9.19 0.93 3.31
CA VAL A 10 7.79 0.52 3.16
C VAL A 10 7.04 1.42 2.15
N GLU A 11 6.54 0.82 1.07
CA GLU A 11 5.78 1.54 0.04
C GLU A 11 4.29 1.24 0.15
N TYR A 12 3.47 2.25 -0.13
CA TYR A 12 2.00 2.09 -0.06
C TYR A 12 1.37 2.36 -1.42
N VAL A 13 1.01 1.29 -2.13
CA VAL A 13 0.55 1.38 -3.52
C VAL A 13 -0.87 0.81 -3.69
N ASP A 14 -1.51 1.11 -4.82
CA ASP A 14 -2.84 0.62 -5.11
C ASP A 14 -2.81 -0.71 -5.89
N ALA A 15 -3.98 -1.21 -6.29
CA ALA A 15 -4.06 -2.43 -7.10
C ALA A 15 -3.60 -2.19 -8.55
N ASP A 16 -3.26 -0.94 -8.86
CA ASP A 16 -2.75 -0.57 -10.17
C ASP A 16 -1.21 -0.54 -10.19
N GLY A 17 -0.60 -0.63 -9.01
CA GLY A 17 0.85 -0.69 -8.89
C GLY A 17 1.52 0.68 -8.87
N ALA A 18 0.87 1.64 -8.22
CA ALA A 18 1.43 3.00 -8.07
C ALA A 18 1.24 3.49 -6.62
N GLU A 19 2.33 3.95 -5.99
CA GLU A 19 2.27 4.39 -4.59
C GLU A 19 1.32 5.58 -4.43
N ILE A 20 0.22 5.32 -3.78
CA ILE A 20 -0.84 6.32 -3.57
C ILE A 20 -0.62 7.11 -2.27
N ALA A 21 0.50 6.85 -1.60
CA ALA A 21 0.74 7.42 -0.27
C ALA A 21 2.25 7.55 0.02
N PRO A 22 2.64 8.48 0.93
CA PRO A 22 4.04 8.62 1.36
C PRO A 22 4.61 7.34 1.99
N SER A 23 5.83 7.01 1.60
CA SER A 23 6.52 5.80 2.06
C SER A 23 7.29 6.04 3.36
N ASP A 24 7.78 4.95 3.96
CA ASP A 24 8.55 5.02 5.21
C ASP A 24 9.84 4.19 5.13
N THR A 25 10.75 4.41 6.08
CA THR A 25 11.99 3.63 6.19
C THR A 25 12.16 3.09 7.61
N LEU A 26 11.90 1.80 7.79
CA LEU A 26 12.01 1.16 9.11
C LEU A 26 13.48 0.78 9.41
N THR A 27 14.11 1.55 10.30
CA THR A 27 15.50 1.29 10.69
C THR A 27 15.60 0.36 11.91
N ASP A 28 14.44 -0.10 12.39
CA ASP A 28 14.35 -0.98 13.55
C ASP A 28 14.70 -2.43 13.16
N TYR A 29 15.38 -3.15 14.05
CA TYR A 29 15.71 -4.56 13.79
C TYR A 29 14.45 -5.37 13.48
N HIS A 30 13.36 -5.07 14.17
CA HIS A 30 12.06 -5.65 13.85
C HIS A 30 11.24 -4.70 12.99
N TYR A 31 11.42 -4.79 11.67
CA TYR A 31 10.66 -3.93 10.76
C TYR A 31 9.18 -4.32 10.77
N VAL A 32 8.45 -3.71 11.70
CA VAL A 32 7.01 -3.95 11.84
C VAL A 32 6.22 -2.77 11.29
N SER A 33 5.55 -2.99 10.16
CA SER A 33 4.83 -1.91 9.47
C SER A 33 3.32 -1.94 9.75
N THR A 34 2.64 -0.85 9.40
CA THR A 34 1.19 -0.73 9.59
C THR A 34 0.53 -0.06 8.38
N PRO A 35 -0.68 -0.52 7.98
CA PRO A 35 -1.45 0.12 6.90
C PRO A 35 -1.91 1.54 7.26
N LYS A 36 -2.16 2.38 6.24
CA LYS A 36 -2.53 3.78 6.46
C LYS A 36 -3.94 4.09 5.93
N ASP A 37 -4.60 5.03 6.59
CA ASP A 37 -5.93 5.48 6.17
C ASP A 37 -5.82 6.40 4.94
N ILE A 38 -5.78 5.81 3.76
CA ILE A 38 -5.69 6.57 2.51
C ILE A 38 -7.09 6.94 1.97
N PRO A 39 -7.34 8.25 1.73
CA PRO A 39 -8.67 8.72 1.28
C PRO A 39 -9.11 8.10 -0.06
N GLY A 40 -10.08 7.18 0.02
CA GLY A 40 -10.59 6.52 -1.18
C GLY A 40 -9.87 5.21 -1.50
N TYR A 41 -9.18 4.64 -0.50
CA TYR A 41 -8.49 3.36 -0.66
C TYR A 41 -8.65 2.45 0.57
N LYS A 42 -8.82 1.14 0.32
CA LYS A 42 -8.96 0.15 1.38
C LYS A 42 -7.84 -0.90 1.28
N LEU A 43 -7.36 -1.40 2.41
CA LEU A 43 -6.27 -2.39 2.41
C LEU A 43 -6.72 -3.69 1.70
N ARG A 44 -6.09 -3.99 0.56
CA ARG A 44 -6.41 -5.19 -0.21
C ARG A 44 -5.74 -6.43 0.39
N GLU A 45 -4.46 -6.29 0.75
CA GLU A 45 -3.71 -7.38 1.39
C GLU A 45 -2.53 -6.83 2.21
N ILE A 46 -2.12 -7.58 3.24
CA ILE A 46 -0.89 -7.29 3.97
C ILE A 46 0.28 -8.12 3.41
N PRO A 47 1.30 -7.45 2.84
CA PRO A 47 2.44 -8.13 2.19
C PRO A 47 3.06 -9.26 3.03
N HIS A 48 3.37 -10.38 2.38
CA HIS A 48 3.94 -11.56 3.04
C HIS A 48 5.26 -11.28 3.77
N ASN A 49 5.81 -10.07 3.58
CA ASN A 49 7.06 -9.65 4.21
C ASN A 49 6.87 -8.36 5.00
N ALA A 50 5.64 -8.11 5.48
CA ALA A 50 5.29 -6.85 6.15
C ALA A 50 5.96 -6.70 7.54
N THR A 51 6.15 -7.81 8.23
CA THR A 51 6.73 -7.80 9.59
C THR A 51 7.77 -8.89 9.79
N GLY A 52 8.87 -8.56 10.47
CA GLY A 52 9.90 -9.55 10.75
C GLY A 52 11.23 -8.95 11.21
N ASN A 53 12.31 -9.72 11.06
CA ASN A 53 13.65 -9.27 11.45
C ASN A 53 14.44 -8.78 10.22
N ILE A 54 15.07 -7.60 10.31
CA ILE A 54 15.92 -7.10 9.24
C ILE A 54 17.17 -7.97 9.08
N THR A 55 17.09 -8.94 8.18
CA THR A 55 18.19 -9.87 7.93
C THR A 55 18.99 -9.45 6.69
N ASP A 56 18.40 -8.59 5.84
CA ASP A 56 19.05 -8.13 4.62
C ASP A 56 18.84 -6.62 4.41
N THR A 57 19.59 -6.03 3.49
CA THR A 57 19.49 -4.59 3.17
C THR A 57 18.72 -4.36 1.85
N GLY A 58 18.08 -3.20 1.74
CA GLY A 58 17.31 -2.87 0.55
C GLY A 58 15.99 -3.64 0.44
N ILE A 59 15.42 -4.00 1.59
CA ILE A 59 14.14 -4.70 1.64
C ILE A 59 12.97 -3.72 1.53
N ILE A 60 11.93 -4.09 0.77
CA ILE A 60 10.78 -3.22 0.58
C ILE A 60 9.46 -3.91 1.00
N VAL A 61 8.75 -3.29 1.93
CA VAL A 61 7.42 -3.74 2.33
C VAL A 61 6.35 -2.91 1.61
N ARG A 62 5.62 -3.54 0.69
CA ARG A 62 4.67 -2.81 -0.16
C ARG A 62 3.22 -3.23 0.09
N TYR A 63 2.46 -2.35 0.76
CA TYR A 63 1.04 -2.59 1.01
C TYR A 63 0.18 -2.28 -0.23
N ILE A 64 -0.77 -3.15 -0.53
CA ILE A 64 -1.66 -3.00 -1.68
C ILE A 64 -3.05 -2.52 -1.23
N TYR A 65 -3.56 -1.46 -1.85
CA TYR A 65 -4.89 -0.93 -1.52
C TYR A 65 -5.85 -1.00 -2.72
N ASP A 66 -7.11 -1.34 -2.45
CA ASP A 66 -8.15 -1.32 -3.48
C ASP A 66 -8.80 0.08 -3.55
N LYS A 67 -9.03 0.56 -4.76
CA LYS A 67 -9.56 1.91 -4.95
C LYS A 67 -11.07 1.98 -4.66
N ILE A 68 -11.40 2.67 -3.58
CA ILE A 68 -12.79 2.80 -3.12
C ILE A 68 -13.55 3.86 -3.94
N ILE A 69 -14.55 3.43 -4.70
CA ILE A 69 -15.41 4.34 -5.44
C ILE A 69 -16.62 4.73 -4.58
N ASP A 70 -16.48 5.86 -3.87
CA ASP A 70 -17.49 6.33 -2.91
C ASP A 70 -17.60 5.40 -1.70
N VAL A 71 -18.08 5.94 -0.57
CA VAL A 71 -18.16 5.19 0.69
C VAL A 71 -19.39 4.27 0.74
N SER A 72 -20.15 4.21 -0.37
CA SER A 72 -21.45 3.51 -0.40
C SER A 72 -22.45 4.22 0.52
N TYR A 73 -22.16 5.50 0.77
CA TYR A 73 -22.89 6.29 1.78
C TYR A 73 -23.81 7.32 1.11
N VAL A 74 -24.63 6.87 0.16
CA VAL A 74 -25.65 7.72 -0.45
C VAL A 74 -27.01 7.51 0.22
N ASP A 75 -27.18 6.32 0.78
CA ASP A 75 -28.39 5.90 1.52
C ASP A 75 -29.65 5.85 0.63
N GLU A 76 -29.57 6.38 -0.59
CA GLU A 76 -30.67 6.34 -1.55
C GLU A 76 -30.82 4.94 -2.14
N THR A 77 -29.70 4.37 -2.59
CA THR A 77 -29.67 3.03 -3.17
C THR A 77 -29.22 1.98 -2.14
N GLY A 78 -30.20 1.36 -1.48
CA GLY A 78 -29.94 0.30 -0.51
C GLY A 78 -29.00 0.72 0.62
N LYS A 79 -27.89 0.00 0.75
CA LYS A 79 -26.90 0.24 1.81
C LYS A 79 -25.60 -0.55 1.55
N ASP A 80 -25.70 -1.89 1.59
CA ASP A 80 -24.58 -2.78 1.31
C ASP A 80 -24.72 -3.39 -0.09
N LEU A 81 -23.97 -2.85 -1.04
CA LEU A 81 -24.15 -3.19 -2.46
C LEU A 81 -22.96 -3.97 -3.05
N LEU A 82 -21.86 -4.01 -2.31
CA LEU A 82 -20.60 -4.54 -2.84
C LEU A 82 -20.70 -6.07 -3.12
N PRO A 83 -20.17 -6.54 -4.28
CA PRO A 83 -20.15 -7.98 -4.62
C PRO A 83 -19.41 -8.85 -3.60
N VAL A 84 -19.53 -10.18 -3.77
CA VAL A 84 -18.90 -11.14 -2.85
C VAL A 84 -17.41 -11.35 -3.13
N VAL A 85 -16.71 -12.00 -2.19
CA VAL A 85 -15.30 -12.36 -2.36
C VAL A 85 -15.01 -13.79 -1.87
N GLU A 86 -15.02 -14.74 -2.79
CA GLU A 86 -14.73 -16.15 -2.49
C GLU A 86 -13.47 -16.61 -3.25
N ILE A 87 -12.54 -17.26 -2.54
CA ILE A 87 -11.20 -17.54 -3.07
C ILE A 87 -11.21 -18.58 -4.22
N ILE A 88 -10.92 -18.11 -5.44
CA ILE A 88 -10.74 -18.99 -6.60
C ILE A 88 -9.25 -19.17 -6.94
N ASN A 89 -8.96 -19.92 -8.01
CA ASN A 89 -7.59 -20.13 -8.49
C ASN A 89 -6.73 -20.92 -7.47
N SER A 90 -5.41 -20.87 -7.64
CA SER A 90 -4.44 -21.49 -6.71
C SER A 90 -4.47 -23.03 -6.77
N GLU A 91 -3.32 -23.63 -6.47
CA GLU A 91 -3.15 -25.09 -6.49
C GLU A 91 -3.52 -25.72 -7.85
N ALA A 92 -3.61 -24.88 -8.89
CA ALA A 92 -3.80 -25.36 -10.26
C ALA A 92 -2.45 -25.77 -10.88
N ALA A 93 -1.40 -25.55 -10.10
CA ALA A 93 -0.03 -25.94 -10.47
C ALA A 93 0.71 -26.52 -9.26
N VAL A 94 0.60 -27.84 -9.07
CA VAL A 94 1.19 -28.51 -7.89
C VAL A 94 2.38 -29.41 -8.25
N LEU A 95 2.30 -30.11 -9.40
CA LEU A 95 3.42 -30.90 -9.95
C LEU A 95 3.67 -32.24 -9.20
N GLU A 96 3.75 -32.18 -7.87
CA GLU A 96 4.25 -33.29 -7.03
C GLU A 96 3.75 -34.69 -7.47
N HIS A 97 4.71 -35.55 -7.82
CA HIS A 97 4.43 -36.97 -8.12
C HIS A 97 5.61 -37.85 -7.67
N HIS A 98 5.33 -39.07 -7.22
CA HIS A 98 6.39 -39.99 -6.77
C HIS A 98 6.05 -41.46 -7.05
N HIS A 99 6.72 -42.05 -8.03
CA HIS A 99 6.60 -43.49 -8.31
C HIS A 99 7.50 -44.31 -7.37
N HIS A 100 6.98 -45.40 -6.83
CA HIS A 100 7.73 -46.22 -5.88
C HIS A 100 8.38 -47.44 -6.58
N HIS A 101 9.68 -47.60 -6.39
CA HIS A 101 10.45 -48.68 -7.04
C HIS A 101 9.83 -50.06 -6.79
N HIS A 102 9.54 -50.37 -5.53
CA HIS A 102 8.86 -51.64 -5.18
C HIS A 102 7.33 -51.46 -5.13
N MET A 1 19.30 3.72 0.34
CA MET A 1 20.50 2.85 0.38
C MET A 1 21.75 3.62 -0.09
N ASP A 2 22.60 4.03 0.86
CA ASP A 2 23.86 4.71 0.53
C ASP A 2 25.04 3.71 0.58
N THR A 3 25.56 3.45 1.78
CA THR A 3 26.56 2.39 1.95
C THR A 3 25.92 1.16 2.60
N ASN A 4 25.06 0.48 1.82
CA ASN A 4 24.22 -0.62 2.33
C ASN A 4 23.10 -0.10 3.22
N ASN A 5 23.45 0.41 4.41
CA ASN A 5 22.48 0.92 5.38
C ASN A 5 21.25 0.02 5.49
N PHE A 6 21.40 -1.10 6.22
CA PHE A 6 20.32 -2.09 6.38
C PHE A 6 19.03 -1.44 6.92
N THR A 7 18.18 -1.03 6.00
CA THR A 7 16.88 -0.40 6.32
C THR A 7 15.75 -1.08 5.53
N VAL A 8 14.50 -0.80 5.94
CA VAL A 8 13.33 -1.40 5.29
C VAL A 8 12.36 -0.33 4.75
N LYS A 9 12.28 -0.24 3.42
CA LYS A 9 11.32 0.65 2.75
C LYS A 9 9.90 0.07 2.83
N VAL A 10 8.92 0.90 3.14
CA VAL A 10 7.52 0.48 3.15
C VAL A 10 6.70 1.30 2.15
N GLU A 11 6.17 0.63 1.13
CA GLU A 11 5.40 1.31 0.08
C GLU A 11 3.90 1.05 0.22
N TYR A 12 3.11 2.09 0.03
CA TYR A 12 1.65 2.00 0.06
C TYR A 12 1.11 2.30 -1.34
N VAL A 13 0.83 1.24 -2.09
CA VAL A 13 0.62 1.36 -3.54
C VAL A 13 -0.77 0.86 -3.98
N ASP A 14 -1.20 1.38 -5.13
CA ASP A 14 -2.39 0.88 -5.81
C ASP A 14 -2.09 -0.46 -6.52
N ALA A 15 -3.13 -1.13 -7.04
CA ALA A 15 -2.98 -2.47 -7.62
C ALA A 15 -2.06 -2.54 -8.86
N ASP A 16 -1.57 -1.40 -9.33
CA ASP A 16 -0.60 -1.39 -10.44
C ASP A 16 0.85 -1.39 -9.93
N GLY A 17 1.02 -1.18 -8.63
CA GLY A 17 2.34 -1.09 -8.03
C GLY A 17 2.80 0.36 -7.82
N ALA A 18 2.00 1.30 -8.31
CA ALA A 18 2.30 2.72 -8.16
C ALA A 18 1.78 3.25 -6.82
N GLU A 19 2.63 3.94 -6.08
CA GLU A 19 2.25 4.44 -4.75
C GLU A 19 1.05 5.38 -4.80
N ILE A 20 0.38 5.50 -3.68
CA ILE A 20 -0.73 6.44 -3.52
C ILE A 20 -0.59 7.24 -2.22
N ALA A 21 0.48 6.97 -1.48
CA ALA A 21 0.64 7.49 -0.12
C ALA A 21 2.12 7.46 0.33
N PRO A 22 2.52 8.41 1.20
CA PRO A 22 3.90 8.51 1.71
C PRO A 22 4.53 7.16 2.10
N SER A 23 5.65 6.85 1.47
CA SER A 23 6.35 5.58 1.67
C SER A 23 7.41 5.70 2.76
N ASP A 24 7.38 4.78 3.73
CA ASP A 24 8.24 4.86 4.91
C ASP A 24 9.60 4.17 4.71
N THR A 25 10.51 4.41 5.64
CA THR A 25 11.80 3.72 5.69
C THR A 25 12.18 3.42 7.15
N LEU A 26 12.02 2.16 7.55
CA LEU A 26 12.27 1.74 8.94
C LEU A 26 13.75 1.45 9.21
N THR A 27 14.23 1.88 10.38
CA THR A 27 15.62 1.61 10.81
C THR A 27 15.66 0.49 11.86
N ASP A 28 14.49 0.12 12.37
CA ASP A 28 14.35 -0.90 13.42
C ASP A 28 14.66 -2.31 12.90
N TYR A 29 15.53 -3.05 13.62
CA TYR A 29 15.86 -4.43 13.26
C TYR A 29 14.59 -5.28 13.07
N HIS A 30 13.71 -5.25 14.05
CA HIS A 30 12.41 -5.90 13.93
C HIS A 30 11.42 -4.94 13.24
N TYR A 31 11.39 -4.99 11.90
CA TYR A 31 10.54 -4.10 11.13
C TYR A 31 9.07 -4.57 11.16
N VAL A 32 8.22 -3.73 11.73
CA VAL A 32 6.78 -4.01 11.80
C VAL A 32 5.99 -2.77 11.32
N SER A 33 5.35 -2.89 10.16
CA SER A 33 4.68 -1.74 9.54
C SER A 33 3.16 -1.74 9.78
N THR A 34 2.51 -0.65 9.40
CA THR A 34 1.06 -0.47 9.57
C THR A 34 0.41 0.06 8.29
N PRO A 35 -0.71 -0.55 7.85
CA PRO A 35 -1.43 -0.07 6.65
C PRO A 35 -2.06 1.32 6.88
N LYS A 36 -1.44 2.35 6.30
CA LYS A 36 -1.95 3.72 6.41
C LYS A 36 -3.42 3.82 5.98
N ASP A 37 -4.25 4.40 6.85
CA ASP A 37 -5.66 4.63 6.54
C ASP A 37 -5.80 5.71 5.45
N ILE A 38 -5.71 5.28 4.19
CA ILE A 38 -5.73 6.20 3.04
C ILE A 38 -7.15 6.67 2.69
N PRO A 39 -7.43 7.98 2.79
CA PRO A 39 -8.75 8.55 2.42
C PRO A 39 -9.08 8.30 0.94
N GLY A 40 -9.98 7.35 0.68
CA GLY A 40 -10.37 7.05 -0.69
C GLY A 40 -9.86 5.70 -1.20
N TYR A 41 -8.95 5.07 -0.46
CA TYR A 41 -8.43 3.74 -0.83
C TYR A 41 -8.61 2.70 0.28
N LYS A 42 -8.97 1.49 -0.12
CA LYS A 42 -9.28 0.40 0.82
C LYS A 42 -8.22 -0.72 0.75
N LEU A 43 -7.65 -1.09 1.90
CA LEU A 43 -6.66 -2.19 1.95
C LEU A 43 -7.28 -3.52 1.51
N ARG A 44 -6.69 -4.15 0.49
CA ARG A 44 -7.18 -5.45 0.00
C ARG A 44 -6.46 -6.62 0.68
N GLU A 45 -5.16 -6.47 0.94
CA GLU A 45 -4.37 -7.52 1.61
C GLU A 45 -3.03 -6.98 2.14
N ILE A 46 -2.44 -7.72 3.07
CA ILE A 46 -1.15 -7.36 3.69
C ILE A 46 -0.01 -8.23 3.14
N PRO A 47 1.15 -7.62 2.79
CA PRO A 47 2.35 -8.36 2.34
C PRO A 47 2.88 -9.33 3.42
N HIS A 48 3.28 -10.54 3.00
CA HIS A 48 3.74 -11.58 3.94
C HIS A 48 5.00 -11.15 4.71
N ASN A 49 5.78 -10.24 4.12
CA ASN A 49 7.00 -9.72 4.78
C ASN A 49 6.75 -8.37 5.46
N ALA A 50 5.51 -8.14 5.91
CA ALA A 50 5.16 -6.89 6.62
C ALA A 50 5.79 -6.84 8.03
N THR A 51 6.17 -8.01 8.54
CA THR A 51 6.81 -8.11 9.87
C THR A 51 7.94 -9.15 9.87
N GLY A 52 9.12 -8.76 10.37
CA GLY A 52 10.24 -9.70 10.44
C GLY A 52 11.55 -9.05 10.91
N ASN A 53 12.66 -9.76 10.70
CA ASN A 53 13.99 -9.26 11.06
C ASN A 53 14.71 -8.66 9.85
N ILE A 54 15.38 -7.53 10.02
CA ILE A 54 16.24 -7.01 8.94
C ILE A 54 17.43 -7.94 8.72
N THR A 55 17.28 -8.86 7.79
CA THR A 55 18.30 -9.87 7.49
C THR A 55 19.01 -9.57 6.16
N ASP A 56 18.53 -8.53 5.47
CA ASP A 56 19.09 -8.12 4.18
C ASP A 56 18.89 -6.59 4.00
N THR A 57 19.61 -5.99 3.05
CA THR A 57 19.53 -4.53 2.84
C THR A 57 18.57 -4.15 1.70
N GLY A 58 17.72 -3.17 1.97
CA GLY A 58 16.77 -2.70 0.96
C GLY A 58 15.50 -3.55 0.89
N ILE A 59 15.03 -4.04 2.03
CA ILE A 59 13.76 -4.79 2.09
C ILE A 59 12.57 -3.84 1.92
N ILE A 60 11.57 -4.25 1.14
CA ILE A 60 10.39 -3.41 0.91
C ILE A 60 9.08 -4.09 1.35
N VAL A 61 8.39 -3.47 2.29
CA VAL A 61 7.04 -3.88 2.69
C VAL A 61 5.99 -3.12 1.87
N ARG A 62 5.28 -3.82 1.00
CA ARG A 62 4.40 -3.16 0.02
C ARG A 62 2.91 -3.49 0.25
N TYR A 63 2.17 -2.52 0.79
CA TYR A 63 0.72 -2.68 1.00
C TYR A 63 -0.08 -2.28 -0.24
N ILE A 64 -1.08 -3.09 -0.59
CA ILE A 64 -1.89 -2.86 -1.80
C ILE A 64 -3.31 -2.36 -1.42
N TYR A 65 -3.75 -1.27 -2.06
CA TYR A 65 -5.08 -0.69 -1.78
C TYR A 65 -5.94 -0.58 -3.05
N ASP A 66 -7.20 -0.98 -2.93
CA ASP A 66 -8.19 -0.80 -4.00
C ASP A 66 -9.00 0.48 -3.77
N LYS A 67 -9.09 1.33 -4.79
CA LYS A 67 -9.83 2.60 -4.68
C LYS A 67 -11.29 2.39 -4.27
N ILE A 68 -11.72 3.10 -3.24
CA ILE A 68 -13.12 3.07 -2.80
C ILE A 68 -14.01 3.88 -3.76
N ILE A 69 -15.04 3.23 -4.30
CA ILE A 69 -15.93 3.88 -5.28
C ILE A 69 -16.77 4.99 -4.63
N ASP A 70 -17.40 4.68 -3.51
CA ASP A 70 -18.25 5.65 -2.82
C ASP A 70 -17.52 6.27 -1.64
N VAL A 71 -16.98 7.46 -1.89
CA VAL A 71 -16.16 8.14 -0.91
C VAL A 71 -15.89 9.59 -1.35
N SER A 72 -16.83 10.17 -2.10
CA SER A 72 -16.70 11.52 -2.69
C SER A 72 -15.65 11.56 -3.80
N TYR A 73 -15.20 10.39 -4.24
CA TYR A 73 -14.29 10.27 -5.36
C TYR A 73 -15.04 9.78 -6.59
N VAL A 74 -14.76 10.41 -7.72
CA VAL A 74 -15.45 10.12 -8.98
C VAL A 74 -14.71 9.04 -9.79
N ASP A 75 -15.47 8.26 -10.55
CA ASP A 75 -14.91 7.21 -11.41
C ASP A 75 -15.55 7.21 -12.81
N GLU A 76 -14.74 7.49 -13.83
CA GLU A 76 -15.17 7.31 -15.22
C GLU A 76 -15.38 5.81 -15.50
N THR A 77 -14.34 5.03 -15.19
CA THR A 77 -14.35 3.57 -15.36
C THR A 77 -13.10 2.96 -14.70
N GLY A 78 -12.72 1.74 -15.06
CA GLY A 78 -11.48 1.16 -14.56
C GLY A 78 -11.65 0.36 -13.28
N LYS A 79 -12.39 -0.75 -13.39
CA LYS A 79 -12.56 -1.70 -12.27
C LYS A 79 -12.14 -3.11 -12.70
N ASP A 80 -12.47 -4.12 -11.89
CA ASP A 80 -12.07 -5.51 -12.17
C ASP A 80 -10.54 -5.69 -11.98
N LEU A 81 -9.76 -5.12 -12.90
CA LEU A 81 -8.30 -5.06 -12.78
C LEU A 81 -7.65 -6.45 -12.59
N LEU A 82 -6.36 -6.44 -12.26
CA LEU A 82 -5.64 -7.67 -11.91
C LEU A 82 -4.31 -7.37 -11.20
N PRO A 83 -4.05 -8.01 -10.03
CA PRO A 83 -2.76 -7.92 -9.36
C PRO A 83 -1.71 -8.87 -9.98
N VAL A 84 -0.50 -8.36 -10.22
CA VAL A 84 0.57 -9.18 -10.81
C VAL A 84 1.48 -9.80 -9.74
N VAL A 85 1.54 -11.13 -9.68
CA VAL A 85 2.39 -11.84 -8.72
C VAL A 85 3.67 -12.38 -9.40
N GLU A 86 4.83 -11.99 -8.88
CA GLU A 86 6.11 -12.36 -9.50
C GLU A 86 7.28 -12.20 -8.48
N ILE A 87 8.34 -12.99 -8.66
CA ILE A 87 9.51 -12.99 -7.73
C ILE A 87 9.14 -13.42 -6.29
N ILE A 88 9.86 -14.43 -5.78
CA ILE A 88 9.77 -14.84 -4.38
C ILE A 88 11.09 -14.56 -3.64
N ASN A 89 11.07 -14.60 -2.30
CA ASN A 89 12.23 -14.23 -1.49
C ASN A 89 12.92 -15.47 -0.89
N SER A 90 14.22 -15.36 -0.63
CA SER A 90 15.02 -16.42 0.02
C SER A 90 14.89 -16.35 1.55
N GLU A 91 13.81 -15.75 2.02
CA GLU A 91 13.53 -15.60 3.47
C GLU A 91 13.24 -16.95 4.14
N ALA A 92 13.03 -16.91 5.47
CA ALA A 92 12.66 -18.10 6.27
C ALA A 92 13.85 -19.06 6.49
N ALA A 93 14.70 -19.22 5.49
CA ALA A 93 15.88 -20.09 5.59
C ALA A 93 16.89 -19.57 6.62
N VAL A 94 16.75 -18.30 7.01
CA VAL A 94 17.65 -17.69 7.99
C VAL A 94 17.10 -17.82 9.42
N LEU A 95 17.60 -18.80 10.17
CA LEU A 95 17.21 -18.99 11.57
C LEU A 95 18.45 -19.11 12.48
N GLU A 96 18.79 -18.02 13.17
CA GLU A 96 20.00 -17.96 14.00
C GLU A 96 19.88 -18.81 15.27
N HIS A 97 20.84 -19.71 15.48
CA HIS A 97 20.87 -20.56 16.67
C HIS A 97 22.32 -20.84 17.11
N HIS A 98 22.57 -20.82 18.42
CA HIS A 98 23.94 -20.94 18.95
C HIS A 98 24.39 -22.40 19.10
N HIS A 99 25.62 -22.69 18.69
CA HIS A 99 26.20 -24.03 18.87
C HIS A 99 26.97 -24.10 20.20
N HIS A 100 26.30 -24.62 21.23
CA HIS A 100 26.82 -24.62 22.60
C HIS A 100 28.05 -25.54 22.76
N HIS A 101 29.01 -25.11 23.59
CA HIS A 101 30.21 -25.92 23.86
C HIS A 101 30.07 -26.74 25.14
N HIS A 102 30.91 -27.77 25.27
CA HIS A 102 30.92 -28.65 26.46
C HIS A 102 32.32 -28.68 27.11
N MET A 1 26.72 8.56 1.14
CA MET A 1 27.83 8.31 2.10
C MET A 1 27.96 6.83 2.43
N ASP A 2 29.18 6.38 2.73
CA ASP A 2 29.44 4.98 3.10
C ASP A 2 28.72 4.62 4.40
N THR A 3 27.73 3.73 4.32
CA THR A 3 26.89 3.38 5.47
C THR A 3 26.54 1.87 5.51
N ASN A 4 25.99 1.36 4.40
CA ASN A 4 25.48 -0.02 4.34
C ASN A 4 24.37 -0.23 5.38
N ASN A 5 23.58 0.81 5.62
CA ASN A 5 22.48 0.76 6.58
C ASN A 5 21.46 -0.33 6.20
N PHE A 6 21.40 -1.39 7.02
CA PHE A 6 20.36 -2.41 6.87
C PHE A 6 18.96 -1.83 7.12
N THR A 7 18.34 -1.31 6.07
CA THR A 7 17.03 -0.66 6.17
C THR A 7 15.99 -1.31 5.25
N VAL A 8 14.73 -1.24 5.68
CA VAL A 8 13.60 -1.76 4.90
C VAL A 8 12.66 -0.63 4.46
N LYS A 9 12.48 -0.48 3.16
CA LYS A 9 11.52 0.49 2.61
C LYS A 9 10.11 -0.08 2.64
N VAL A 10 9.17 0.68 3.17
CA VAL A 10 7.77 0.28 3.16
C VAL A 10 6.97 1.22 2.24
N GLU A 11 6.47 0.68 1.13
CA GLU A 11 5.73 1.49 0.17
C GLU A 11 4.23 1.15 0.19
N TYR A 12 3.40 2.14 -0.11
CA TYR A 12 1.95 1.98 -0.07
C TYR A 12 1.36 2.30 -1.45
N VAL A 13 1.00 1.25 -2.19
CA VAL A 13 0.62 1.40 -3.60
C VAL A 13 -0.82 0.92 -3.86
N ASP A 14 -1.42 1.38 -4.94
CA ASP A 14 -2.77 0.99 -5.32
C ASP A 14 -2.80 -0.35 -6.08
N ALA A 15 -3.99 -0.76 -6.52
CA ALA A 15 -4.15 -2.02 -7.26
C ALA A 15 -3.59 -1.94 -8.69
N ASP A 16 -3.19 -0.75 -9.12
CA ASP A 16 -2.57 -0.58 -10.44
C ASP A 16 -1.04 -0.75 -10.36
N GLY A 17 -0.49 -0.47 -9.18
CA GLY A 17 0.96 -0.61 -8.96
C GLY A 17 1.66 0.73 -8.78
N ALA A 18 0.90 1.76 -8.42
CA ALA A 18 1.47 3.09 -8.15
C ALA A 18 1.23 3.51 -6.71
N GLU A 19 2.25 4.06 -6.08
CA GLU A 19 2.17 4.48 -4.69
C GLU A 19 1.26 5.69 -4.51
N ILE A 20 0.43 5.64 -3.47
CA ILE A 20 -0.60 6.65 -3.24
C ILE A 20 -0.48 7.29 -1.86
N ALA A 21 0.44 6.79 -1.04
CA ALA A 21 0.63 7.28 0.33
C ALA A 21 2.11 7.42 0.66
N PRO A 22 2.48 8.38 1.54
CA PRO A 22 3.87 8.55 1.98
C PRO A 22 4.52 7.24 2.46
N SER A 23 5.71 6.96 1.94
CA SER A 23 6.39 5.70 2.23
C SER A 23 7.30 5.82 3.44
N ASP A 24 7.62 4.70 4.05
CA ASP A 24 8.48 4.68 5.23
C ASP A 24 9.81 3.97 4.95
N THR A 25 10.77 4.16 5.84
CA THR A 25 12.06 3.47 5.76
C THR A 25 12.53 3.08 7.17
N LEU A 26 12.41 1.81 7.49
CA LEU A 26 12.67 1.31 8.84
C LEU A 26 14.11 0.82 9.02
N THR A 27 14.83 1.41 9.97
CA THR A 27 16.16 0.92 10.37
C THR A 27 16.06 0.07 11.65
N ASP A 28 14.86 0.06 12.22
CA ASP A 28 14.56 -0.75 13.42
C ASP A 28 14.70 -2.25 13.11
N TYR A 29 15.52 -2.95 13.90
CA TYR A 29 15.78 -4.39 13.71
C TYR A 29 14.49 -5.18 13.42
N HIS A 30 13.46 -4.99 14.24
CA HIS A 30 12.15 -5.56 13.94
C HIS A 30 11.30 -4.59 13.13
N TYR A 31 11.47 -4.64 11.80
CA TYR A 31 10.72 -3.77 10.91
C TYR A 31 9.24 -4.19 10.89
N VAL A 32 8.46 -3.60 11.78
CA VAL A 32 7.03 -3.89 11.87
C VAL A 32 6.21 -2.73 11.30
N SER A 33 5.59 -2.96 10.14
CA SER A 33 4.84 -1.91 9.43
C SER A 33 3.35 -1.92 9.80
N THR A 34 2.64 -0.83 9.45
CA THR A 34 1.22 -0.68 9.76
C THR A 34 0.43 -0.17 8.55
N PRO A 35 -0.75 -0.78 8.26
CA PRO A 35 -1.60 -0.35 7.13
C PRO A 35 -2.18 1.06 7.34
N LYS A 36 -1.97 1.93 6.35
CA LYS A 36 -2.46 3.32 6.42
C LYS A 36 -3.80 3.45 5.69
N ASP A 37 -4.87 3.72 6.45
CA ASP A 37 -6.20 3.87 5.87
C ASP A 37 -6.31 5.17 5.05
N ILE A 38 -6.22 5.03 3.73
CA ILE A 38 -6.16 6.17 2.81
C ILE A 38 -7.57 6.63 2.38
N PRO A 39 -7.89 7.94 2.50
CA PRO A 39 -9.16 8.49 2.00
C PRO A 39 -9.31 8.28 0.49
N GLY A 40 -10.14 7.31 0.10
CA GLY A 40 -10.33 6.98 -1.31
C GLY A 40 -9.72 5.63 -1.70
N TYR A 41 -8.92 5.04 -0.81
CA TYR A 41 -8.33 3.71 -1.03
C TYR A 41 -8.50 2.77 0.17
N LYS A 42 -8.80 1.52 -0.11
CA LYS A 42 -9.05 0.50 0.93
C LYS A 42 -8.00 -0.62 0.85
N LEU A 43 -7.47 -1.04 1.99
CA LEU A 43 -6.44 -2.08 2.03
C LEU A 43 -6.94 -3.41 1.42
N ARG A 44 -6.25 -3.88 0.39
CA ARG A 44 -6.55 -5.19 -0.21
C ARG A 44 -5.94 -6.33 0.61
N GLU A 45 -4.62 -6.29 0.79
CA GLU A 45 -3.91 -7.38 1.45
C GLU A 45 -2.61 -6.91 2.10
N ILE A 46 -2.20 -7.62 3.15
CA ILE A 46 -0.95 -7.34 3.86
C ILE A 46 0.16 -8.34 3.43
N PRO A 47 1.30 -7.85 2.92
CA PRO A 47 2.42 -8.70 2.45
C PRO A 47 3.02 -9.59 3.57
N HIS A 48 3.56 -10.75 3.16
CA HIS A 48 4.13 -11.72 4.10
C HIS A 48 5.36 -11.17 4.85
N ASN A 49 5.94 -10.09 4.34
CA ASN A 49 7.14 -9.49 4.95
C ASN A 49 6.78 -8.19 5.71
N ALA A 50 5.51 -8.00 6.04
CA ALA A 50 5.06 -6.79 6.75
C ALA A 50 5.68 -6.68 8.15
N THR A 51 6.00 -7.81 8.76
CA THR A 51 6.62 -7.85 10.09
C THR A 51 7.76 -8.88 10.14
N GLY A 52 8.90 -8.51 10.70
CA GLY A 52 10.00 -9.47 10.84
C GLY A 52 11.33 -8.85 11.26
N ASN A 53 12.41 -9.59 11.02
CA ASN A 53 13.76 -9.16 11.39
C ASN A 53 14.53 -8.63 10.16
N ILE A 54 15.13 -7.45 10.28
CA ILE A 54 15.99 -6.92 9.23
C ILE A 54 17.28 -7.75 9.14
N THR A 55 17.27 -8.73 8.25
CA THR A 55 18.42 -9.62 8.05
C THR A 55 19.31 -9.13 6.91
N ASP A 56 18.67 -8.51 5.91
CA ASP A 56 19.39 -7.92 4.77
C ASP A 56 18.85 -6.51 4.49
N THR A 57 19.60 -5.71 3.73
CA THR A 57 19.17 -4.34 3.42
C THR A 57 18.52 -4.25 2.03
N GLY A 58 17.72 -3.21 1.81
CA GLY A 58 17.04 -3.02 0.53
C GLY A 58 15.75 -3.82 0.40
N ILE A 59 15.24 -4.33 1.53
CA ILE A 59 13.96 -5.03 1.54
C ILE A 59 12.79 -4.04 1.42
N ILE A 60 11.77 -4.38 0.64
CA ILE A 60 10.62 -3.49 0.46
C ILE A 60 9.29 -4.18 0.82
N VAL A 61 8.52 -3.53 1.69
CA VAL A 61 7.19 -3.99 2.09
C VAL A 61 6.11 -3.14 1.43
N ARG A 62 5.39 -3.72 0.47
CA ARG A 62 4.35 -2.98 -0.27
C ARG A 62 2.93 -3.37 0.14
N TYR A 63 2.21 -2.41 0.72
CA TYR A 63 0.80 -2.57 1.02
C TYR A 63 -0.05 -2.17 -0.19
N ILE A 64 -0.92 -3.08 -0.62
CA ILE A 64 -1.75 -2.87 -1.82
C ILE A 64 -3.15 -2.38 -1.44
N TYR A 65 -3.60 -1.27 -2.05
CA TYR A 65 -4.91 -0.71 -1.75
C TYR A 65 -5.82 -0.70 -2.98
N ASP A 66 -7.04 -1.18 -2.81
CA ASP A 66 -8.05 -1.10 -3.86
C ASP A 66 -8.68 0.30 -3.92
N LYS A 67 -8.93 0.79 -5.12
CA LYS A 67 -9.46 2.13 -5.32
C LYS A 67 -10.96 2.20 -5.00
N ILE A 68 -11.30 2.97 -3.96
CA ILE A 68 -12.69 3.12 -3.53
C ILE A 68 -13.45 4.06 -4.46
N ILE A 69 -14.29 3.50 -5.30
CA ILE A 69 -15.10 4.28 -6.24
C ILE A 69 -16.53 4.49 -5.68
N ASP A 70 -16.69 4.22 -4.38
CA ASP A 70 -17.96 4.41 -3.70
C ASP A 70 -18.09 5.86 -3.18
N VAL A 71 -18.88 6.07 -2.12
CA VAL A 71 -19.12 7.42 -1.59
C VAL A 71 -17.83 8.10 -1.08
N SER A 72 -16.88 7.27 -0.67
CA SER A 72 -15.60 7.74 -0.10
C SER A 72 -15.82 8.56 1.18
N TYR A 73 -16.14 9.84 1.02
CA TYR A 73 -16.35 10.77 2.15
C TYR A 73 -15.24 10.72 3.20
N VAL A 74 -15.43 9.86 4.17
CA VAL A 74 -14.61 9.82 5.38
C VAL A 74 -14.76 11.13 6.16
N ASP A 75 -15.90 11.26 6.83
CA ASP A 75 -16.28 12.48 7.55
C ASP A 75 -15.56 12.63 8.90
N GLU A 76 -14.44 11.95 9.07
CA GLU A 76 -13.74 11.92 10.36
C GLU A 76 -12.38 12.61 10.29
N THR A 77 -12.31 13.82 10.86
CA THR A 77 -11.04 14.54 11.01
C THR A 77 -10.23 13.97 12.19
N GLY A 78 -8.91 13.87 12.02
CA GLY A 78 -8.07 13.30 13.07
C GLY A 78 -6.61 13.15 12.65
N LYS A 79 -5.70 13.59 13.52
CA LYS A 79 -4.26 13.48 13.30
C LYS A 79 -3.80 14.32 12.08
N ASP A 80 -4.68 15.22 11.64
CA ASP A 80 -4.42 16.05 10.45
C ASP A 80 -3.83 17.42 10.83
N LEU A 81 -3.30 17.52 12.05
CA LEU A 81 -2.77 18.79 12.57
C LEU A 81 -1.26 18.88 12.37
N LEU A 82 -0.81 19.83 11.56
CA LEU A 82 0.62 20.07 11.42
C LEU A 82 0.96 21.57 11.37
N PRO A 83 1.99 21.98 12.13
CA PRO A 83 2.56 23.34 12.04
C PRO A 83 3.36 23.58 10.75
N VAL A 84 3.84 24.81 10.58
CA VAL A 84 4.66 25.20 9.42
C VAL A 84 3.86 25.22 8.10
N VAL A 85 3.92 26.35 7.40
CA VAL A 85 3.22 26.53 6.13
C VAL A 85 4.16 27.13 5.07
N GLU A 86 3.89 26.84 3.80
CA GLU A 86 4.69 27.37 2.69
C GLU A 86 4.22 28.78 2.30
N ILE A 87 5.00 29.79 2.68
CA ILE A 87 4.63 31.19 2.42
C ILE A 87 4.69 31.51 0.92
N ILE A 88 3.52 31.55 0.27
CA ILE A 88 3.44 31.80 -1.16
C ILE A 88 2.70 33.12 -1.47
N ASN A 89 3.03 33.72 -2.61
CA ASN A 89 2.38 34.95 -3.06
C ASN A 89 1.94 34.81 -4.54
N SER A 90 0.68 35.11 -4.83
CA SER A 90 0.11 34.92 -6.18
C SER A 90 -1.20 35.71 -6.34
N GLU A 91 -2.07 35.27 -7.27
CA GLU A 91 -3.40 35.86 -7.47
C GLU A 91 -3.34 37.20 -8.24
N ALA A 92 -2.53 38.13 -7.75
CA ALA A 92 -2.42 39.48 -8.32
C ALA A 92 -2.20 39.48 -9.85
N ALA A 93 -1.55 38.44 -10.37
CA ALA A 93 -1.25 38.36 -11.81
C ALA A 93 -1.67 37.00 -12.43
N VAL A 94 -2.79 36.46 -11.95
CA VAL A 94 -3.28 35.16 -12.47
C VAL A 94 -4.29 35.36 -13.62
N LEU A 95 -4.39 34.37 -14.51
CA LEU A 95 -5.40 34.38 -15.58
C LEU A 95 -6.58 33.46 -15.21
N GLU A 96 -7.72 34.07 -14.86
CA GLU A 96 -8.90 33.30 -14.45
C GLU A 96 -9.42 32.41 -15.58
N HIS A 97 -9.17 31.10 -15.47
CA HIS A 97 -9.66 30.14 -16.46
C HIS A 97 -11.18 29.99 -16.35
N HIS A 98 -11.90 30.79 -17.15
CA HIS A 98 -13.37 30.81 -17.09
C HIS A 98 -14.00 30.12 -18.32
N HIS A 99 -13.40 29.01 -18.72
CA HIS A 99 -13.85 28.25 -19.90
C HIS A 99 -15.16 27.50 -19.62
N HIS A 100 -16.16 27.72 -20.47
CA HIS A 100 -17.48 27.09 -20.32
C HIS A 100 -17.49 25.64 -20.84
N HIS A 101 -18.27 24.79 -20.18
CA HIS A 101 -18.46 23.41 -20.60
C HIS A 101 -19.72 23.28 -21.48
N HIS A 102 -19.53 22.92 -22.75
CA HIS A 102 -20.67 22.76 -23.68
C HIS A 102 -21.46 21.47 -23.37
N MET A 1 26.46 5.71 0.81
CA MET A 1 25.59 4.52 0.64
C MET A 1 26.33 3.35 -0.03
N ASP A 2 27.66 3.44 -0.10
CA ASP A 2 28.48 2.42 -0.76
C ASP A 2 28.63 1.16 0.11
N THR A 3 28.26 1.26 1.38
CA THR A 3 28.32 0.13 2.32
C THR A 3 26.94 -0.54 2.47
N ASN A 4 26.90 -1.66 3.20
CA ASN A 4 25.64 -2.41 3.39
C ASN A 4 24.65 -1.60 4.24
N ASN A 5 23.80 -0.80 3.58
CA ASN A 5 22.80 0.01 4.29
C ASN A 5 21.52 -0.82 4.55
N PHE A 6 21.34 -1.26 5.80
CA PHE A 6 20.19 -2.08 6.17
C PHE A 6 18.94 -1.22 6.46
N THR A 7 18.09 -1.05 5.45
CA THR A 7 16.84 -0.29 5.60
C THR A 7 15.65 -1.01 4.97
N VAL A 8 14.48 -0.85 5.56
CA VAL A 8 13.24 -1.42 5.04
C VAL A 8 12.28 -0.31 4.59
N LYS A 9 12.12 -0.11 3.30
CA LYS A 9 11.14 0.85 2.79
C LYS A 9 9.74 0.24 2.75
N VAL A 10 8.78 0.95 3.31
CA VAL A 10 7.38 0.53 3.24
C VAL A 10 6.64 1.35 2.17
N GLU A 11 6.22 0.68 1.11
CA GLU A 11 5.47 1.33 0.03
C GLU A 11 3.97 1.08 0.14
N TYR A 12 3.21 2.16 0.25
CA TYR A 12 1.76 2.10 0.27
C TYR A 12 1.20 2.39 -1.13
N VAL A 13 0.92 1.34 -1.89
CA VAL A 13 0.70 1.45 -3.32
C VAL A 13 -0.72 1.02 -3.74
N ASP A 14 -1.12 1.40 -4.95
CA ASP A 14 -2.44 1.03 -5.48
C ASP A 14 -2.42 -0.41 -6.01
N ALA A 15 -3.52 -0.81 -6.66
CA ALA A 15 -3.67 -2.18 -7.16
C ALA A 15 -2.67 -2.52 -8.29
N ASP A 16 -2.11 -1.50 -8.94
CA ASP A 16 -1.14 -1.71 -10.02
C ASP A 16 0.31 -1.71 -9.51
N GLY A 17 0.52 -1.20 -8.29
CA GLY A 17 1.84 -1.22 -7.69
C GLY A 17 2.57 0.12 -7.78
N ALA A 18 1.84 1.21 -7.59
CA ALA A 18 2.44 2.56 -7.51
C ALA A 18 2.05 3.25 -6.20
N GLU A 19 3.04 3.71 -5.42
CA GLU A 19 2.77 4.23 -4.08
C GLU A 19 1.89 5.50 -4.12
N ILE A 20 0.68 5.34 -3.59
CA ILE A 20 -0.33 6.38 -3.57
C ILE A 20 -0.25 7.23 -2.31
N ALA A 21 0.78 7.01 -1.50
CA ALA A 21 0.91 7.66 -0.21
C ALA A 21 2.37 7.65 0.28
N PRO A 22 2.76 8.66 1.10
CA PRO A 22 4.12 8.72 1.66
C PRO A 22 4.59 7.41 2.26
N SER A 23 5.89 7.16 2.15
CA SER A 23 6.47 5.88 2.52
C SER A 23 7.40 5.99 3.74
N ASP A 24 7.59 4.87 4.44
CA ASP A 24 8.40 4.84 5.66
C ASP A 24 9.73 4.10 5.45
N THR A 25 10.83 4.71 5.87
CA THR A 25 12.13 4.04 5.85
C THR A 25 12.50 3.51 7.25
N LEU A 26 12.36 2.21 7.44
CA LEU A 26 12.60 1.59 8.75
C LEU A 26 14.06 1.14 8.90
N THR A 27 14.73 1.65 9.93
CA THR A 27 16.12 1.24 10.23
C THR A 27 16.14 0.22 11.39
N ASP A 28 15.00 0.06 12.06
CA ASP A 28 14.86 -0.87 13.18
C ASP A 28 14.95 -2.33 12.72
N TYR A 29 15.77 -3.13 13.42
CA TYR A 29 15.96 -4.55 13.08
C TYR A 29 14.64 -5.32 12.98
N HIS A 30 13.89 -5.38 14.08
CA HIS A 30 12.57 -6.04 14.07
C HIS A 30 11.50 -5.07 13.54
N TYR A 31 11.53 -4.85 12.24
CA TYR A 31 10.62 -3.91 11.59
C TYR A 31 9.18 -4.44 11.57
N VAL A 32 8.26 -3.63 12.10
CA VAL A 32 6.83 -3.96 12.12
C VAL A 32 6.03 -2.78 11.56
N SER A 33 5.46 -2.95 10.36
CA SER A 33 4.78 -1.85 9.67
C SER A 33 3.26 -1.89 9.88
N THR A 34 2.60 -0.78 9.55
CA THR A 34 1.14 -0.66 9.67
C THR A 34 0.52 -0.10 8.39
N PRO A 35 -0.68 -0.58 8.00
CA PRO A 35 -1.43 -0.01 6.87
C PRO A 35 -1.87 1.44 7.15
N LYS A 36 -2.34 2.14 6.12
CA LYS A 36 -2.76 3.54 6.27
C LYS A 36 -4.19 3.75 5.76
N ASP A 37 -5.03 4.33 6.62
CA ASP A 37 -6.40 4.68 6.26
C ASP A 37 -6.42 5.82 5.23
N ILE A 38 -6.25 5.46 3.96
CA ILE A 38 -6.24 6.44 2.87
C ILE A 38 -7.67 6.75 2.39
N PRO A 39 -8.12 8.02 2.50
CA PRO A 39 -9.48 8.42 2.07
C PRO A 39 -9.73 8.14 0.58
N GLY A 40 -10.41 7.03 0.30
CA GLY A 40 -10.71 6.64 -1.08
C GLY A 40 -9.92 5.41 -1.55
N TYR A 41 -9.19 4.75 -0.63
CA TYR A 41 -8.48 3.51 -0.96
C TYR A 41 -8.65 2.42 0.10
N LYS A 42 -8.84 1.18 -0.37
CA LYS A 42 -9.07 0.02 0.50
C LYS A 42 -7.91 -0.98 0.43
N LEU A 43 -7.36 -1.35 1.58
CA LEU A 43 -6.29 -2.37 1.62
C LEU A 43 -6.85 -3.77 1.34
N ARG A 44 -6.39 -4.39 0.25
CA ARG A 44 -6.86 -5.74 -0.13
C ARG A 44 -6.22 -6.83 0.74
N GLU A 45 -4.94 -6.67 1.07
CA GLU A 45 -4.19 -7.67 1.85
C GLU A 45 -2.89 -7.10 2.42
N ILE A 46 -2.26 -7.86 3.30
CA ILE A 46 -1.00 -7.46 3.93
C ILE A 46 0.20 -8.21 3.32
N PRO A 47 1.25 -7.48 2.90
CA PRO A 47 2.48 -8.06 2.31
C PRO A 47 3.09 -9.21 3.15
N HIS A 48 3.67 -10.19 2.46
CA HIS A 48 4.23 -11.40 3.11
C HIS A 48 5.43 -11.08 4.03
N ASN A 49 5.88 -9.82 4.05
CA ASN A 49 6.98 -9.41 4.93
C ASN A 49 6.68 -8.09 5.65
N ALA A 50 5.41 -7.84 5.94
CA ALA A 50 5.00 -6.61 6.65
C ALA A 50 5.59 -6.55 8.06
N THR A 51 5.76 -7.71 8.67
CA THR A 51 6.35 -7.83 10.02
C THR A 51 7.47 -8.87 10.05
N GLY A 52 8.64 -8.48 10.57
CA GLY A 52 9.76 -9.41 10.65
C GLY A 52 11.08 -8.74 11.04
N ASN A 53 12.19 -9.41 10.76
CA ASN A 53 13.51 -8.88 11.06
C ASN A 53 14.27 -8.47 9.78
N ILE A 54 15.13 -7.45 9.90
CA ILE A 54 15.97 -7.04 8.77
C ILE A 54 17.00 -8.11 8.42
N THR A 55 16.65 -8.95 7.45
CA THR A 55 17.49 -10.05 7.02
C THR A 55 18.34 -9.66 5.80
N ASP A 56 17.74 -8.87 4.90
CA ASP A 56 18.45 -8.29 3.76
C ASP A 56 18.98 -6.89 4.09
N THR A 57 19.72 -6.31 3.17
CA THR A 57 20.09 -4.89 3.27
C THR A 57 18.95 -4.01 2.75
N GLY A 58 18.23 -4.51 1.76
CA GLY A 58 17.13 -3.77 1.15
C GLY A 58 15.80 -4.53 1.14
N ILE A 59 15.05 -4.47 2.24
CA ILE A 59 13.72 -5.09 2.31
C ILE A 59 12.63 -4.06 1.96
N ILE A 60 11.56 -4.49 1.31
CA ILE A 60 10.45 -3.60 0.96
C ILE A 60 9.09 -4.17 1.38
N VAL A 61 8.37 -3.42 2.21
CA VAL A 61 7.02 -3.78 2.64
C VAL A 61 5.98 -3.01 1.80
N ARG A 62 5.30 -3.71 0.90
CA ARG A 62 4.40 -3.06 -0.05
C ARG A 62 2.92 -3.40 0.19
N TYR A 63 2.17 -2.44 0.73
CA TYR A 63 0.73 -2.59 0.95
C TYR A 63 -0.06 -2.23 -0.31
N ILE A 64 -1.05 -3.07 -0.65
CA ILE A 64 -1.82 -2.89 -1.90
C ILE A 64 -3.24 -2.36 -1.62
N TYR A 65 -3.58 -1.20 -2.19
CA TYR A 65 -4.90 -0.58 -1.97
C TYR A 65 -5.72 -0.50 -3.27
N ASP A 66 -6.93 -1.05 -3.23
CA ASP A 66 -7.92 -0.87 -4.30
C ASP A 66 -8.70 0.42 -4.07
N LYS A 67 -8.68 1.34 -5.05
CA LYS A 67 -9.38 2.62 -4.89
C LYS A 67 -10.89 2.42 -4.63
N ILE A 68 -11.35 2.91 -3.49
CA ILE A 68 -12.76 2.86 -3.13
C ILE A 68 -13.57 3.80 -4.03
N ILE A 69 -14.54 3.25 -4.77
CA ILE A 69 -15.39 4.08 -5.63
C ILE A 69 -16.34 4.93 -4.79
N ASP A 70 -15.96 6.20 -4.62
CA ASP A 70 -16.74 7.12 -3.80
C ASP A 70 -16.47 8.57 -4.20
N VAL A 71 -16.91 9.51 -3.37
CA VAL A 71 -16.71 10.93 -3.66
C VAL A 71 -15.78 11.60 -2.61
N SER A 72 -14.73 10.89 -2.19
CA SER A 72 -13.68 11.48 -1.34
C SER A 72 -13.12 12.74 -2.00
N TYR A 73 -12.88 12.64 -3.30
CA TYR A 73 -12.46 13.78 -4.12
C TYR A 73 -11.09 14.35 -3.70
N VAL A 74 -10.05 13.55 -3.81
CA VAL A 74 -8.69 14.02 -3.55
C VAL A 74 -8.14 14.81 -4.76
N ASP A 75 -8.41 16.11 -4.77
CA ASP A 75 -8.08 16.98 -5.91
C ASP A 75 -6.56 17.08 -6.15
N GLU A 76 -5.78 16.73 -5.14
CA GLU A 76 -4.32 16.81 -5.22
C GLU A 76 -3.76 15.85 -6.27
N THR A 77 -3.35 16.41 -7.39
CA THR A 77 -2.73 15.67 -8.50
C THR A 77 -1.45 14.92 -8.08
N GLY A 78 -1.07 13.91 -8.88
CA GLY A 78 0.12 13.12 -8.59
C GLY A 78 0.31 11.96 -9.56
N LYS A 79 0.86 12.24 -10.73
CA LYS A 79 1.09 11.20 -11.76
C LYS A 79 2.58 11.07 -12.13
N ASP A 80 3.00 9.84 -12.40
CA ASP A 80 4.35 9.54 -12.92
C ASP A 80 5.47 10.05 -11.98
N LEU A 81 5.85 9.24 -11.01
CA LEU A 81 6.89 9.60 -10.04
C LEU A 81 7.43 8.40 -9.24
N LEU A 82 6.99 7.18 -9.57
CA LEU A 82 7.45 5.99 -8.86
C LEU A 82 8.90 5.64 -9.20
N PRO A 83 9.75 5.38 -8.19
CA PRO A 83 11.14 4.94 -8.41
C PRO A 83 11.24 3.44 -8.77
N VAL A 84 11.51 3.14 -10.04
CA VAL A 84 11.69 1.75 -10.46
C VAL A 84 13.06 1.20 -10.05
N VAL A 85 13.99 2.13 -9.90
CA VAL A 85 15.39 1.87 -9.48
C VAL A 85 15.98 0.56 -10.05
N GLU A 86 17.05 0.07 -9.43
CA GLU A 86 17.63 -1.23 -9.79
C GLU A 86 17.15 -2.30 -8.79
N ILE A 87 16.39 -3.28 -9.27
CA ILE A 87 15.78 -4.30 -8.42
C ILE A 87 16.82 -5.16 -7.68
N ILE A 88 16.76 -5.19 -6.35
CA ILE A 88 17.72 -5.95 -5.54
C ILE A 88 17.03 -6.94 -4.57
N ASN A 89 17.41 -8.22 -4.69
CA ASN A 89 16.93 -9.28 -3.78
C ASN A 89 18.05 -10.30 -3.52
N SER A 90 18.18 -10.78 -2.29
CA SER A 90 19.28 -11.71 -1.97
C SER A 90 19.08 -12.49 -0.66
N GLU A 91 19.26 -11.82 0.46
CA GLU A 91 19.42 -12.47 1.78
C GLU A 91 18.08 -12.96 2.38
N ALA A 92 16.98 -12.72 1.67
CA ALA A 92 15.66 -13.22 2.09
C ALA A 92 15.54 -14.74 1.94
N ALA A 93 16.51 -15.35 1.29
CA ALA A 93 16.54 -16.81 1.10
C ALA A 93 17.10 -17.54 2.32
N VAL A 94 17.07 -18.88 2.28
CA VAL A 94 17.55 -19.73 3.39
C VAL A 94 16.71 -19.54 4.66
N LEU A 95 15.81 -20.47 4.92
CA LEU A 95 14.94 -20.40 6.10
C LEU A 95 15.68 -20.87 7.36
N GLU A 96 16.48 -19.98 7.95
CA GLU A 96 17.17 -20.28 9.20
C GLU A 96 16.18 -20.27 10.38
N HIS A 97 15.89 -21.45 10.93
CA HIS A 97 14.94 -21.59 12.02
C HIS A 97 15.29 -20.71 13.23
N HIS A 98 14.53 -19.63 13.42
CA HIS A 98 14.73 -18.73 14.57
C HIS A 98 13.96 -19.22 15.81
N HIS A 99 14.71 -19.52 16.88
CA HIS A 99 14.10 -20.01 18.12
C HIS A 99 13.38 -18.90 18.87
N HIS A 100 12.08 -18.77 18.59
CA HIS A 100 11.22 -17.78 19.25
C HIS A 100 10.76 -18.26 20.65
N HIS A 101 10.55 -17.31 21.57
CA HIS A 101 10.24 -17.63 22.97
C HIS A 101 8.76 -17.39 23.33
N HIS A 102 8.37 -17.85 24.50
CA HIS A 102 7.02 -17.59 25.06
C HIS A 102 7.00 -16.26 25.83
N MET A 1 32.44 6.99 -0.15
CA MET A 1 31.27 7.74 0.38
C MET A 1 30.04 6.83 0.58
N ASP A 2 29.95 5.76 -0.20
CA ASP A 2 28.80 4.85 -0.15
C ASP A 2 28.69 4.14 1.22
N THR A 3 27.47 4.09 1.76
CA THR A 3 27.21 3.47 3.07
C THR A 3 26.04 2.49 3.01
N ASN A 4 26.30 1.23 3.36
CA ASN A 4 25.28 0.17 3.32
C ASN A 4 24.28 0.32 4.48
N ASN A 5 23.27 1.15 4.28
CA ASN A 5 22.25 1.38 5.30
C ASN A 5 21.16 0.30 5.26
N PHE A 6 21.21 -0.63 6.21
CA PHE A 6 20.24 -1.72 6.28
C PHE A 6 18.89 -1.24 6.84
N THR A 7 17.99 -0.85 5.95
CA THR A 7 16.66 -0.35 6.33
C THR A 7 15.58 -0.89 5.39
N VAL A 8 14.32 -0.84 5.84
CA VAL A 8 13.19 -1.33 5.06
C VAL A 8 12.26 -0.20 4.62
N LYS A 9 11.93 -0.14 3.33
CA LYS A 9 10.98 0.85 2.83
C LYS A 9 9.57 0.24 2.73
N VAL A 10 8.58 0.94 3.26
CA VAL A 10 7.19 0.50 3.16
C VAL A 10 6.41 1.31 2.13
N GLU A 11 6.02 0.67 1.03
CA GLU A 11 5.24 1.33 -0.03
C GLU A 11 3.74 1.00 0.08
N TYR A 12 2.92 2.04 0.24
CA TYR A 12 1.46 1.90 0.16
C TYR A 12 1.01 2.12 -1.28
N VAL A 13 0.79 1.04 -2.01
CA VAL A 13 0.60 1.11 -3.46
C VAL A 13 -0.78 0.61 -3.89
N ASP A 14 -1.28 1.13 -5.00
CA ASP A 14 -2.55 0.67 -5.57
C ASP A 14 -2.42 -0.73 -6.18
N ALA A 15 -3.50 -1.25 -6.72
CA ALA A 15 -3.52 -2.60 -7.30
C ALA A 15 -2.64 -2.73 -8.55
N ASP A 16 -2.16 -1.60 -9.09
CA ASP A 16 -1.26 -1.62 -10.24
C ASP A 16 0.21 -1.61 -9.80
N GLY A 17 0.47 -1.13 -8.58
CA GLY A 17 1.82 -1.15 -8.03
C GLY A 17 2.47 0.23 -7.94
N ALA A 18 1.67 1.26 -7.75
CA ALA A 18 2.20 2.64 -7.55
C ALA A 18 1.82 3.19 -6.17
N GLU A 19 2.83 3.59 -5.39
CA GLU A 19 2.60 4.07 -4.03
C GLU A 19 1.83 5.40 -4.02
N ILE A 20 0.57 5.29 -3.61
CA ILE A 20 -0.38 6.41 -3.58
C ILE A 20 -0.23 7.27 -2.32
N ALA A 21 0.75 6.93 -1.49
CA ALA A 21 0.92 7.60 -0.20
C ALA A 21 2.40 7.63 0.21
N PRO A 22 2.82 8.67 0.97
CA PRO A 22 4.20 8.75 1.47
C PRO A 22 4.66 7.44 2.13
N SER A 23 5.83 6.99 1.74
CA SER A 23 6.34 5.69 2.16
C SER A 23 7.28 5.79 3.36
N ASP A 24 7.29 4.74 4.18
CA ASP A 24 8.03 4.74 5.44
C ASP A 24 9.43 4.13 5.28
N THR A 25 10.28 4.36 6.28
CA THR A 25 11.60 3.76 6.34
C THR A 25 11.88 3.21 7.73
N LEU A 26 11.80 1.89 7.87
CA LEU A 26 11.98 1.24 9.17
C LEU A 26 13.46 0.89 9.40
N THR A 27 14.00 1.34 10.53
CA THR A 27 15.41 1.11 10.88
C THR A 27 15.55 0.05 11.98
N ASP A 28 14.45 -0.29 12.65
CA ASP A 28 14.45 -1.25 13.75
C ASP A 28 14.77 -2.68 13.26
N TYR A 29 15.51 -3.45 14.06
CA TYR A 29 15.83 -4.84 13.69
C TYR A 29 14.56 -5.64 13.39
N HIS A 30 13.51 -5.40 14.16
CA HIS A 30 12.20 -5.99 13.86
C HIS A 30 11.31 -4.95 13.16
N TYR A 31 11.42 -4.88 11.84
CA TYR A 31 10.59 -3.94 11.08
C TYR A 31 9.14 -4.42 11.05
N VAL A 32 8.34 -3.90 11.97
CA VAL A 32 6.92 -4.21 12.03
C VAL A 32 6.09 -3.02 11.51
N SER A 33 5.50 -3.19 10.33
CA SER A 33 4.78 -2.11 9.65
C SER A 33 3.25 -2.24 9.83
N THR A 34 2.54 -1.17 9.48
CA THR A 34 1.08 -1.13 9.58
C THR A 34 0.45 -0.33 8.43
N PRO A 35 -0.81 -0.66 8.05
CA PRO A 35 -1.54 0.10 7.00
C PRO A 35 -1.84 1.56 7.41
N LYS A 36 -2.43 2.32 6.48
CA LYS A 36 -2.74 3.75 6.71
C LYS A 36 -4.09 4.14 6.08
N ASP A 37 -4.76 5.11 6.68
CA ASP A 37 -5.98 5.68 6.10
C ASP A 37 -5.65 6.58 4.89
N ILE A 38 -5.67 5.98 3.70
CA ILE A 38 -5.37 6.71 2.46
C ILE A 38 -6.66 7.27 1.82
N PRO A 39 -6.66 8.57 1.42
CA PRO A 39 -7.83 9.22 0.81
C PRO A 39 -8.43 8.42 -0.37
N GLY A 40 -9.58 7.78 -0.12
CA GLY A 40 -10.27 7.04 -1.16
C GLY A 40 -9.66 5.67 -1.46
N TYR A 41 -8.86 5.13 -0.52
CA TYR A 41 -8.27 3.80 -0.69
C TYR A 41 -8.38 2.94 0.59
N LYS A 42 -8.51 1.63 0.39
CA LYS A 42 -8.59 0.65 1.49
C LYS A 42 -7.75 -0.60 1.18
N LEU A 43 -7.09 -1.13 2.22
CA LEU A 43 -6.16 -2.24 2.07
C LEU A 43 -6.88 -3.56 1.71
N ARG A 44 -6.36 -4.28 0.73
CA ARG A 44 -6.95 -5.55 0.29
C ARG A 44 -6.23 -6.75 0.92
N GLU A 45 -4.94 -6.57 1.26
CA GLU A 45 -4.11 -7.66 1.78
C GLU A 45 -2.85 -7.12 2.47
N ILE A 46 -2.37 -7.86 3.47
CA ILE A 46 -1.10 -7.52 4.13
C ILE A 46 0.04 -8.39 3.55
N PRO A 47 1.04 -7.73 2.91
CA PRO A 47 2.13 -8.42 2.18
C PRO A 47 2.88 -9.48 3.02
N HIS A 48 3.43 -10.49 2.32
CA HIS A 48 4.14 -11.61 2.95
C HIS A 48 5.42 -11.17 3.71
N ASN A 49 5.75 -9.89 3.65
CA ASN A 49 6.98 -9.36 4.26
C ASN A 49 6.71 -8.12 5.12
N ALA A 50 5.47 -7.99 5.61
CA ALA A 50 5.07 -6.81 6.38
C ALA A 50 5.77 -6.72 7.74
N THR A 51 6.00 -7.88 8.36
CA THR A 51 6.66 -7.95 9.68
C THR A 51 7.79 -8.97 9.70
N GLY A 52 8.94 -8.59 10.25
CA GLY A 52 10.06 -9.52 10.35
C GLY A 52 11.36 -8.87 10.83
N ASN A 53 12.49 -9.58 10.63
CA ASN A 53 13.80 -9.07 11.03
C ASN A 53 14.60 -8.50 9.83
N ILE A 54 15.27 -7.37 10.05
CA ILE A 54 16.16 -6.79 9.02
C ILE A 54 17.42 -7.63 8.87
N THR A 55 17.40 -8.55 7.91
CA THR A 55 18.55 -9.42 7.63
C THR A 55 19.28 -8.98 6.36
N ASP A 56 18.64 -8.09 5.60
CA ASP A 56 19.23 -7.55 4.37
C ASP A 56 18.75 -6.10 4.18
N THR A 57 19.20 -5.44 3.12
CA THR A 57 18.80 -4.05 2.84
C THR A 57 17.99 -3.95 1.55
N GLY A 58 17.45 -2.76 1.28
CA GLY A 58 16.63 -2.55 0.09
C GLY A 58 15.31 -3.32 0.13
N ILE A 59 14.89 -3.75 1.32
CA ILE A 59 13.65 -4.50 1.48
C ILE A 59 12.42 -3.61 1.24
N ILE A 60 11.53 -4.05 0.36
CA ILE A 60 10.34 -3.26 0.01
C ILE A 60 9.04 -3.98 0.41
N VAL A 61 8.31 -3.36 1.34
CA VAL A 61 7.03 -3.90 1.80
C VAL A 61 5.86 -3.16 1.13
N ARG A 62 5.19 -3.83 0.21
CA ARG A 62 4.12 -3.21 -0.58
C ARG A 62 2.71 -3.54 -0.05
N TYR A 63 2.07 -2.57 0.59
CA TYR A 63 0.67 -2.69 1.00
C TYR A 63 -0.25 -2.35 -0.17
N ILE A 64 -0.99 -3.34 -0.65
CA ILE A 64 -1.84 -3.17 -1.84
C ILE A 64 -3.25 -2.65 -1.46
N TYR A 65 -3.59 -1.45 -1.94
CA TYR A 65 -4.90 -0.85 -1.67
C TYR A 65 -5.79 -0.84 -2.91
N ASP A 66 -7.06 -1.14 -2.71
CA ASP A 66 -8.08 -0.94 -3.75
C ASP A 66 -8.75 0.41 -3.54
N LYS A 67 -8.97 1.16 -4.62
CA LYS A 67 -9.65 2.45 -4.52
C LYS A 67 -11.11 2.24 -4.09
N ILE A 68 -11.50 2.86 -2.98
CA ILE A 68 -12.79 2.63 -2.35
C ILE A 68 -13.97 2.83 -3.31
N ILE A 69 -14.63 1.74 -3.69
CA ILE A 69 -15.83 1.80 -4.53
C ILE A 69 -17.07 2.01 -3.65
N ASP A 70 -16.98 3.03 -2.81
CA ASP A 70 -18.05 3.40 -1.88
C ASP A 70 -18.03 4.92 -1.65
N VAL A 71 -18.53 5.41 -0.53
CA VAL A 71 -18.63 6.85 -0.28
C VAL A 71 -17.26 7.45 0.10
N SER A 72 -16.47 7.73 -0.92
CA SER A 72 -15.18 8.41 -0.77
C SER A 72 -15.36 9.93 -0.88
N TYR A 73 -16.42 10.43 -0.25
CA TYR A 73 -16.88 11.81 -0.44
C TYR A 73 -16.09 12.83 0.41
N VAL A 74 -14.86 12.47 0.82
CA VAL A 74 -14.06 13.34 1.69
C VAL A 74 -12.59 12.88 1.79
N ASP A 75 -11.73 13.82 2.19
CA ASP A 75 -10.31 13.57 2.41
C ASP A 75 -9.52 13.51 1.09
N GLU A 76 -8.61 14.47 0.91
CA GLU A 76 -7.83 14.59 -0.33
C GLU A 76 -6.39 15.04 -0.03
N THR A 77 -5.91 14.77 1.19
CA THR A 77 -4.56 15.16 1.60
C THR A 77 -3.48 14.62 0.65
N GLY A 78 -3.00 15.48 -0.22
CA GLY A 78 -1.94 15.10 -1.16
C GLY A 78 -1.28 16.32 -1.81
N LYS A 79 -0.30 16.07 -2.68
CA LYS A 79 0.46 17.14 -3.32
C LYS A 79 1.42 16.59 -4.39
N ASP A 80 1.51 15.26 -4.46
CA ASP A 80 2.37 14.57 -5.43
C ASP A 80 3.86 14.86 -5.23
N LEU A 81 4.51 14.00 -4.44
CA LEU A 81 5.94 14.12 -4.14
C LEU A 81 6.59 12.73 -4.03
N LEU A 82 7.87 12.64 -4.33
CA LEU A 82 8.58 11.35 -4.33
C LEU A 82 9.46 11.15 -3.08
N PRO A 83 9.60 9.89 -2.63
CA PRO A 83 10.49 9.51 -1.51
C PRO A 83 11.99 9.65 -1.86
N VAL A 84 12.78 10.14 -0.91
CA VAL A 84 14.24 10.29 -1.10
C VAL A 84 15.00 9.02 -0.68
N VAL A 85 14.24 7.98 -0.44
CA VAL A 85 14.77 6.71 0.11
C VAL A 85 15.49 5.83 -0.93
N GLU A 86 15.91 6.42 -2.06
CA GLU A 86 16.58 5.65 -3.12
C GLU A 86 18.08 5.44 -2.82
N ILE A 87 18.38 4.75 -1.72
CA ILE A 87 19.77 4.42 -1.37
C ILE A 87 20.04 2.92 -1.57
N ILE A 88 20.66 2.57 -2.69
CA ILE A 88 20.96 1.17 -3.00
C ILE A 88 22.45 0.96 -3.33
N ASN A 89 23.17 0.31 -2.42
CA ASN A 89 24.61 0.05 -2.62
C ASN A 89 25.09 -1.11 -1.73
N SER A 90 26.17 -1.76 -2.15
CA SER A 90 26.82 -2.81 -1.34
C SER A 90 28.33 -2.58 -1.32
N GLU A 91 28.76 -1.48 -1.93
CA GLU A 91 30.18 -1.15 -2.08
C GLU A 91 30.70 -0.36 -0.86
N ALA A 92 31.92 -0.66 -0.43
CA ALA A 92 32.56 0.06 0.67
C ALA A 92 31.78 -0.12 1.99
N ALA A 93 31.92 0.86 2.90
CA ALA A 93 31.16 0.90 4.17
C ALA A 93 31.67 -0.10 5.23
N VAL A 94 32.26 -1.22 4.78
CA VAL A 94 32.78 -2.24 5.69
C VAL A 94 33.96 -1.71 6.54
N LEU A 95 33.67 -1.30 7.78
CA LEU A 95 34.69 -0.74 8.66
C LEU A 95 34.15 -0.58 10.10
N GLU A 96 34.69 -1.36 11.04
CA GLU A 96 34.26 -1.29 12.44
C GLU A 96 35.47 -1.35 13.40
N HIS A 97 36.34 -2.34 13.20
CA HIS A 97 37.52 -2.57 14.06
C HIS A 97 37.14 -2.99 15.49
N HIS A 98 38.15 -3.22 16.33
CA HIS A 98 37.95 -3.57 17.73
C HIS A 98 38.28 -2.37 18.64
N HIS A 99 37.87 -2.46 19.90
CA HIS A 99 38.19 -1.43 20.91
C HIS A 99 37.65 -0.04 20.54
N HIS A 100 36.42 0.27 20.96
CA HIS A 100 35.83 1.59 20.73
C HIS A 100 36.24 2.58 21.83
N HIS A 101 35.96 3.87 21.63
CA HIS A 101 36.43 4.92 22.54
C HIS A 101 35.33 5.96 22.82
N HIS A 102 35.37 6.55 24.01
CA HIS A 102 34.43 7.64 24.38
C HIS A 102 34.73 8.93 23.60
N MET A 1 23.60 -2.62 12.35
CA MET A 1 23.78 -2.89 10.89
C MET A 1 25.09 -2.26 10.39
N ASP A 2 25.08 -0.93 10.20
CA ASP A 2 26.30 -0.13 9.96
C ASP A 2 26.94 -0.36 8.57
N THR A 3 27.32 -1.60 8.26
CA THR A 3 28.03 -1.92 7.00
C THR A 3 27.32 -1.40 5.75
N ASN A 4 26.20 -2.02 5.39
CA ASN A 4 25.47 -1.67 4.16
C ASN A 4 24.21 -0.84 4.47
N ASN A 5 24.07 -0.37 5.71
CA ASN A 5 22.88 0.38 6.13
C ASN A 5 21.59 -0.40 5.81
N PHE A 6 21.45 -1.57 6.41
CA PHE A 6 20.29 -2.44 6.15
C PHE A 6 18.96 -1.78 6.59
N THR A 7 18.27 -1.14 5.64
CA THR A 7 16.98 -0.50 5.91
C THR A 7 15.86 -1.14 5.08
N VAL A 8 14.62 -1.01 5.55
CA VAL A 8 13.44 -1.51 4.84
C VAL A 8 12.48 -0.38 4.46
N LYS A 9 12.13 -0.28 3.18
CA LYS A 9 11.20 0.74 2.71
C LYS A 9 9.78 0.17 2.63
N VAL A 10 8.82 0.86 3.24
CA VAL A 10 7.43 0.43 3.24
C VAL A 10 6.61 1.27 2.25
N GLU A 11 6.09 0.64 1.20
CA GLU A 11 5.28 1.33 0.19
C GLU A 11 3.79 1.03 0.38
N TYR A 12 2.99 2.09 0.39
CA TYR A 12 1.53 1.96 0.38
C TYR A 12 1.01 2.28 -1.02
N VAL A 13 0.75 1.23 -1.80
CA VAL A 13 0.52 1.39 -3.25
C VAL A 13 -0.86 0.90 -3.68
N ASP A 14 -1.23 1.23 -4.91
CA ASP A 14 -2.50 0.79 -5.48
C ASP A 14 -2.33 -0.54 -6.23
N ALA A 15 -3.36 -0.95 -6.97
CA ALA A 15 -3.33 -2.23 -7.69
C ALA A 15 -2.31 -2.28 -8.84
N ASP A 16 -1.74 -1.12 -9.20
CA ASP A 16 -0.70 -1.09 -10.24
C ASP A 16 0.71 -1.13 -9.61
N GLY A 17 0.80 -0.85 -8.32
CA GLY A 17 2.08 -0.85 -7.62
C GLY A 17 2.67 0.55 -7.44
N ALA A 18 1.84 1.57 -7.63
CA ALA A 18 2.26 2.96 -7.45
C ALA A 18 1.89 3.47 -6.04
N GLU A 19 2.89 3.91 -5.29
CA GLU A 19 2.67 4.29 -3.89
C GLU A 19 1.81 5.55 -3.78
N ILE A 20 0.54 5.33 -3.43
CA ILE A 20 -0.47 6.39 -3.35
C ILE A 20 -0.36 7.20 -2.06
N ALA A 21 0.64 6.90 -1.25
CA ALA A 21 0.79 7.52 0.06
C ALA A 21 2.26 7.59 0.47
N PRO A 22 2.68 8.63 1.21
CA PRO A 22 4.06 8.74 1.68
C PRO A 22 4.58 7.47 2.34
N SER A 23 5.74 7.04 1.89
CA SER A 23 6.33 5.78 2.34
C SER A 23 7.33 5.99 3.48
N ASP A 24 7.72 4.89 4.12
CA ASP A 24 8.56 4.95 5.32
C ASP A 24 9.84 4.12 5.17
N THR A 25 10.94 4.64 5.71
CA THR A 25 12.20 3.89 5.79
C THR A 25 12.44 3.40 7.23
N LEU A 26 12.22 2.11 7.46
CA LEU A 26 12.37 1.52 8.79
C LEU A 26 13.84 1.20 9.11
N THR A 27 14.40 1.94 10.08
CA THR A 27 15.78 1.70 10.55
C THR A 27 15.78 0.73 11.74
N ASP A 28 14.59 0.37 12.21
CA ASP A 28 14.41 -0.59 13.30
C ASP A 28 14.76 -2.02 12.85
N TYR A 29 15.58 -2.72 13.65
CA TYR A 29 15.95 -4.11 13.32
C TYR A 29 14.72 -4.99 13.07
N HIS A 30 13.71 -4.85 13.92
CA HIS A 30 12.43 -5.51 13.69
C HIS A 30 11.50 -4.59 12.90
N TYR A 31 11.55 -4.67 11.58
CA TYR A 31 10.69 -3.85 10.73
C TYR A 31 9.24 -4.34 10.78
N VAL A 32 8.47 -3.80 11.73
CA VAL A 32 7.06 -4.14 11.87
C VAL A 32 6.20 -2.99 11.35
N SER A 33 5.54 -3.20 10.21
CA SER A 33 4.79 -2.13 9.53
C SER A 33 3.29 -2.18 9.83
N THR A 34 2.61 -1.08 9.55
CA THR A 34 1.15 -0.96 9.74
C THR A 34 0.49 -0.28 8.53
N PRO A 35 -0.73 -0.73 8.14
CA PRO A 35 -1.49 -0.11 7.03
C PRO A 35 -2.00 1.30 7.36
N LYS A 36 -1.90 2.22 6.40
CA LYS A 36 -2.37 3.60 6.58
C LYS A 36 -3.76 3.79 6.02
N ASP A 37 -4.55 4.57 6.75
CA ASP A 37 -5.91 4.85 6.37
C ASP A 37 -5.96 5.90 5.24
N ILE A 38 -6.01 5.42 4.00
CA ILE A 38 -5.98 6.29 2.83
C ILE A 38 -7.41 6.62 2.35
N PRO A 39 -7.81 7.91 2.39
CA PRO A 39 -9.15 8.34 1.96
C PRO A 39 -9.44 8.00 0.48
N GLY A 40 -10.46 7.17 0.25
CA GLY A 40 -10.80 6.75 -1.10
C GLY A 40 -10.10 5.47 -1.54
N TYR A 41 -9.37 4.83 -0.61
CA TYR A 41 -8.69 3.56 -0.89
C TYR A 41 -8.97 2.50 0.19
N LYS A 42 -9.00 1.24 -0.23
CA LYS A 42 -9.28 0.10 0.66
C LYS A 42 -8.11 -0.89 0.68
N LEU A 43 -7.61 -1.23 1.87
CA LEU A 43 -6.55 -2.23 1.99
C LEU A 43 -7.02 -3.62 1.53
N ARG A 44 -6.47 -4.09 0.41
CA ARG A 44 -6.76 -5.43 -0.09
C ARG A 44 -6.10 -6.50 0.78
N GLU A 45 -4.77 -6.41 0.88
CA GLU A 45 -3.98 -7.44 1.56
C GLU A 45 -2.73 -6.85 2.22
N ILE A 46 -2.26 -7.53 3.26
CA ILE A 46 -1.03 -7.17 3.94
C ILE A 46 0.12 -8.11 3.52
N PRO A 47 1.23 -7.56 3.00
CA PRO A 47 2.38 -8.36 2.52
C PRO A 47 2.84 -9.42 3.55
N HIS A 48 3.05 -10.65 3.07
CA HIS A 48 3.40 -11.79 3.94
C HIS A 48 4.67 -11.50 4.78
N ASN A 49 5.50 -10.57 4.30
CA ASN A 49 6.76 -10.21 4.97
C ASN A 49 6.68 -8.83 5.66
N ALA A 50 5.46 -8.34 5.89
CA ALA A 50 5.24 -7.01 6.48
C ALA A 50 5.86 -6.84 7.87
N THR A 51 6.11 -7.97 8.54
CA THR A 51 6.69 -7.94 9.90
C THR A 51 7.85 -8.94 10.02
N GLY A 52 8.95 -8.52 10.64
CA GLY A 52 10.08 -9.40 10.86
C GLY A 52 11.38 -8.65 11.19
N ASN A 53 12.50 -9.35 11.13
CA ASN A 53 13.82 -8.75 11.38
C ASN A 53 14.57 -8.47 10.08
N ILE A 54 15.29 -7.34 10.02
CA ILE A 54 16.07 -6.98 8.83
C ILE A 54 17.27 -7.93 8.68
N THR A 55 17.09 -8.96 7.89
CA THR A 55 18.16 -9.92 7.60
C THR A 55 18.81 -9.62 6.25
N ASP A 56 18.10 -8.90 5.39
CA ASP A 56 18.58 -8.55 4.06
C ASP A 56 18.46 -7.03 3.80
N THR A 57 19.20 -6.54 2.80
CA THR A 57 19.18 -5.12 2.46
C THR A 57 18.28 -4.83 1.25
N GLY A 58 17.73 -3.61 1.19
CA GLY A 58 16.84 -3.22 0.10
C GLY A 58 15.49 -3.95 0.11
N ILE A 59 14.96 -4.21 1.30
CA ILE A 59 13.66 -4.88 1.45
C ILE A 59 12.51 -3.87 1.31
N ILE A 60 11.45 -4.27 0.59
CA ILE A 60 10.29 -3.40 0.39
C ILE A 60 8.99 -4.06 0.89
N VAL A 61 8.38 -3.46 1.92
CA VAL A 61 7.07 -3.89 2.41
C VAL A 61 5.96 -3.14 1.66
N ARG A 62 5.31 -3.82 0.73
CA ARG A 62 4.36 -3.15 -0.17
C ARG A 62 2.90 -3.53 0.13
N TYR A 63 2.15 -2.59 0.70
CA TYR A 63 0.71 -2.76 0.96
C TYR A 63 -0.12 -2.43 -0.28
N ILE A 64 -1.16 -3.23 -0.54
CA ILE A 64 -2.01 -3.05 -1.73
C ILE A 64 -3.36 -2.43 -1.36
N TYR A 65 -3.73 -1.33 -2.04
CA TYR A 65 -5.02 -0.67 -1.82
C TYR A 65 -5.82 -0.55 -3.12
N ASP A 66 -7.07 -0.98 -3.09
CA ASP A 66 -8.02 -0.76 -4.19
C ASP A 66 -8.69 0.61 -4.06
N LYS A 67 -8.75 1.38 -5.15
CA LYS A 67 -9.38 2.70 -5.08
C LYS A 67 -10.90 2.56 -5.00
N ILE A 68 -11.46 2.97 -3.88
CA ILE A 68 -12.89 2.82 -3.63
C ILE A 68 -13.72 3.74 -4.55
N ILE A 69 -14.30 3.16 -5.59
CA ILE A 69 -15.19 3.90 -6.49
C ILE A 69 -16.54 4.19 -5.82
N ASP A 70 -16.84 3.40 -4.79
CA ASP A 70 -18.05 3.53 -3.99
C ASP A 70 -19.30 3.08 -4.80
N VAL A 71 -19.59 1.80 -4.75
CA VAL A 71 -20.79 1.25 -5.38
C VAL A 71 -21.57 0.34 -4.41
N SER A 72 -21.09 0.25 -3.16
CA SER A 72 -21.63 -0.68 -2.14
C SER A 72 -21.30 -2.13 -2.47
N TYR A 73 -21.66 -2.57 -3.68
CA TYR A 73 -21.30 -3.89 -4.19
C TYR A 73 -19.78 -4.10 -4.24
N VAL A 74 -19.25 -4.83 -3.26
CA VAL A 74 -17.85 -5.28 -3.28
C VAL A 74 -17.77 -6.78 -2.94
N ASP A 75 -17.55 -7.59 -3.97
CA ASP A 75 -17.51 -9.05 -3.79
C ASP A 75 -16.16 -9.52 -3.20
N GLU A 76 -16.07 -9.43 -1.87
CA GLU A 76 -14.86 -9.82 -1.14
C GLU A 76 -15.11 -11.06 -0.24
N THR A 77 -16.22 -11.75 -0.48
CA THR A 77 -16.61 -12.90 0.34
C THR A 77 -16.29 -14.24 -0.35
N GLY A 78 -15.14 -14.83 0.00
CA GLY A 78 -14.75 -16.10 -0.61
C GLY A 78 -14.22 -17.11 0.41
N LYS A 79 -14.12 -18.36 -0.03
CA LYS A 79 -13.62 -19.45 0.83
C LYS A 79 -13.09 -20.61 -0.03
N ASP A 80 -12.31 -21.51 0.58
CA ASP A 80 -11.85 -22.73 -0.10
C ASP A 80 -13.04 -23.58 -0.57
N LEU A 81 -14.09 -23.61 0.25
CA LEU A 81 -15.36 -24.27 -0.08
C LEU A 81 -15.22 -25.80 -0.23
N LEU A 82 -16.33 -26.43 -0.60
CA LEU A 82 -16.36 -27.86 -0.87
C LEU A 82 -17.40 -28.19 -1.97
N PRO A 83 -17.47 -29.46 -2.43
CA PRO A 83 -18.46 -29.89 -3.46
C PRO A 83 -19.95 -29.77 -3.06
N VAL A 84 -20.24 -28.94 -2.05
CA VAL A 84 -21.59 -28.70 -1.55
C VAL A 84 -22.23 -29.97 -0.92
N VAL A 85 -22.62 -29.86 0.34
CA VAL A 85 -23.28 -30.96 1.06
C VAL A 85 -24.02 -30.44 2.31
N GLU A 86 -25.35 -30.53 2.29
CA GLU A 86 -26.18 -30.07 3.41
C GLU A 86 -27.07 -31.20 3.96
N ILE A 87 -27.86 -30.88 4.98
CA ILE A 87 -28.74 -31.87 5.61
C ILE A 87 -30.06 -32.05 4.83
N ILE A 88 -30.22 -33.20 4.18
CA ILE A 88 -31.44 -33.52 3.45
C ILE A 88 -32.53 -34.10 4.36
N ASN A 89 -32.13 -34.99 5.27
CA ASN A 89 -33.08 -35.64 6.19
C ASN A 89 -32.95 -35.07 7.61
N SER A 90 -34.04 -34.51 8.12
CA SER A 90 -34.08 -33.99 9.49
C SER A 90 -35.50 -34.00 10.04
N GLU A 91 -35.65 -33.75 11.34
CA GLU A 91 -36.93 -33.88 12.04
C GLU A 91 -37.43 -35.33 12.00
N ALA A 92 -38.53 -35.61 12.69
CA ALA A 92 -39.05 -36.98 12.82
C ALA A 92 -38.01 -37.90 13.48
N ALA A 93 -38.30 -39.20 13.54
CA ALA A 93 -37.33 -40.17 14.07
C ALA A 93 -36.83 -39.78 15.48
N VAL A 94 -35.65 -40.26 15.85
CA VAL A 94 -34.99 -39.88 17.10
C VAL A 94 -35.86 -40.17 18.33
N LEU A 95 -35.86 -41.43 18.77
CA LEU A 95 -36.62 -41.83 19.96
C LEU A 95 -35.76 -41.67 21.22
N GLU A 96 -35.60 -40.44 21.69
CA GLU A 96 -34.83 -40.15 22.90
C GLU A 96 -35.56 -40.64 24.16
N HIS A 97 -34.81 -41.20 25.11
CA HIS A 97 -35.39 -41.71 26.36
C HIS A 97 -34.61 -41.22 27.58
N HIS A 98 -35.17 -40.23 28.29
CA HIS A 98 -34.62 -39.83 29.59
C HIS A 98 -35.10 -40.81 30.67
N HIS A 99 -34.55 -42.03 30.66
CA HIS A 99 -35.06 -43.14 31.47
C HIS A 99 -36.49 -43.50 31.03
N HIS A 100 -37.04 -44.60 31.52
CA HIS A 100 -38.43 -44.95 31.20
C HIS A 100 -39.39 -43.97 31.91
N HIS A 101 -39.51 -42.78 31.32
CA HIS A 101 -40.29 -41.68 31.90
C HIS A 101 -41.78 -42.01 32.02
N HIS A 102 -42.42 -41.49 33.07
CA HIS A 102 -43.85 -41.70 33.32
C HIS A 102 -44.71 -40.51 32.87
N MET A 1 31.66 -3.44 2.33
CA MET A 1 32.07 -2.10 2.85
C MET A 1 31.27 -1.73 4.10
N ASP A 2 31.68 -2.29 5.25
CA ASP A 2 31.00 -2.06 6.54
C ASP A 2 29.49 -2.39 6.47
N THR A 3 28.71 -1.78 7.36
CA THR A 3 27.26 -1.99 7.36
C THR A 3 26.59 -1.26 6.17
N ASN A 4 25.87 -2.03 5.34
CA ASN A 4 25.27 -1.50 4.11
C ASN A 4 23.93 -0.77 4.38
N ASN A 5 23.87 -0.03 5.49
CA ASN A 5 22.66 0.71 5.88
C ASN A 5 21.41 -0.19 5.82
N PHE A 6 21.42 -1.25 6.64
CA PHE A 6 20.29 -2.19 6.71
C PHE A 6 18.99 -1.48 7.12
N THR A 7 18.16 -1.19 6.12
CA THR A 7 16.89 -0.47 6.33
C THR A 7 15.78 -1.08 5.47
N VAL A 8 14.54 -0.92 5.91
CA VAL A 8 13.38 -1.47 5.20
C VAL A 8 12.42 -0.37 4.74
N LYS A 9 12.26 -0.22 3.44
CA LYS A 9 11.34 0.77 2.89
C LYS A 9 9.91 0.22 2.86
N VAL A 10 8.95 1.03 3.31
CA VAL A 10 7.55 0.65 3.23
C VAL A 10 6.82 1.50 2.18
N GLU A 11 6.39 0.86 1.10
CA GLU A 11 5.61 1.53 0.06
C GLU A 11 4.11 1.22 0.16
N TYR A 12 3.28 2.23 -0.03
CA TYR A 12 1.82 2.07 0.01
C TYR A 12 1.25 2.32 -1.38
N VAL A 13 0.86 1.26 -2.08
CA VAL A 13 0.49 1.35 -3.49
C VAL A 13 -0.96 0.90 -3.75
N ASP A 14 -1.50 1.27 -4.90
CA ASP A 14 -2.87 0.92 -5.25
C ASP A 14 -2.94 -0.46 -5.94
N ALA A 15 -4.12 -0.80 -6.45
CA ALA A 15 -4.33 -2.07 -7.14
C ALA A 15 -3.75 -2.09 -8.57
N ASP A 16 -3.15 -0.97 -8.98
CA ASP A 16 -2.51 -0.87 -10.30
C ASP A 16 -0.97 -0.92 -10.18
N GLY A 17 -0.46 -0.83 -8.95
CA GLY A 17 0.97 -0.96 -8.72
C GLY A 17 1.69 0.38 -8.54
N ALA A 18 0.93 1.45 -8.34
CA ALA A 18 1.50 2.79 -8.13
C ALA A 18 1.30 3.24 -6.68
N GLU A 19 2.34 3.77 -6.08
CA GLU A 19 2.29 4.21 -4.69
C GLU A 19 1.45 5.47 -4.53
N ILE A 20 0.47 5.38 -3.65
CA ILE A 20 -0.50 6.46 -3.46
C ILE A 20 -0.27 7.22 -2.16
N ALA A 21 0.64 6.72 -1.32
CA ALA A 21 0.93 7.36 -0.03
C ALA A 21 2.45 7.46 0.20
N PRO A 22 2.91 8.51 0.93
CA PRO A 22 4.33 8.68 1.25
C PRO A 22 4.99 7.42 1.83
N SER A 23 6.22 7.15 1.41
CA SER A 23 6.93 5.93 1.83
C SER A 23 7.68 6.13 3.16
N ASP A 24 7.80 5.06 3.92
CA ASP A 24 8.54 5.08 5.19
C ASP A 24 9.86 4.29 5.08
N THR A 25 10.83 4.64 5.91
CA THR A 25 12.09 3.90 5.97
C THR A 25 12.36 3.41 7.40
N LEU A 26 12.15 2.11 7.62
CA LEU A 26 12.31 1.51 8.95
C LEU A 26 13.77 1.20 9.27
N THR A 27 14.23 1.64 10.44
CA THR A 27 15.61 1.40 10.89
C THR A 27 15.65 0.44 12.10
N ASP A 28 14.49 -0.07 12.48
CA ASP A 28 14.37 -1.01 13.59
C ASP A 28 14.80 -2.42 13.14
N TYR A 29 15.55 -3.14 13.99
CA TYR A 29 15.94 -4.51 13.68
C TYR A 29 14.71 -5.38 13.37
N HIS A 30 13.60 -5.10 14.04
CA HIS A 30 12.32 -5.73 13.73
C HIS A 30 11.44 -4.79 12.91
N TYR A 31 11.51 -4.90 11.59
CA TYR A 31 10.68 -4.08 10.72
C TYR A 31 9.21 -4.51 10.79
N VAL A 32 8.51 -3.96 11.78
CA VAL A 32 7.09 -4.25 11.96
C VAL A 32 6.25 -3.05 11.48
N SER A 33 5.56 -3.22 10.36
CA SER A 33 4.83 -2.12 9.72
C SER A 33 3.32 -2.23 9.96
N THR A 34 2.61 -1.14 9.63
CA THR A 34 1.15 -1.07 9.81
C THR A 34 0.49 -0.39 8.61
N PRO A 35 -0.71 -0.85 8.20
CA PRO A 35 -1.47 -0.21 7.11
C PRO A 35 -2.04 1.18 7.49
N LYS A 36 -2.48 1.93 6.49
CA LYS A 36 -3.00 3.30 6.71
C LYS A 36 -4.39 3.48 6.08
N ASP A 37 -5.19 4.38 6.66
CA ASP A 37 -6.48 4.75 6.06
C ASP A 37 -6.28 5.88 5.05
N ILE A 38 -6.13 5.51 3.79
CA ILE A 38 -5.95 6.49 2.71
C ILE A 38 -7.31 6.95 2.15
N PRO A 39 -7.56 8.27 2.07
CA PRO A 39 -8.84 8.82 1.59
C PRO A 39 -9.20 8.36 0.16
N GLY A 40 -10.16 7.44 0.06
CA GLY A 40 -10.57 6.91 -1.24
C GLY A 40 -9.91 5.56 -1.56
N TYR A 41 -9.18 4.98 -0.60
CA TYR A 41 -8.52 3.69 -0.78
C TYR A 41 -8.77 2.71 0.37
N LYS A 42 -8.84 1.43 0.02
CA LYS A 42 -9.12 0.35 0.97
C LYS A 42 -8.05 -0.75 0.90
N LEU A 43 -7.53 -1.18 2.05
CA LEU A 43 -6.47 -2.19 2.09
C LEU A 43 -6.95 -3.56 1.55
N ARG A 44 -6.28 -4.04 0.51
CA ARG A 44 -6.59 -5.35 -0.07
C ARG A 44 -5.95 -6.50 0.73
N GLU A 45 -4.63 -6.47 0.86
CA GLU A 45 -3.88 -7.56 1.49
C GLU A 45 -2.56 -7.06 2.12
N ILE A 46 -1.98 -7.89 2.97
CA ILE A 46 -0.72 -7.57 3.64
C ILE A 46 0.46 -8.40 3.08
N PRO A 47 1.56 -7.73 2.66
CA PRO A 47 2.74 -8.40 2.08
C PRO A 47 3.35 -9.49 2.99
N HIS A 48 4.06 -10.43 2.37
CA HIS A 48 4.68 -11.56 3.08
C HIS A 48 5.78 -11.11 4.06
N ASN A 49 6.16 -9.84 4.00
CA ASN A 49 7.25 -9.31 4.82
C ASN A 49 6.87 -8.00 5.52
N ALA A 50 5.65 -7.93 6.04
CA ALA A 50 5.19 -6.74 6.77
C ALA A 50 5.76 -6.69 8.20
N THR A 51 6.08 -7.87 8.76
CA THR A 51 6.63 -7.97 10.11
C THR A 51 7.79 -8.98 10.16
N GLY A 52 8.93 -8.58 10.72
CA GLY A 52 10.06 -9.50 10.87
C GLY A 52 11.36 -8.82 11.25
N ASN A 53 12.46 -9.58 11.18
CA ASN A 53 13.79 -9.08 11.52
C ASN A 53 14.63 -8.79 10.25
N ILE A 54 15.31 -7.64 10.22
CA ILE A 54 16.14 -7.25 9.07
C ILE A 54 17.35 -8.20 8.93
N THR A 55 17.20 -9.19 8.07
CA THR A 55 18.27 -10.17 7.83
C THR A 55 19.00 -9.93 6.51
N ASP A 56 18.43 -9.07 5.65
CA ASP A 56 19.04 -8.74 4.35
C ASP A 56 18.96 -7.22 4.07
N THR A 57 19.68 -6.79 3.03
CA THR A 57 19.71 -5.37 2.63
C THR A 57 18.64 -5.02 1.60
N GLY A 58 18.04 -3.84 1.74
CA GLY A 58 17.09 -3.36 0.74
C GLY A 58 15.76 -4.13 0.73
N ILE A 59 15.06 -4.14 1.86
CA ILE A 59 13.77 -4.83 1.97
C ILE A 59 12.61 -3.86 1.73
N ILE A 60 11.63 -4.27 0.92
CA ILE A 60 10.47 -3.43 0.60
C ILE A 60 9.15 -4.04 1.10
N VAL A 61 8.52 -3.36 2.04
CA VAL A 61 7.18 -3.73 2.50
C VAL A 61 6.12 -2.94 1.71
N ARG A 62 5.43 -3.62 0.80
CA ARG A 62 4.50 -2.94 -0.10
C ARG A 62 3.03 -3.35 0.18
N TYR A 63 2.25 -2.40 0.69
CA TYR A 63 0.82 -2.63 0.95
C TYR A 63 -0.03 -2.30 -0.28
N ILE A 64 -1.03 -3.15 -0.56
CA ILE A 64 -1.91 -2.97 -1.73
C ILE A 64 -3.26 -2.37 -1.32
N TYR A 65 -3.69 -1.30 -2.00
CA TYR A 65 -4.98 -0.67 -1.70
C TYR A 65 -5.89 -0.62 -2.94
N ASP A 66 -7.13 -1.10 -2.78
CA ASP A 66 -8.14 -0.94 -3.82
C ASP A 66 -8.69 0.48 -3.83
N LYS A 67 -8.84 1.06 -5.01
CA LYS A 67 -9.41 2.39 -5.16
C LYS A 67 -10.94 2.32 -4.97
N ILE A 68 -11.42 2.88 -3.87
CA ILE A 68 -12.80 2.68 -3.42
C ILE A 68 -13.82 3.34 -4.35
N ILE A 69 -14.53 2.51 -5.12
CA ILE A 69 -15.62 3.00 -5.97
C ILE A 69 -16.88 3.19 -5.14
N ASP A 70 -16.91 4.30 -4.42
CA ASP A 70 -18.04 4.66 -3.55
C ASP A 70 -18.22 6.17 -3.47
N VAL A 71 -17.13 6.88 -3.67
CA VAL A 71 -17.14 8.34 -3.71
C VAL A 71 -17.71 8.84 -5.05
N SER A 72 -19.04 8.87 -5.11
CA SER A 72 -19.75 9.29 -6.32
C SER A 72 -19.42 10.75 -6.71
N TYR A 73 -18.30 10.91 -7.41
CA TYR A 73 -17.87 12.22 -7.92
C TYR A 73 -17.62 12.18 -9.43
N VAL A 74 -18.50 12.82 -10.20
CA VAL A 74 -18.32 12.91 -11.65
C VAL A 74 -17.42 14.10 -12.00
N ASP A 75 -16.14 13.80 -12.27
CA ASP A 75 -15.15 14.85 -12.51
C ASP A 75 -14.07 14.41 -13.52
N GLU A 76 -13.49 15.39 -14.23
CA GLU A 76 -12.42 15.12 -15.22
C GLU A 76 -11.15 15.94 -14.93
N THR A 77 -11.20 16.79 -13.90
CA THR A 77 -10.11 17.73 -13.61
C THR A 77 -8.91 17.03 -12.95
N GLY A 78 -9.12 15.80 -12.49
CA GLY A 78 -8.04 15.04 -11.86
C GLY A 78 -7.59 13.83 -12.67
N LYS A 79 -6.54 13.18 -12.20
CA LYS A 79 -5.94 12.01 -12.89
C LYS A 79 -4.83 11.43 -12.01
N ASP A 80 -3.69 12.13 -11.97
CA ASP A 80 -2.54 11.72 -11.17
C ASP A 80 -1.49 12.85 -11.16
N LEU A 81 -1.12 13.30 -9.96
CA LEU A 81 -0.23 14.47 -9.82
C LEU A 81 1.11 14.09 -9.19
N LEU A 82 2.17 14.80 -9.56
CA LEU A 82 3.51 14.58 -8.99
C LEU A 82 4.16 15.87 -8.50
N PRO A 83 5.15 15.75 -7.58
CA PRO A 83 5.95 16.90 -7.10
C PRO A 83 7.11 17.24 -8.05
N VAL A 84 7.92 18.25 -7.68
CA VAL A 84 9.12 18.61 -8.45
C VAL A 84 10.30 17.66 -8.12
N VAL A 85 10.51 16.68 -8.99
CA VAL A 85 11.57 15.69 -8.79
C VAL A 85 12.96 16.27 -9.12
N GLU A 86 13.84 16.27 -8.11
CA GLU A 86 15.18 16.87 -8.25
C GLU A 86 16.21 16.13 -7.38
N ILE A 87 17.40 15.90 -7.92
CA ILE A 87 18.47 15.17 -7.19
C ILE A 87 19.39 16.14 -6.42
N ILE A 88 19.66 15.84 -5.15
CA ILE A 88 20.52 16.67 -4.30
C ILE A 88 22.02 16.39 -4.51
N ASN A 89 22.33 15.24 -5.13
CA ASN A 89 23.72 14.83 -5.41
C ASN A 89 24.49 14.41 -4.13
N SER A 90 24.89 13.14 -4.07
CA SER A 90 25.61 12.61 -2.90
C SER A 90 27.11 12.40 -3.18
N GLU A 91 27.45 11.34 -3.93
CA GLU A 91 28.86 11.00 -4.20
C GLU A 91 29.49 11.98 -5.20
N ALA A 92 29.99 13.10 -4.68
CA ALA A 92 30.69 14.10 -5.48
C ALA A 92 31.45 15.09 -4.58
N ALA A 93 30.70 15.88 -3.81
CA ALA A 93 31.28 16.82 -2.84
C ALA A 93 31.66 16.13 -1.53
N VAL A 94 32.34 14.98 -1.64
CA VAL A 94 32.65 14.15 -0.48
C VAL A 94 34.13 14.21 -0.07
N LEU A 95 34.87 15.19 -0.60
CA LEU A 95 36.30 15.33 -0.30
C LEU A 95 36.53 15.93 1.10
N GLU A 96 35.61 16.81 1.53
CA GLU A 96 35.72 17.46 2.85
C GLU A 96 34.39 17.44 3.61
N HIS A 97 34.37 16.70 4.72
CA HIS A 97 33.21 16.70 5.65
C HIS A 97 33.69 16.55 7.11
N HIS A 98 35.00 16.68 7.32
CA HIS A 98 35.63 16.42 8.63
C HIS A 98 35.40 14.95 9.05
N HIS A 99 36.43 14.13 8.88
CA HIS A 99 36.32 12.68 9.08
C HIS A 99 36.12 12.31 10.57
N HIS A 100 34.91 12.59 11.08
CA HIS A 100 34.51 12.28 12.46
C HIS A 100 33.13 12.87 12.77
N HIS A 101 32.21 12.03 13.26
CA HIS A 101 30.84 12.48 13.54
C HIS A 101 30.82 13.53 14.65
N HIS A 102 30.74 14.80 14.26
CA HIS A 102 30.83 15.93 15.20
C HIS A 102 29.43 16.43 15.65
N MET A 1 28.62 6.12 2.77
CA MET A 1 29.46 5.88 1.57
C MET A 1 29.69 4.36 1.34
N ASP A 2 30.42 3.73 2.25
CA ASP A 2 30.67 2.29 2.18
C ASP A 2 29.67 1.50 3.05
N THR A 3 29.08 2.17 4.04
CA THR A 3 28.12 1.53 4.95
C THR A 3 26.96 0.86 4.20
N ASN A 4 26.58 -0.34 4.63
CA ASN A 4 25.54 -1.15 3.95
C ASN A 4 24.15 -0.49 4.03
N ASN A 5 23.84 0.10 5.18
CA ASN A 5 22.54 0.74 5.40
C ASN A 5 21.38 -0.28 5.38
N PHE A 6 21.38 -1.18 6.36
CA PHE A 6 20.26 -2.11 6.54
C PHE A 6 18.98 -1.38 6.93
N THR A 7 18.21 -0.95 5.93
CA THR A 7 16.94 -0.22 6.18
C THR A 7 15.77 -0.88 5.44
N VAL A 8 14.60 -0.82 6.05
CA VAL A 8 13.38 -1.36 5.43
C VAL A 8 12.46 -0.22 4.96
N LYS A 9 12.25 -0.12 3.65
CA LYS A 9 11.36 0.91 3.11
C LYS A 9 9.93 0.38 2.95
N VAL A 10 8.96 1.11 3.47
CA VAL A 10 7.56 0.72 3.34
C VAL A 10 6.83 1.59 2.29
N GLU A 11 6.42 0.97 1.18
CA GLU A 11 5.65 1.66 0.13
C GLU A 11 4.16 1.33 0.20
N TYR A 12 3.34 2.25 -0.30
CA TYR A 12 1.88 2.09 -0.27
C TYR A 12 1.30 2.34 -1.66
N VAL A 13 0.90 1.26 -2.34
CA VAL A 13 0.51 1.35 -3.75
C VAL A 13 -0.93 0.87 -4.00
N ASP A 14 -1.55 1.45 -5.04
CA ASP A 14 -2.88 1.03 -5.49
C ASP A 14 -2.82 -0.36 -6.16
N ALA A 15 -3.97 -0.98 -6.35
CA ALA A 15 -4.05 -2.31 -6.96
C ALA A 15 -3.59 -2.34 -8.43
N ASP A 16 -3.21 -1.18 -8.96
CA ASP A 16 -2.63 -1.09 -10.31
C ASP A 16 -1.12 -1.29 -10.25
N GLY A 17 -0.53 -1.03 -9.09
CA GLY A 17 0.92 -1.15 -8.92
C GLY A 17 1.62 0.21 -8.78
N ALA A 18 0.85 1.29 -8.85
CA ALA A 18 1.38 2.65 -8.69
C ALA A 18 1.13 3.16 -7.26
N GLU A 19 2.15 3.75 -6.62
CA GLU A 19 2.00 4.18 -5.23
C GLU A 19 1.06 5.39 -5.12
N ILE A 20 0.38 5.45 -4.00
CA ILE A 20 -0.68 6.44 -3.76
C ILE A 20 -0.41 7.24 -2.48
N ALA A 21 0.74 7.01 -1.85
CA ALA A 21 1.00 7.60 -0.54
C ALA A 21 2.50 7.68 -0.23
N PRO A 22 2.91 8.61 0.67
CA PRO A 22 4.30 8.69 1.13
C PRO A 22 4.80 7.38 1.73
N SER A 23 6.09 7.12 1.56
CA SER A 23 6.70 5.88 2.01
C SER A 23 7.64 6.10 3.21
N ASP A 24 7.80 5.08 4.04
CA ASP A 24 8.59 5.19 5.27
C ASP A 24 9.89 4.39 5.18
N THR A 25 10.84 4.69 6.07
CA THR A 25 12.11 3.97 6.13
C THR A 25 12.41 3.54 7.58
N LEU A 26 12.20 2.26 7.87
CA LEU A 26 12.43 1.70 9.21
C LEU A 26 13.89 1.29 9.42
N THR A 27 14.44 1.61 10.60
CA THR A 27 15.80 1.21 10.96
C THR A 27 15.80 0.16 12.08
N ASP A 28 14.61 -0.09 12.63
CA ASP A 28 14.43 -1.07 13.70
C ASP A 28 14.70 -2.50 13.22
N TYR A 29 15.48 -3.25 13.99
CA TYR A 29 15.79 -4.65 13.65
C TYR A 29 14.51 -5.45 13.40
N HIS A 30 13.55 -5.35 14.32
CA HIS A 30 12.23 -5.93 14.10
C HIS A 30 11.34 -4.94 13.34
N TYR A 31 11.38 -5.00 12.01
CA TYR A 31 10.52 -4.13 11.20
C TYR A 31 9.09 -4.67 11.20
N VAL A 32 8.25 -4.10 12.04
CA VAL A 32 6.82 -4.43 12.09
C VAL A 32 6.01 -3.24 11.57
N SER A 33 5.45 -3.38 10.37
CA SER A 33 4.83 -2.25 9.67
C SER A 33 3.30 -2.16 9.86
N THR A 34 2.71 -1.08 9.33
CA THR A 34 1.27 -0.81 9.50
C THR A 34 0.66 -0.19 8.22
N PRO A 35 -0.56 -0.60 7.84
CA PRO A 35 -1.30 0.02 6.72
C PRO A 35 -1.91 1.39 7.10
N LYS A 36 -1.50 2.45 6.41
CA LYS A 36 -2.02 3.80 6.67
C LYS A 36 -3.48 3.96 6.20
N ASP A 37 -4.28 4.68 6.98
CA ASP A 37 -5.64 5.03 6.56
C ASP A 37 -5.61 6.05 5.41
N ILE A 38 -5.48 5.55 4.19
CA ILE A 38 -5.43 6.41 2.99
C ILE A 38 -6.85 6.80 2.53
N PRO A 39 -7.12 8.12 2.39
CA PRO A 39 -8.46 8.62 2.01
C PRO A 39 -8.96 8.04 0.68
N GLY A 40 -10.06 7.28 0.73
CA GLY A 40 -10.64 6.71 -0.49
C GLY A 40 -9.95 5.44 -0.97
N TYR A 41 -9.16 4.80 -0.10
CA TYR A 41 -8.45 3.57 -0.46
C TYR A 41 -8.69 2.43 0.54
N LYS A 42 -8.86 1.22 -0.01
CA LYS A 42 -9.19 0.02 0.75
C LYS A 42 -8.06 -1.02 0.66
N LEU A 43 -7.49 -1.41 1.79
CA LEU A 43 -6.45 -2.44 1.81
C LEU A 43 -7.04 -3.82 1.43
N ARG A 44 -6.44 -4.47 0.44
CA ARG A 44 -6.90 -5.78 -0.01
C ARG A 44 -6.10 -6.92 0.63
N GLU A 45 -4.80 -6.71 0.80
CA GLU A 45 -3.91 -7.75 1.30
C GLU A 45 -2.66 -7.16 1.98
N ILE A 46 -2.29 -7.73 3.12
CA ILE A 46 -1.07 -7.36 3.83
C ILE A 46 0.11 -8.19 3.31
N PRO A 47 1.16 -7.56 2.79
CA PRO A 47 2.33 -8.25 2.19
C PRO A 47 3.01 -9.25 3.13
N HIS A 48 3.58 -10.31 2.56
CA HIS A 48 4.33 -11.30 3.35
C HIS A 48 5.50 -10.63 4.11
N ASN A 49 5.97 -9.52 3.57
CA ASN A 49 7.13 -8.81 4.10
C ASN A 49 6.71 -7.73 5.14
N ALA A 50 5.44 -7.70 5.51
CA ALA A 50 4.92 -6.66 6.42
C ALA A 50 5.57 -6.69 7.81
N THR A 51 5.92 -7.89 8.29
CA THR A 51 6.52 -8.04 9.62
C THR A 51 7.72 -9.00 9.59
N GLY A 52 8.79 -8.66 10.32
CA GLY A 52 9.94 -9.55 10.43
C GLY A 52 11.18 -8.90 11.03
N ASN A 53 12.30 -9.62 10.99
CA ASN A 53 13.58 -9.09 11.46
C ASN A 53 14.50 -8.72 10.28
N ILE A 54 15.31 -7.67 10.43
CA ILE A 54 16.23 -7.26 9.38
C ILE A 54 17.41 -8.23 9.28
N THR A 55 17.29 -9.20 8.39
CA THR A 55 18.35 -10.18 8.12
C THR A 55 18.84 -10.07 6.68
N ASP A 56 18.46 -8.96 6.03
CA ASP A 56 18.77 -8.70 4.63
C ASP A 56 18.67 -7.18 4.36
N THR A 57 19.37 -6.70 3.34
CA THR A 57 19.34 -5.26 3.02
C THR A 57 18.55 -4.98 1.74
N GLY A 58 17.98 -3.78 1.66
CA GLY A 58 17.11 -3.44 0.54
C GLY A 58 15.70 -4.03 0.68
N ILE A 59 15.25 -4.21 1.93
CA ILE A 59 13.93 -4.78 2.21
C ILE A 59 12.81 -3.75 2.00
N ILE A 60 11.85 -4.07 1.12
CA ILE A 60 10.74 -3.16 0.81
C ILE A 60 9.36 -3.76 1.19
N VAL A 61 8.72 -3.17 2.17
CA VAL A 61 7.36 -3.57 2.57
C VAL A 61 6.31 -2.79 1.77
N ARG A 62 5.73 -3.42 0.77
CA ARG A 62 4.76 -2.74 -0.12
C ARG A 62 3.32 -3.23 0.10
N TYR A 63 2.43 -2.32 0.51
CA TYR A 63 1.00 -2.63 0.70
C TYR A 63 0.18 -2.35 -0.57
N ILE A 64 -0.87 -3.13 -0.80
CA ILE A 64 -1.73 -2.98 -1.98
C ILE A 64 -3.14 -2.50 -1.59
N TYR A 65 -3.60 -1.40 -2.18
CA TYR A 65 -4.92 -0.84 -1.88
C TYR A 65 -5.82 -0.75 -3.12
N ASP A 66 -7.05 -1.24 -3.00
CA ASP A 66 -8.06 -1.04 -4.03
C ASP A 66 -8.76 0.29 -3.79
N LYS A 67 -8.95 1.08 -4.84
CA LYS A 67 -9.59 2.38 -4.69
C LYS A 67 -11.08 2.21 -4.38
N ILE A 68 -11.52 2.85 -3.30
CA ILE A 68 -12.92 2.73 -2.85
C ILE A 68 -13.86 3.52 -3.77
N ILE A 69 -14.59 2.81 -4.63
CA ILE A 69 -15.59 3.45 -5.50
C ILE A 69 -16.78 3.97 -4.67
N ASP A 70 -17.06 3.28 -3.58
CA ASP A 70 -18.02 3.72 -2.58
C ASP A 70 -19.47 3.68 -3.09
N VAL A 71 -20.41 3.83 -2.16
CA VAL A 71 -21.83 3.87 -2.47
C VAL A 71 -22.30 5.29 -2.86
N SER A 72 -21.33 6.22 -2.95
CA SER A 72 -21.62 7.65 -3.21
C SER A 72 -22.26 8.29 -1.97
N TYR A 73 -23.45 7.81 -1.61
CA TYR A 73 -24.11 8.15 -0.33
C TYR A 73 -24.67 9.58 -0.28
N VAL A 74 -24.14 10.45 -1.12
CA VAL A 74 -24.50 11.87 -1.13
C VAL A 74 -25.62 12.18 -2.13
N ASP A 75 -26.04 13.44 -2.20
CA ASP A 75 -27.07 13.87 -3.16
C ASP A 75 -26.53 13.85 -4.59
N GLU A 76 -25.60 14.75 -4.87
CA GLU A 76 -24.96 14.83 -6.18
C GLU A 76 -23.88 13.76 -6.31
N THR A 77 -24.28 12.58 -6.79
CA THR A 77 -23.36 11.45 -6.96
C THR A 77 -22.39 11.68 -8.13
N GLY A 78 -21.39 12.54 -7.94
CA GLY A 78 -20.43 12.84 -8.98
C GLY A 78 -19.11 13.37 -8.44
N LYS A 79 -18.01 12.72 -8.81
CA LYS A 79 -16.65 13.13 -8.41
C LYS A 79 -15.61 12.37 -9.23
N ASP A 80 -15.45 11.09 -8.93
CA ASP A 80 -14.60 10.18 -9.71
C ASP A 80 -15.04 8.74 -9.51
N LEU A 81 -15.51 8.11 -10.58
CA LEU A 81 -16.00 6.72 -10.52
C LEU A 81 -15.12 5.80 -11.38
N LEU A 82 -15.34 4.50 -11.24
CA LEU A 82 -14.65 3.51 -12.05
C LEU A 82 -15.42 2.18 -12.05
N PRO A 83 -15.61 1.54 -13.22
CA PRO A 83 -16.20 0.19 -13.30
C PRO A 83 -15.51 -0.80 -12.36
N VAL A 84 -16.24 -1.31 -11.37
CA VAL A 84 -15.66 -2.24 -10.38
C VAL A 84 -15.02 -3.46 -11.07
N VAL A 85 -13.72 -3.62 -10.86
CA VAL A 85 -12.93 -4.67 -11.52
C VAL A 85 -13.33 -6.08 -11.05
N GLU A 86 -13.27 -7.04 -11.96
CA GLU A 86 -13.57 -8.44 -11.64
C GLU A 86 -12.43 -9.08 -10.83
N ILE A 87 -12.78 -10.00 -9.94
CA ILE A 87 -11.80 -10.64 -9.06
C ILE A 87 -11.07 -11.79 -9.77
N ILE A 88 -9.75 -11.70 -9.83
CA ILE A 88 -8.93 -12.82 -10.30
C ILE A 88 -8.87 -13.92 -9.24
N ASN A 89 -9.31 -15.12 -9.60
CA ASN A 89 -9.40 -16.24 -8.64
C ASN A 89 -8.03 -16.65 -8.10
N SER A 90 -7.89 -16.65 -6.78
CA SER A 90 -6.67 -17.14 -6.12
C SER A 90 -6.33 -18.54 -6.61
N GLU A 91 -5.09 -18.74 -7.06
CA GLU A 91 -4.67 -19.96 -7.77
C GLU A 91 -5.22 -21.24 -7.12
N ALA A 92 -6.39 -21.69 -7.60
CA ALA A 92 -7.05 -22.92 -7.14
C ALA A 92 -7.40 -22.90 -5.62
N ALA A 93 -7.10 -21.80 -4.95
CA ALA A 93 -7.34 -21.68 -3.50
C ALA A 93 -8.73 -21.11 -3.20
N VAL A 94 -9.47 -20.75 -4.25
CA VAL A 94 -10.83 -20.22 -4.09
C VAL A 94 -11.84 -21.30 -3.65
N LEU A 95 -12.16 -21.30 -2.35
CA LEU A 95 -13.17 -22.22 -1.82
C LEU A 95 -14.33 -21.45 -1.17
N GLU A 96 -15.39 -21.23 -1.95
CA GLU A 96 -16.59 -20.53 -1.46
C GLU A 96 -17.39 -21.40 -0.48
N HIS A 97 -18.30 -20.77 0.27
CA HIS A 97 -19.20 -21.48 1.17
C HIS A 97 -20.64 -20.98 1.01
N HIS A 98 -21.42 -21.67 0.18
CA HIS A 98 -22.84 -21.34 -0.04
C HIS A 98 -23.69 -22.60 -0.25
N HIS A 99 -24.62 -22.85 0.67
CA HIS A 99 -25.53 -24.00 0.56
C HIS A 99 -26.99 -23.55 0.41
N HIS A 100 -27.67 -24.09 -0.60
CA HIS A 100 -29.09 -23.81 -0.82
C HIS A 100 -29.98 -24.93 -0.25
N HIS A 101 -30.47 -24.72 0.98
CA HIS A 101 -31.32 -25.71 1.65
C HIS A 101 -32.79 -25.30 1.57
N HIS A 102 -33.63 -26.16 0.96
CA HIS A 102 -35.07 -25.90 0.79
C HIS A 102 -35.34 -24.78 -0.26
N MET A 1 25.73 1.85 -3.56
CA MET A 1 25.71 2.23 -2.12
C MET A 1 27.03 1.87 -1.43
N ASP A 2 27.63 2.84 -0.75
CA ASP A 2 28.90 2.62 -0.04
C ASP A 2 28.68 2.05 1.37
N THR A 3 27.52 2.34 1.93
CA THR A 3 27.18 1.94 3.31
C THR A 3 26.50 0.56 3.36
N ASN A 4 26.22 0.09 4.57
CA ASN A 4 25.59 -1.22 4.80
C ASN A 4 24.26 -1.09 5.53
N ASN A 5 23.62 0.08 5.41
CA ASN A 5 22.38 0.38 6.14
C ASN A 5 21.28 -0.68 5.92
N PHE A 6 21.07 -1.53 6.91
CA PHE A 6 19.94 -2.46 6.90
C PHE A 6 18.64 -1.73 7.23
N THR A 7 18.01 -1.17 6.20
CA THR A 7 16.73 -0.45 6.36
C THR A 7 15.61 -1.10 5.54
N VAL A 8 14.38 -0.96 5.99
CA VAL A 8 13.23 -1.48 5.28
C VAL A 8 12.31 -0.36 4.78
N LYS A 9 12.19 -0.25 3.47
CA LYS A 9 11.32 0.74 2.83
C LYS A 9 9.88 0.22 2.77
N VAL A 10 8.92 1.03 3.23
CA VAL A 10 7.50 0.65 3.16
C VAL A 10 6.73 1.61 2.24
N GLU A 11 6.25 1.10 1.12
CA GLU A 11 5.54 1.92 0.13
C GLU A 11 4.07 1.48 0.01
N TYR A 12 3.18 2.45 -0.23
CA TYR A 12 1.74 2.19 -0.25
C TYR A 12 1.16 2.48 -1.64
N VAL A 13 0.86 1.42 -2.38
CA VAL A 13 0.52 1.53 -3.80
C VAL A 13 -0.88 0.98 -4.10
N ASP A 14 -1.44 1.38 -5.23
CA ASP A 14 -2.78 0.94 -5.63
C ASP A 14 -2.71 -0.38 -6.44
N ALA A 15 -3.84 -0.75 -7.04
CA ALA A 15 -3.94 -2.01 -7.79
C ALA A 15 -3.02 -2.05 -9.04
N ASP A 16 -2.53 -0.90 -9.48
CA ASP A 16 -1.61 -0.83 -10.63
C ASP A 16 -0.15 -0.66 -10.18
N GLY A 17 0.06 -0.65 -8.87
CA GLY A 17 1.41 -0.56 -8.32
C GLY A 17 1.93 0.88 -8.22
N ALA A 18 1.01 1.85 -8.26
CA ALA A 18 1.37 3.26 -8.13
C ALA A 18 1.19 3.74 -6.68
N GLU A 19 2.28 4.18 -6.06
CA GLU A 19 2.23 4.62 -4.67
C GLU A 19 1.42 5.92 -4.51
N ILE A 20 0.14 5.73 -4.25
CA ILE A 20 -0.82 6.81 -4.02
C ILE A 20 -0.53 7.57 -2.72
N ALA A 21 0.42 7.08 -1.94
CA ALA A 21 0.69 7.63 -0.60
C ALA A 21 2.19 7.62 -0.28
N PRO A 22 2.64 8.49 0.66
CA PRO A 22 4.05 8.54 1.08
C PRO A 22 4.58 7.20 1.61
N SER A 23 5.90 7.11 1.74
CA SER A 23 6.55 5.85 2.11
C SER A 23 7.44 6.00 3.36
N ASP A 24 7.52 4.94 4.14
CA ASP A 24 8.34 4.93 5.36
C ASP A 24 9.71 4.26 5.13
N THR A 25 10.62 4.49 6.07
CA THR A 25 11.92 3.80 6.07
C THR A 25 12.28 3.37 7.51
N LEU A 26 12.14 2.07 7.79
CA LEU A 26 12.38 1.53 9.13
C LEU A 26 13.85 1.14 9.32
N THR A 27 14.48 1.70 10.35
CA THR A 27 15.85 1.32 10.73
C THR A 27 15.85 0.28 11.86
N ASP A 28 14.67 0.05 12.45
CA ASP A 28 14.51 -0.90 13.55
C ASP A 28 14.83 -2.34 13.09
N TYR A 29 15.60 -3.07 13.91
CA TYR A 29 15.91 -4.47 13.63
C TYR A 29 14.63 -5.30 13.38
N HIS A 30 13.66 -5.19 14.30
CA HIS A 30 12.36 -5.81 14.07
C HIS A 30 11.47 -4.88 13.24
N TYR A 31 11.61 -4.95 11.92
CA TYR A 31 10.78 -4.14 11.05
C TYR A 31 9.31 -4.62 11.09
N VAL A 32 8.56 -4.04 12.00
CA VAL A 32 7.13 -4.32 12.10
C VAL A 32 6.34 -3.14 11.53
N SER A 33 5.74 -3.35 10.35
CA SER A 33 5.13 -2.26 9.58
C SER A 33 3.65 -2.05 9.89
N THR A 34 3.10 -0.95 9.39
CA THR A 34 1.69 -0.58 9.62
C THR A 34 1.04 -0.02 8.35
N PRO A 35 -0.19 -0.45 8.01
CA PRO A 35 -0.93 0.10 6.86
C PRO A 35 -1.53 1.48 7.18
N LYS A 36 -1.41 2.42 6.24
CA LYS A 36 -1.97 3.77 6.42
C LYS A 36 -3.42 3.85 5.91
N ASP A 37 -4.26 4.61 6.61
CA ASP A 37 -5.64 4.83 6.17
C ASP A 37 -5.70 5.87 5.04
N ILE A 38 -5.75 5.40 3.80
CA ILE A 38 -5.76 6.28 2.64
C ILE A 38 -7.20 6.68 2.24
N PRO A 39 -7.48 7.99 2.09
CA PRO A 39 -8.82 8.47 1.73
C PRO A 39 -9.27 7.98 0.34
N GLY A 40 -10.29 7.12 0.33
CA GLY A 40 -10.81 6.58 -0.93
C GLY A 40 -10.12 5.30 -1.37
N TYR A 41 -9.29 4.72 -0.50
CA TYR A 41 -8.61 3.46 -0.80
C TYR A 41 -8.70 2.45 0.37
N LYS A 42 -8.85 1.17 0.01
CA LYS A 42 -9.01 0.08 0.98
C LYS A 42 -7.88 -0.96 0.84
N LEU A 43 -7.21 -1.28 1.95
CA LEU A 43 -6.15 -2.30 1.93
C LEU A 43 -6.72 -3.70 1.62
N ARG A 44 -6.13 -4.40 0.66
CA ARG A 44 -6.58 -5.75 0.30
C ARG A 44 -5.86 -6.83 1.13
N GLU A 45 -4.56 -6.68 1.32
CA GLU A 45 -3.76 -7.67 2.06
C GLU A 45 -2.53 -7.04 2.71
N ILE A 46 -2.02 -7.72 3.73
CA ILE A 46 -0.73 -7.35 4.32
C ILE A 46 0.36 -8.32 3.82
N PRO A 47 1.35 -7.80 3.08
CA PRO A 47 2.43 -8.64 2.51
C PRO A 47 3.08 -9.57 3.54
N HIS A 48 3.30 -10.84 3.15
CA HIS A 48 3.84 -11.87 4.05
C HIS A 48 5.26 -11.54 4.57
N ASN A 49 5.80 -10.39 4.16
CA ASN A 49 7.11 -9.93 4.65
C ASN A 49 7.01 -8.53 5.28
N ALA A 50 5.83 -8.19 5.82
CA ALA A 50 5.60 -6.89 6.46
C ALA A 50 6.10 -6.87 7.92
N THR A 51 6.26 -8.04 8.52
CA THR A 51 6.76 -8.15 9.90
C THR A 51 7.91 -9.16 10.00
N GLY A 52 8.86 -8.91 10.91
CA GLY A 52 9.97 -9.84 11.10
C GLY A 52 11.22 -9.17 11.63
N ASN A 53 12.38 -9.62 11.15
CA ASN A 53 13.66 -9.05 11.54
C ASN A 53 14.52 -8.77 10.29
N ILE A 54 15.13 -7.59 10.22
CA ILE A 54 15.92 -7.21 9.05
C ILE A 54 17.15 -8.11 8.88
N THR A 55 16.98 -9.14 8.06
CA THR A 55 18.07 -10.09 7.78
C THR A 55 18.68 -9.85 6.40
N ASP A 56 17.91 -9.22 5.52
CA ASP A 56 18.35 -8.90 4.16
C ASP A 56 18.49 -7.38 3.96
N THR A 57 19.31 -6.97 2.99
CA THR A 57 19.55 -5.54 2.74
C THR A 57 18.57 -4.95 1.73
N GLY A 58 17.99 -3.80 2.06
CA GLY A 58 17.09 -3.10 1.14
C GLY A 58 15.77 -3.83 0.93
N ILE A 59 15.04 -4.06 2.01
CA ILE A 59 13.73 -4.74 1.95
C ILE A 59 12.60 -3.73 1.77
N ILE A 60 11.82 -3.86 0.69
CA ILE A 60 10.66 -2.98 0.47
C ILE A 60 9.33 -3.71 0.72
N VAL A 61 8.60 -3.25 1.72
CA VAL A 61 7.26 -3.77 2.03
C VAL A 61 6.19 -2.90 1.36
N ARG A 62 5.43 -3.47 0.43
CA ARG A 62 4.42 -2.69 -0.30
C ARG A 62 3.00 -3.14 0.04
N TYR A 63 2.23 -2.21 0.59
CA TYR A 63 0.81 -2.43 0.87
C TYR A 63 -0.04 -2.03 -0.34
N ILE A 64 -0.94 -2.92 -0.73
CA ILE A 64 -1.75 -2.72 -1.94
C ILE A 64 -3.19 -2.30 -1.58
N TYR A 65 -3.62 -1.16 -2.10
CA TYR A 65 -4.96 -0.62 -1.80
C TYR A 65 -5.87 -0.59 -3.04
N ASP A 66 -7.07 -1.13 -2.90
CA ASP A 66 -8.09 -1.02 -3.93
C ASP A 66 -8.83 0.31 -3.83
N LYS A 67 -9.31 0.83 -4.95
CA LYS A 67 -9.95 2.15 -4.97
C LYS A 67 -11.44 2.08 -4.63
N ILE A 68 -11.82 2.72 -3.53
CA ILE A 68 -13.21 2.71 -3.05
C ILE A 68 -14.07 3.71 -3.85
N ILE A 69 -14.90 3.18 -4.76
CA ILE A 69 -15.71 4.03 -5.65
C ILE A 69 -16.93 4.61 -4.94
N ASP A 70 -17.36 3.96 -3.87
CA ASP A 70 -18.58 4.35 -3.15
C ASP A 70 -18.44 5.70 -2.43
N VAL A 71 -17.28 6.30 -2.52
CA VAL A 71 -17.03 7.61 -1.92
C VAL A 71 -16.91 8.68 -3.01
N SER A 72 -17.43 8.37 -4.21
CA SER A 72 -17.38 9.27 -5.38
C SER A 72 -15.96 9.41 -5.95
N TYR A 73 -15.01 8.70 -5.36
CA TYR A 73 -13.61 8.76 -5.80
C TYR A 73 -13.37 7.89 -7.05
N VAL A 74 -13.64 8.46 -8.22
CA VAL A 74 -13.36 7.78 -9.49
C VAL A 74 -11.91 8.04 -9.94
N ASP A 75 -11.48 7.33 -10.97
CA ASP A 75 -10.09 7.45 -11.46
C ASP A 75 -9.81 8.83 -12.06
N GLU A 76 -8.54 9.23 -12.03
CA GLU A 76 -8.10 10.50 -12.62
C GLU A 76 -6.90 10.30 -13.54
N THR A 77 -5.80 9.79 -12.97
CA THR A 77 -4.61 9.44 -13.75
C THR A 77 -3.79 8.36 -13.05
N GLY A 78 -3.36 7.35 -13.80
CA GLY A 78 -2.59 6.25 -13.22
C GLY A 78 -2.15 5.22 -14.26
N LYS A 79 -0.97 4.65 -14.07
CA LYS A 79 -0.40 3.67 -15.00
C LYS A 79 0.72 2.84 -14.34
N ASP A 80 0.75 1.55 -14.64
CA ASP A 80 1.79 0.66 -14.12
C ASP A 80 3.14 0.90 -14.83
N LEU A 81 3.81 1.99 -14.46
CA LEU A 81 5.11 2.35 -15.07
C LEU A 81 6.22 2.48 -14.01
N LEU A 82 5.92 2.12 -12.77
CA LEU A 82 6.88 2.29 -11.67
C LEU A 82 7.92 1.16 -11.61
N PRO A 83 9.15 1.47 -11.14
CA PRO A 83 10.20 0.46 -10.93
C PRO A 83 9.76 -0.68 -9.98
N VAL A 84 9.70 -1.90 -10.50
CA VAL A 84 9.27 -3.06 -9.72
C VAL A 84 10.45 -3.79 -9.06
N VAL A 85 10.14 -4.75 -8.18
CA VAL A 85 11.16 -5.52 -7.47
C VAL A 85 10.75 -6.99 -7.30
N GLU A 86 11.72 -7.89 -7.19
CA GLU A 86 11.44 -9.33 -7.07
C GLU A 86 11.04 -9.72 -5.65
N ILE A 87 9.87 -10.31 -5.50
CA ILE A 87 9.41 -10.85 -4.21
C ILE A 87 10.07 -12.22 -3.94
N ILE A 88 10.79 -12.33 -2.83
CA ILE A 88 11.57 -13.53 -2.52
C ILE A 88 10.69 -14.67 -1.94
N ASN A 89 10.31 -15.62 -2.79
CA ASN A 89 9.59 -16.83 -2.36
C ASN A 89 10.33 -18.07 -2.89
N SER A 90 11.21 -18.64 -2.08
CA SER A 90 12.09 -19.74 -2.52
C SER A 90 11.83 -21.04 -1.75
N GLU A 91 11.92 -22.18 -2.46
CA GLU A 91 11.76 -23.50 -1.84
C GLU A 91 10.42 -23.61 -1.10
N ALA A 92 9.42 -22.86 -1.61
CA ALA A 92 8.09 -22.78 -1.00
C ALA A 92 8.14 -22.20 0.42
N ALA A 93 9.34 -21.78 0.85
CA ALA A 93 9.57 -21.27 2.20
C ALA A 93 9.20 -22.31 3.26
N VAL A 94 9.38 -23.59 2.91
CA VAL A 94 9.02 -24.71 3.78
C VAL A 94 10.27 -25.50 4.26
N LEU A 95 10.19 -26.07 5.46
CA LEU A 95 11.23 -26.98 5.96
C LEU A 95 10.80 -28.44 5.77
N GLU A 96 11.40 -29.11 4.77
CA GLU A 96 10.99 -30.45 4.38
C GLU A 96 11.76 -31.54 5.15
N HIS A 97 13.08 -31.58 4.96
CA HIS A 97 13.92 -32.62 5.55
C HIS A 97 14.43 -32.22 6.94
N HIS A 98 13.64 -32.55 7.96
CA HIS A 98 14.01 -32.23 9.35
C HIS A 98 14.65 -33.44 10.05
N HIS A 99 15.94 -33.32 10.40
CA HIS A 99 16.62 -34.34 11.19
C HIS A 99 17.95 -33.81 11.75
N HIS A 100 17.89 -33.22 12.94
CA HIS A 100 19.07 -32.69 13.61
C HIS A 100 19.28 -33.39 14.97
N HIS A 101 20.41 -34.06 15.13
CA HIS A 101 20.74 -34.74 16.39
C HIS A 101 21.45 -33.78 17.35
N HIS A 102 21.27 -34.00 18.66
CA HIS A 102 21.88 -33.15 19.69
C HIS A 102 21.35 -31.70 19.61
N MET A 1 26.81 3.74 -3.56
CA MET A 1 26.40 3.44 -2.16
C MET A 1 27.60 3.00 -1.31
N ASP A 2 27.66 3.51 -0.08
CA ASP A 2 28.71 3.15 0.87
C ASP A 2 28.10 2.64 2.19
N THR A 3 28.56 1.47 2.64
CA THR A 3 28.11 0.87 3.92
C THR A 3 26.66 0.34 3.82
N ASN A 4 26.52 -0.99 3.88
CA ASN A 4 25.19 -1.61 3.84
C ASN A 4 24.35 -1.28 5.08
N ASN A 5 23.67 -0.15 5.05
CA ASN A 5 22.77 0.24 6.13
C ASN A 5 21.45 -0.56 6.05
N PHE A 6 21.46 -1.73 6.68
CA PHE A 6 20.26 -2.59 6.78
C PHE A 6 19.00 -1.80 7.19
N THR A 7 18.17 -1.50 6.19
CA THR A 7 16.90 -0.77 6.40
C THR A 7 15.77 -1.37 5.56
N VAL A 8 14.54 -1.07 5.93
CA VAL A 8 13.36 -1.54 5.19
C VAL A 8 12.49 -0.36 4.75
N LYS A 9 12.17 -0.29 3.47
CA LYS A 9 11.29 0.74 2.94
C LYS A 9 9.84 0.25 2.92
N VAL A 10 8.91 1.09 3.32
CA VAL A 10 7.48 0.75 3.27
C VAL A 10 6.72 1.65 2.28
N GLU A 11 6.24 1.06 1.19
CA GLU A 11 5.44 1.79 0.19
C GLU A 11 3.94 1.48 0.30
N TYR A 12 3.11 2.42 -0.15
CA TYR A 12 1.66 2.25 -0.14
C TYR A 12 1.11 2.47 -1.56
N VAL A 13 0.75 1.39 -2.24
CA VAL A 13 0.41 1.46 -3.67
C VAL A 13 -1.00 0.92 -3.98
N ASP A 14 -1.59 1.43 -5.06
CA ASP A 14 -2.83 0.87 -5.59
C ASP A 14 -2.52 -0.50 -6.25
N ALA A 15 -3.54 -1.30 -6.50
CA ALA A 15 -3.37 -2.63 -7.11
C ALA A 15 -2.78 -2.59 -8.54
N ASP A 16 -2.47 -1.39 -9.03
CA ASP A 16 -1.79 -1.23 -10.33
C ASP A 16 -0.27 -1.33 -10.15
N GLY A 17 0.18 -1.07 -8.93
CA GLY A 17 1.62 -1.05 -8.65
C GLY A 17 2.15 0.37 -8.46
N ALA A 18 1.28 1.36 -8.67
CA ALA A 18 1.63 2.78 -8.49
C ALA A 18 1.28 3.25 -7.07
N GLU A 19 2.20 3.98 -6.44
CA GLU A 19 2.00 4.39 -5.04
C GLU A 19 1.06 5.60 -4.93
N ILE A 20 0.19 5.55 -3.93
CA ILE A 20 -0.85 6.55 -3.72
C ILE A 20 -0.58 7.41 -2.49
N ALA A 21 0.54 7.12 -1.81
CA ALA A 21 0.83 7.76 -0.54
C ALA A 21 2.35 7.81 -0.27
N PRO A 22 2.82 8.84 0.48
CA PRO A 22 4.24 8.96 0.85
C PRO A 22 4.85 7.66 1.44
N SER A 23 6.12 7.43 1.17
CA SER A 23 6.81 6.20 1.58
C SER A 23 7.55 6.37 2.91
N ASP A 24 7.73 5.25 3.61
CA ASP A 24 8.44 5.23 4.90
C ASP A 24 9.71 4.36 4.83
N THR A 25 10.57 4.47 5.84
CA THR A 25 11.78 3.64 5.90
C THR A 25 12.10 3.25 7.36
N LEU A 26 11.83 1.99 7.69
CA LEU A 26 12.09 1.45 9.02
C LEU A 26 13.56 1.00 9.16
N THR A 27 14.29 1.63 10.08
CA THR A 27 15.69 1.25 10.37
C THR A 27 15.76 0.25 11.53
N ASP A 28 14.61 0.05 12.18
CA ASP A 28 14.49 -0.86 13.32
C ASP A 28 14.76 -2.32 12.93
N TYR A 29 15.53 -3.03 13.77
CA TYR A 29 15.82 -4.44 13.53
C TYR A 29 14.53 -5.25 13.35
N HIS A 30 13.56 -5.04 14.23
CA HIS A 30 12.23 -5.61 14.06
C HIS A 30 11.32 -4.68 13.26
N TYR A 31 11.44 -4.75 11.95
CA TYR A 31 10.61 -3.92 11.08
C TYR A 31 9.16 -4.43 11.06
N VAL A 32 8.35 -3.90 11.97
CA VAL A 32 6.95 -4.25 12.04
C VAL A 32 6.11 -3.10 11.46
N SER A 33 5.53 -3.33 10.28
CA SER A 33 4.85 -2.27 9.52
C SER A 33 3.34 -2.24 9.79
N THR A 34 2.73 -1.08 9.51
CA THR A 34 1.28 -0.88 9.68
C THR A 34 0.65 -0.18 8.46
N PRO A 35 -0.52 -0.66 8.00
CA PRO A 35 -1.25 -0.04 6.87
C PRO A 35 -1.87 1.32 7.25
N LYS A 36 -1.47 2.37 6.54
CA LYS A 36 -1.99 3.72 6.80
C LYS A 36 -3.45 3.87 6.36
N ASP A 37 -4.16 4.76 7.03
CA ASP A 37 -5.55 5.04 6.73
C ASP A 37 -5.68 6.03 5.56
N ILE A 38 -5.71 5.50 4.35
CA ILE A 38 -5.81 6.32 3.14
C ILE A 38 -7.27 6.65 2.80
N PRO A 39 -7.66 7.94 2.82
CA PRO A 39 -9.05 8.36 2.56
C PRO A 39 -9.52 8.05 1.12
N GLY A 40 -10.40 7.04 0.99
CA GLY A 40 -10.90 6.64 -0.32
C GLY A 40 -10.28 5.34 -0.83
N TYR A 41 -9.37 4.77 -0.05
CA TYR A 41 -8.72 3.50 -0.43
C TYR A 41 -8.93 2.39 0.62
N LYS A 42 -8.94 1.16 0.13
CA LYS A 42 -9.15 -0.04 0.95
C LYS A 42 -7.92 -0.96 0.91
N LEU A 43 -7.44 -1.41 2.06
CA LEU A 43 -6.31 -2.36 2.10
C LEU A 43 -6.73 -3.71 1.50
N ARG A 44 -6.22 -4.02 0.32
CA ARG A 44 -6.52 -5.28 -0.36
C ARG A 44 -5.90 -6.47 0.38
N GLU A 45 -4.61 -6.37 0.67
CA GLU A 45 -3.88 -7.44 1.33
C GLU A 45 -2.53 -6.95 1.90
N ILE A 46 -1.99 -7.72 2.84
CA ILE A 46 -0.72 -7.37 3.49
C ILE A 46 0.45 -8.19 2.91
N PRO A 47 1.56 -7.52 2.54
CA PRO A 47 2.75 -8.20 1.98
C PRO A 47 3.38 -9.23 2.94
N HIS A 48 3.91 -10.31 2.37
CA HIS A 48 4.48 -11.43 3.14
C HIS A 48 5.66 -11.01 4.04
N ASN A 49 6.17 -9.79 3.85
CA ASN A 49 7.32 -9.29 4.63
C ASN A 49 6.94 -8.06 5.47
N ALA A 50 5.66 -7.92 5.79
CA ALA A 50 5.18 -6.74 6.55
C ALA A 50 5.76 -6.69 7.98
N THR A 51 6.03 -7.86 8.56
CA THR A 51 6.55 -7.93 9.94
C THR A 51 7.66 -8.98 10.07
N GLY A 52 8.76 -8.61 10.73
CA GLY A 52 9.85 -9.55 10.99
C GLY A 52 11.14 -8.87 11.44
N ASN A 53 12.25 -9.60 11.37
CA ASN A 53 13.57 -9.05 11.70
C ASN A 53 14.40 -8.80 10.43
N ILE A 54 15.10 -7.67 10.39
CA ILE A 54 15.96 -7.34 9.25
C ILE A 54 17.12 -8.32 9.13
N THR A 55 16.92 -9.35 8.31
CA THR A 55 17.94 -10.37 8.07
C THR A 55 18.71 -10.07 6.79
N ASP A 56 18.08 -9.33 5.89
CA ASP A 56 18.71 -8.87 4.65
C ASP A 56 18.53 -7.35 4.50
N THR A 57 19.40 -6.71 3.72
CA THR A 57 19.31 -5.26 3.51
C THR A 57 18.52 -4.93 2.23
N GLY A 58 18.01 -3.70 2.16
CA GLY A 58 17.22 -3.28 0.99
C GLY A 58 15.89 -4.00 0.86
N ILE A 59 15.19 -4.20 1.98
CA ILE A 59 13.88 -4.87 1.98
C ILE A 59 12.75 -3.84 1.74
N ILE A 60 11.75 -4.23 0.95
CA ILE A 60 10.63 -3.32 0.62
C ILE A 60 9.27 -3.92 1.01
N VAL A 61 8.66 -3.35 2.03
CA VAL A 61 7.29 -3.70 2.43
C VAL A 61 6.28 -2.82 1.68
N ARG A 62 5.56 -3.41 0.73
CA ARG A 62 4.65 -2.65 -0.13
C ARG A 62 3.20 -3.11 0.04
N TYR A 63 2.38 -2.24 0.64
CA TYR A 63 0.96 -2.55 0.87
C TYR A 63 0.11 -2.27 -0.39
N ILE A 64 -0.83 -3.16 -0.67
CA ILE A 64 -1.71 -3.06 -1.84
C ILE A 64 -3.10 -2.54 -1.45
N TYR A 65 -3.54 -1.45 -2.08
CA TYR A 65 -4.87 -0.87 -1.82
C TYR A 65 -5.73 -0.84 -3.09
N ASP A 66 -7.04 -0.75 -2.88
CA ASP A 66 -8.01 -0.56 -3.95
C ASP A 66 -8.77 0.77 -3.76
N LYS A 67 -8.92 1.56 -4.82
CA LYS A 67 -9.72 2.79 -4.70
C LYS A 67 -11.21 2.45 -4.56
N ILE A 68 -11.79 2.78 -3.42
CA ILE A 68 -13.15 2.36 -3.08
C ILE A 68 -14.20 3.03 -3.97
N ILE A 69 -14.73 2.26 -4.93
CA ILE A 69 -15.78 2.74 -5.82
C ILE A 69 -17.17 2.38 -5.27
N ASP A 70 -17.22 1.32 -4.49
CA ASP A 70 -18.46 0.83 -3.90
C ASP A 70 -18.57 1.24 -2.42
N VAL A 71 -19.45 2.21 -2.13
CA VAL A 71 -19.67 2.64 -0.75
C VAL A 71 -21.15 2.51 -0.33
N SER A 72 -21.47 1.37 0.27
CA SER A 72 -22.79 1.18 0.89
C SER A 72 -22.96 2.15 2.06
N TYR A 73 -21.83 2.59 2.60
CA TYR A 73 -21.78 3.64 3.63
C TYR A 73 -22.36 4.96 3.10
N VAL A 74 -23.59 5.24 3.50
CA VAL A 74 -24.28 6.47 3.10
C VAL A 74 -23.90 7.65 4.02
N ASP A 75 -24.00 8.87 3.48
CA ASP A 75 -23.62 10.09 4.20
C ASP A 75 -24.61 10.45 5.32
N GLU A 76 -24.23 10.18 6.55
CA GLU A 76 -25.01 10.57 7.74
C GLU A 76 -24.10 10.69 8.97
N THR A 77 -23.40 9.60 9.28
CA THR A 77 -22.43 9.56 10.38
C THR A 77 -21.34 8.50 10.14
N GLY A 78 -20.16 8.74 10.68
CA GLY A 78 -19.04 7.81 10.49
C GLY A 78 -17.84 8.20 11.34
N LYS A 79 -16.63 7.90 10.85
CA LYS A 79 -15.41 8.27 11.56
C LYS A 79 -15.22 9.79 11.59
N ASP A 80 -14.68 10.29 12.70
CA ASP A 80 -14.49 11.72 12.91
C ASP A 80 -13.43 12.32 11.97
N LEU A 81 -13.88 13.03 10.95
CA LEU A 81 -12.98 13.72 10.02
C LEU A 81 -13.50 15.13 9.68
N LEU A 82 -12.63 16.13 9.74
CA LEU A 82 -13.02 17.53 9.55
C LEU A 82 -13.24 17.86 8.05
N PRO A 83 -14.10 18.87 7.77
CA PRO A 83 -14.34 19.35 6.40
C PRO A 83 -13.08 19.88 5.71
N VAL A 84 -12.34 18.98 5.04
CA VAL A 84 -11.13 19.36 4.33
C VAL A 84 -11.09 18.76 2.91
N VAL A 85 -10.88 19.60 1.90
CA VAL A 85 -10.83 19.16 0.51
C VAL A 85 -10.05 20.15 -0.38
N GLU A 86 -8.94 19.68 -0.94
CA GLU A 86 -8.10 20.50 -1.81
C GLU A 86 -7.72 19.70 -3.08
N ILE A 87 -6.65 20.12 -3.78
CA ILE A 87 -6.29 19.56 -5.09
C ILE A 87 -7.53 19.61 -6.03
N ILE A 88 -8.24 20.73 -5.99
CA ILE A 88 -9.43 20.95 -6.81
C ILE A 88 -9.07 21.40 -8.24
N ASN A 89 -8.27 20.58 -8.92
CA ASN A 89 -7.83 20.87 -10.29
C ASN A 89 -8.99 20.77 -11.29
N SER A 90 -8.78 21.35 -12.48
CA SER A 90 -9.73 21.21 -13.58
C SER A 90 -9.57 19.83 -14.24
N GLU A 91 -10.60 19.39 -14.97
CA GLU A 91 -10.59 18.06 -15.62
C GLU A 91 -9.30 17.82 -16.42
N ALA A 92 -8.31 17.19 -15.76
CA ALA A 92 -7.00 16.90 -16.36
C ALA A 92 -6.26 18.17 -16.81
N ALA A 93 -6.76 19.33 -16.38
CA ALA A 93 -6.18 20.63 -16.75
C ALA A 93 -5.91 20.75 -18.25
N VAL A 94 -6.96 20.96 -19.04
CA VAL A 94 -6.83 21.08 -20.50
C VAL A 94 -6.71 22.56 -20.92
N LEU A 95 -5.53 22.96 -21.41
CA LEU A 95 -5.30 24.36 -21.80
C LEU A 95 -4.34 24.47 -23.01
N GLU A 96 -4.73 25.31 -23.97
CA GLU A 96 -3.90 25.65 -25.14
C GLU A 96 -4.63 26.69 -26.01
N HIS A 97 -3.87 27.59 -26.65
CA HIS A 97 -4.48 28.64 -27.48
C HIS A 97 -3.78 28.81 -28.84
N HIS A 98 -4.57 28.96 -29.90
CA HIS A 98 -4.06 29.23 -31.26
C HIS A 98 -4.95 30.24 -31.98
N HIS A 99 -4.44 30.84 -33.05
CA HIS A 99 -5.24 31.77 -33.86
C HIS A 99 -4.81 31.74 -35.33
N HIS A 100 -5.78 31.55 -36.22
CA HIS A 100 -5.53 31.43 -37.65
C HIS A 100 -5.04 32.76 -38.27
N HIS A 101 -3.72 32.92 -38.38
CA HIS A 101 -3.13 34.12 -38.96
C HIS A 101 -1.68 33.87 -39.42
N HIS A 102 -1.29 34.49 -40.53
CA HIS A 102 0.09 34.37 -41.06
C HIS A 102 1.01 35.47 -40.48
N MET A 1 30.87 -8.22 10.07
CA MET A 1 31.61 -7.38 9.09
C MET A 1 30.65 -6.67 8.12
N ASP A 2 29.36 -6.96 8.26
CA ASP A 2 28.33 -6.45 7.36
C ASP A 2 27.61 -5.23 7.95
N THR A 3 27.95 -4.04 7.43
CA THR A 3 27.34 -2.77 7.89
C THR A 3 26.64 -2.05 6.75
N ASN A 4 25.92 -2.80 5.92
CA ASN A 4 25.27 -2.26 4.71
C ASN A 4 23.96 -1.51 5.02
N ASN A 5 23.94 -0.71 6.10
CA ASN A 5 22.75 0.05 6.51
C ASN A 5 21.45 -0.76 6.33
N PHE A 6 21.28 -1.77 7.16
CA PHE A 6 20.11 -2.66 7.10
C PHE A 6 18.81 -1.91 7.44
N THR A 7 18.16 -1.37 6.41
CA THR A 7 16.86 -0.69 6.54
C THR A 7 15.83 -1.28 5.56
N VAL A 8 14.55 -1.12 5.89
CA VAL A 8 13.45 -1.60 5.04
C VAL A 8 12.55 -0.45 4.57
N LYS A 9 12.38 -0.33 3.26
CA LYS A 9 11.56 0.74 2.67
C LYS A 9 10.12 0.27 2.43
N VAL A 10 9.15 1.01 2.96
CA VAL A 10 7.74 0.64 2.87
C VAL A 10 6.97 1.50 1.85
N GLU A 11 6.26 0.86 0.92
CA GLU A 11 5.47 1.56 -0.09
C GLU A 11 3.96 1.32 0.11
N TYR A 12 3.15 2.32 -0.27
CA TYR A 12 1.68 2.21 -0.21
C TYR A 12 1.10 2.46 -1.59
N VAL A 13 0.76 1.38 -2.29
CA VAL A 13 0.41 1.47 -3.71
C VAL A 13 -1.00 0.98 -4.04
N ASP A 14 -1.58 1.55 -5.10
CA ASP A 14 -2.84 1.08 -5.66
C ASP A 14 -2.65 -0.36 -6.23
N ALA A 15 -3.73 -1.03 -6.59
CA ALA A 15 -3.68 -2.44 -7.03
C ALA A 15 -2.74 -2.69 -8.24
N ASP A 16 -2.25 -1.63 -8.88
CA ASP A 16 -1.36 -1.76 -10.04
C ASP A 16 0.12 -1.46 -9.70
N GLY A 17 0.39 -1.31 -8.41
CA GLY A 17 1.77 -1.05 -7.97
C GLY A 17 2.18 0.41 -8.05
N ALA A 18 1.23 1.28 -8.35
CA ALA A 18 1.47 2.73 -8.40
C ALA A 18 1.14 3.36 -7.04
N GLU A 19 2.15 3.88 -6.34
CA GLU A 19 1.95 4.38 -4.98
C GLU A 19 0.96 5.55 -4.92
N ILE A 20 0.15 5.53 -3.89
CA ILE A 20 -0.90 6.52 -3.68
C ILE A 20 -0.65 7.35 -2.43
N ALA A 21 0.47 7.06 -1.76
CA ALA A 21 0.77 7.67 -0.46
C ALA A 21 2.28 7.68 -0.20
N PRO A 22 2.77 8.59 0.66
CA PRO A 22 4.19 8.67 1.03
C PRO A 22 4.79 7.33 1.48
N SER A 23 6.06 7.12 1.18
CA SER A 23 6.75 5.88 1.51
C SER A 23 7.57 6.01 2.82
N ASP A 24 7.55 4.96 3.63
CA ASP A 24 8.27 4.93 4.91
C ASP A 24 9.63 4.22 4.79
N THR A 25 10.47 4.37 5.80
CA THR A 25 11.76 3.66 5.88
C THR A 25 12.03 3.18 7.31
N LEU A 26 11.86 1.88 7.54
CA LEU A 26 12.06 1.29 8.87
C LEU A 26 13.54 0.94 9.13
N THR A 27 14.10 1.53 10.18
CA THR A 27 15.49 1.25 10.59
C THR A 27 15.56 0.25 11.75
N ASP A 28 14.43 0.09 12.44
CA ASP A 28 14.33 -0.85 13.57
C ASP A 28 14.64 -2.30 13.14
N TYR A 29 15.39 -3.02 13.97
CA TYR A 29 15.70 -4.44 13.68
C TYR A 29 14.41 -5.24 13.47
N HIS A 30 13.43 -5.06 14.35
CA HIS A 30 12.10 -5.64 14.12
C HIS A 30 11.26 -4.70 13.27
N TYR A 31 11.42 -4.81 11.95
CA TYR A 31 10.65 -3.97 11.03
C TYR A 31 9.20 -4.44 10.97
N VAL A 32 8.39 -3.91 11.88
CA VAL A 32 6.96 -4.20 11.90
C VAL A 32 6.19 -2.98 11.36
N SER A 33 5.65 -3.12 10.15
CA SER A 33 5.03 -1.99 9.44
C SER A 33 3.52 -1.93 9.65
N THR A 34 2.91 -0.81 9.28
CA THR A 34 1.47 -0.61 9.47
C THR A 34 0.80 -0.07 8.19
N PRO A 35 -0.38 -0.62 7.82
CA PRO A 35 -1.17 -0.11 6.69
C PRO A 35 -1.86 1.22 7.02
N LYS A 36 -1.49 2.28 6.30
CA LYS A 36 -2.08 3.61 6.53
C LYS A 36 -3.49 3.72 5.99
N ASP A 37 -4.35 4.28 6.82
CA ASP A 37 -5.75 4.49 6.48
C ASP A 37 -5.90 5.63 5.46
N ILE A 38 -5.61 5.32 4.19
CA ILE A 38 -5.67 6.30 3.11
C ILE A 38 -7.14 6.67 2.76
N PRO A 39 -7.51 7.96 2.89
CA PRO A 39 -8.88 8.42 2.58
C PRO A 39 -9.32 8.08 1.14
N GLY A 40 -10.24 7.13 1.01
CA GLY A 40 -10.72 6.72 -0.30
C GLY A 40 -10.09 5.43 -0.80
N TYR A 41 -9.24 4.81 0.00
CA TYR A 41 -8.62 3.53 -0.35
C TYR A 41 -8.78 2.47 0.74
N LYS A 42 -8.90 1.22 0.30
CA LYS A 42 -9.05 0.07 1.19
C LYS A 42 -7.84 -0.87 1.07
N LEU A 43 -7.32 -1.34 2.21
CA LEU A 43 -6.21 -2.30 2.20
C LEU A 43 -6.64 -3.61 1.52
N ARG A 44 -6.10 -3.85 0.32
CA ARG A 44 -6.43 -5.06 -0.44
C ARG A 44 -5.80 -6.30 0.20
N GLU A 45 -4.50 -6.22 0.51
CA GLU A 45 -3.75 -7.34 1.08
C GLU A 45 -2.45 -6.88 1.73
N ILE A 46 -1.97 -7.66 2.69
CA ILE A 46 -0.72 -7.35 3.40
C ILE A 46 0.46 -8.16 2.82
N PRO A 47 1.56 -7.47 2.43
CA PRO A 47 2.75 -8.15 1.89
C PRO A 47 3.38 -9.17 2.85
N HIS A 48 3.86 -10.28 2.30
CA HIS A 48 4.47 -11.37 3.08
C HIS A 48 5.49 -10.87 4.12
N ASN A 49 6.22 -9.81 3.79
CA ASN A 49 7.31 -9.29 4.62
C ASN A 49 6.90 -8.04 5.42
N ALA A 50 5.61 -7.91 5.73
CA ALA A 50 5.11 -6.74 6.47
C ALA A 50 5.65 -6.70 7.91
N THR A 51 5.90 -7.86 8.51
CA THR A 51 6.36 -7.95 9.90
C THR A 51 7.48 -8.98 10.07
N GLY A 52 8.57 -8.57 10.71
CA GLY A 52 9.67 -9.51 10.98
C GLY A 52 10.95 -8.82 11.44
N ASN A 53 12.08 -9.49 11.27
CA ASN A 53 13.39 -8.93 11.62
C ASN A 53 14.23 -8.64 10.36
N ILE A 54 14.86 -7.47 10.32
CA ILE A 54 15.71 -7.10 9.20
C ILE A 54 16.94 -8.03 9.12
N THR A 55 16.81 -9.08 8.32
CA THR A 55 17.89 -10.05 8.12
C THR A 55 18.73 -9.68 6.89
N ASP A 56 18.19 -8.81 6.06
CA ASP A 56 18.86 -8.36 4.84
C ASP A 56 18.60 -6.86 4.59
N THR A 57 19.44 -6.22 3.78
CA THR A 57 19.31 -4.78 3.53
C THR A 57 18.67 -4.48 2.17
N GLY A 58 17.88 -3.41 2.12
CA GLY A 58 17.18 -3.05 0.90
C GLY A 58 15.86 -3.80 0.70
N ILE A 59 15.25 -4.21 1.80
CA ILE A 59 13.96 -4.91 1.74
C ILE A 59 12.81 -3.90 1.57
N ILE A 60 11.80 -4.26 0.78
CA ILE A 60 10.68 -3.36 0.52
C ILE A 60 9.33 -3.98 0.89
N VAL A 61 8.62 -3.33 1.80
CA VAL A 61 7.28 -3.75 2.21
C VAL A 61 6.22 -2.92 1.46
N ARG A 62 5.59 -3.53 0.46
CA ARG A 62 4.66 -2.80 -0.40
C ARG A 62 3.20 -3.20 -0.16
N TYR A 63 2.43 -2.32 0.50
CA TYR A 63 1.01 -2.56 0.76
C TYR A 63 0.14 -2.23 -0.46
N ILE A 64 -0.81 -3.12 -0.75
CA ILE A 64 -1.70 -2.96 -1.91
C ILE A 64 -3.08 -2.46 -1.47
N TYR A 65 -3.61 -1.42 -2.14
CA TYR A 65 -4.94 -0.88 -1.82
C TYR A 65 -5.87 -0.85 -3.03
N ASP A 66 -7.15 -1.11 -2.78
CA ASP A 66 -8.21 -0.90 -3.77
C ASP A 66 -8.90 0.45 -3.54
N LYS A 67 -9.13 1.22 -4.59
CA LYS A 67 -9.78 2.52 -4.44
C LYS A 67 -11.26 2.38 -4.09
N ILE A 68 -11.64 2.91 -2.92
CA ILE A 68 -13.03 2.94 -2.50
C ILE A 68 -13.78 4.04 -3.25
N ILE A 69 -14.58 3.66 -4.24
CA ILE A 69 -15.29 4.62 -5.10
C ILE A 69 -16.65 4.97 -4.52
N ASP A 70 -16.64 5.23 -3.23
CA ASP A 70 -17.82 5.54 -2.49
C ASP A 70 -17.47 5.95 -1.05
N VAL A 71 -18.47 6.01 -0.20
CA VAL A 71 -18.28 6.43 1.18
C VAL A 71 -18.17 5.24 2.15
N SER A 72 -17.74 4.07 1.64
CA SER A 72 -17.84 2.82 2.40
C SER A 72 -19.30 2.56 2.75
N TYR A 73 -20.14 2.73 1.75
CA TYR A 73 -21.60 2.74 1.89
C TYR A 73 -22.15 1.38 2.33
N VAL A 74 -22.34 1.21 3.63
CA VAL A 74 -22.88 -0.04 4.18
C VAL A 74 -24.42 -0.01 4.20
N ASP A 75 -25.00 -0.36 3.06
CA ASP A 75 -26.46 -0.46 2.91
C ASP A 75 -26.78 -1.52 1.85
N GLU A 76 -26.34 -2.75 2.11
CA GLU A 76 -26.42 -3.84 1.15
C GLU A 76 -25.70 -3.49 -0.18
N THR A 77 -26.40 -2.80 -1.08
CA THR A 77 -25.85 -2.43 -2.40
C THR A 77 -25.10 -3.60 -3.06
N GLY A 78 -25.56 -4.82 -2.80
CA GLY A 78 -24.84 -6.01 -3.23
C GLY A 78 -24.19 -6.73 -2.05
N LYS A 79 -25.00 -7.08 -1.05
CA LYS A 79 -24.52 -7.76 0.17
C LYS A 79 -23.84 -9.09 -0.19
N ASP A 80 -24.42 -9.80 -1.14
CA ASP A 80 -23.82 -11.04 -1.66
C ASP A 80 -23.65 -10.93 -3.19
N LEU A 81 -22.46 -10.52 -3.61
CA LEU A 81 -22.16 -10.32 -5.04
C LEU A 81 -21.48 -11.54 -5.69
N LEU A 82 -20.95 -11.34 -6.90
CA LEU A 82 -20.32 -12.40 -7.69
C LEU A 82 -21.33 -13.45 -8.19
N PRO A 83 -21.45 -13.60 -9.52
CA PRO A 83 -22.39 -14.57 -10.11
C PRO A 83 -21.86 -16.02 -10.04
N VAL A 84 -21.48 -16.45 -8.84
CA VAL A 84 -20.90 -17.78 -8.62
C VAL A 84 -21.84 -18.91 -9.08
N VAL A 85 -21.51 -19.49 -10.23
CA VAL A 85 -22.35 -20.53 -10.85
C VAL A 85 -21.61 -21.87 -10.95
N GLU A 86 -22.37 -22.97 -10.86
CA GLU A 86 -21.85 -24.32 -11.05
C GLU A 86 -22.96 -25.22 -11.60
N ILE A 87 -22.60 -26.41 -12.11
CA ILE A 87 -23.59 -27.36 -12.63
C ILE A 87 -24.67 -27.69 -11.57
N ILE A 88 -25.78 -26.97 -11.65
CA ILE A 88 -26.88 -27.13 -10.72
C ILE A 88 -28.01 -27.98 -11.32
N ASN A 89 -28.11 -27.98 -12.66
CA ASN A 89 -29.16 -28.73 -13.38
C ASN A 89 -30.56 -28.10 -13.20
N SER A 90 -31.04 -28.07 -11.97
CA SER A 90 -32.37 -27.52 -11.65
C SER A 90 -32.67 -26.19 -12.36
N GLU A 91 -31.76 -25.23 -12.24
CA GLU A 91 -31.95 -23.89 -12.82
C GLU A 91 -32.08 -23.93 -14.35
N ALA A 92 -31.58 -24.99 -14.97
CA ALA A 92 -31.65 -25.15 -16.43
C ALA A 92 -33.02 -25.69 -16.88
N ALA A 93 -33.78 -26.26 -15.95
CA ALA A 93 -35.09 -26.88 -16.26
C ALA A 93 -36.25 -25.87 -16.17
N VAL A 94 -35.94 -24.59 -15.99
CA VAL A 94 -36.97 -23.54 -15.90
C VAL A 94 -37.38 -23.04 -17.30
N LEU A 95 -38.60 -22.52 -17.43
CA LEU A 95 -39.11 -22.01 -18.72
C LEU A 95 -38.33 -20.77 -19.19
N GLU A 96 -37.69 -20.88 -20.37
CA GLU A 96 -36.88 -19.78 -20.91
C GLU A 96 -37.18 -19.56 -22.41
N HIS A 97 -37.25 -18.30 -22.84
CA HIS A 97 -37.61 -17.96 -24.22
C HIS A 97 -36.62 -16.96 -24.83
N HIS A 98 -35.55 -17.46 -25.45
CA HIS A 98 -34.49 -16.60 -25.99
C HIS A 98 -34.75 -16.22 -27.47
N HIS A 99 -35.86 -15.53 -27.73
CA HIS A 99 -36.18 -15.03 -29.07
C HIS A 99 -37.36 -14.04 -29.02
N HIS A 100 -37.18 -12.94 -28.32
CA HIS A 100 -38.24 -11.93 -28.15
C HIS A 100 -38.25 -10.90 -29.29
N HIS A 101 -39.20 -9.98 -29.22
CA HIS A 101 -39.26 -8.84 -30.16
C HIS A 101 -38.76 -7.56 -29.45
N HIS A 102 -39.09 -6.39 -30.02
CA HIS A 102 -38.69 -5.12 -29.41
C HIS A 102 -39.37 -4.87 -28.05
N MET A 1 33.57 -1.05 8.62
CA MET A 1 32.37 -0.55 7.91
C MET A 1 31.12 -1.37 8.25
N ASP A 2 31.02 -2.59 7.69
CA ASP A 2 29.93 -3.53 7.99
C ASP A 2 28.52 -2.94 7.76
N THR A 3 28.04 -2.14 8.73
CA THR A 3 26.67 -1.62 8.72
C THR A 3 26.36 -0.78 7.47
N ASN A 4 25.66 -1.39 6.52
CA ASN A 4 25.23 -0.73 5.28
C ASN A 4 23.96 0.10 5.49
N ASN A 5 23.67 0.45 6.75
CA ASN A 5 22.40 1.06 7.14
C ASN A 5 21.23 0.15 6.72
N PHE A 6 21.19 -1.03 7.32
CA PHE A 6 20.13 -2.01 7.06
C PHE A 6 18.74 -1.45 7.43
N THR A 7 17.97 -1.07 6.42
CA THR A 7 16.62 -0.51 6.64
C THR A 7 15.58 -1.20 5.74
N VAL A 8 14.31 -1.04 6.09
CA VAL A 8 13.22 -1.62 5.31
C VAL A 8 12.25 -0.53 4.80
N LYS A 9 12.33 -0.25 3.51
CA LYS A 9 11.43 0.69 2.86
C LYS A 9 10.02 0.08 2.69
N VAL A 10 9.02 0.78 3.19
CA VAL A 10 7.64 0.34 3.06
C VAL A 10 6.87 1.27 2.12
N GLU A 11 6.50 0.74 0.96
CA GLU A 11 5.76 1.50 -0.06
C GLU A 11 4.27 1.11 -0.07
N TYR A 12 3.41 2.10 -0.26
CA TYR A 12 1.96 1.88 -0.23
C TYR A 12 1.35 2.15 -1.60
N VAL A 13 1.06 1.08 -2.33
CA VAL A 13 0.69 1.17 -3.74
C VAL A 13 -0.72 0.61 -4.01
N ASP A 14 -1.29 0.95 -5.15
CA ASP A 14 -2.61 0.46 -5.52
C ASP A 14 -2.53 -0.93 -6.18
N ALA A 15 -3.64 -1.39 -6.74
CA ALA A 15 -3.69 -2.72 -7.37
C ALA A 15 -2.79 -2.84 -8.61
N ASP A 16 -2.32 -1.71 -9.12
CA ASP A 16 -1.46 -1.70 -10.33
C ASP A 16 0.01 -1.41 -9.98
N GLY A 17 0.32 -1.37 -8.69
CA GLY A 17 1.71 -1.19 -8.25
C GLY A 17 2.16 0.27 -8.22
N ALA A 18 1.21 1.18 -8.27
CA ALA A 18 1.52 2.62 -8.21
C ALA A 18 1.22 3.17 -6.80
N GLU A 19 2.25 3.69 -6.14
CA GLU A 19 2.11 4.19 -4.77
C GLU A 19 1.12 5.35 -4.69
N ILE A 20 -0.05 5.06 -4.16
CA ILE A 20 -1.09 6.07 -3.98
C ILE A 20 -1.02 6.67 -2.57
N ALA A 21 0.16 6.57 -1.95
CA ALA A 21 0.37 7.08 -0.60
C ALA A 21 1.86 7.27 -0.28
N PRO A 22 2.21 8.24 0.60
CA PRO A 22 3.60 8.46 1.02
C PRO A 22 4.25 7.23 1.65
N SER A 23 5.39 6.84 1.09
CA SER A 23 6.09 5.61 1.49
C SER A 23 7.12 5.88 2.59
N ASP A 24 7.21 4.96 3.55
CA ASP A 24 8.08 5.12 4.73
C ASP A 24 9.34 4.24 4.64
N THR A 25 10.32 4.52 5.51
CA THR A 25 11.53 3.70 5.63
C THR A 25 11.78 3.29 7.08
N LEU A 26 11.48 2.03 7.41
CA LEU A 26 11.65 1.53 8.79
C LEU A 26 13.12 1.33 9.15
N THR A 27 13.53 1.87 10.30
CA THR A 27 14.90 1.72 10.80
C THR A 27 14.99 0.70 11.95
N ASP A 28 13.84 0.33 12.49
CA ASP A 28 13.74 -0.65 13.58
C ASP A 28 14.20 -2.05 13.13
N TYR A 29 15.02 -2.72 13.95
CA TYR A 29 15.49 -4.07 13.63
C TYR A 29 14.32 -5.01 13.33
N HIS A 30 13.31 -5.01 14.19
CA HIS A 30 12.07 -5.71 13.90
C HIS A 30 11.13 -4.81 13.08
N TYR A 31 11.23 -4.90 11.75
CA TYR A 31 10.39 -4.08 10.88
C TYR A 31 8.96 -4.59 10.89
N VAL A 32 8.16 -4.10 11.84
CA VAL A 32 6.76 -4.45 11.93
C VAL A 32 5.89 -3.27 11.43
N SER A 33 5.30 -3.43 10.25
CA SER A 33 4.60 -2.34 9.58
C SER A 33 3.09 -2.39 9.78
N THR A 34 2.41 -1.28 9.50
CA THR A 34 0.96 -1.16 9.68
C THR A 34 0.31 -0.50 8.45
N PRO A 35 -0.93 -0.91 8.09
CA PRO A 35 -1.67 -0.29 6.98
C PRO A 35 -2.08 1.16 7.28
N LYS A 36 -1.41 2.11 6.60
CA LYS A 36 -1.68 3.55 6.79
C LYS A 36 -3.06 3.95 6.31
N ASP A 37 -3.64 4.88 7.05
CA ASP A 37 -4.96 5.38 6.76
C ASP A 37 -4.95 6.35 5.55
N ILE A 38 -5.13 5.80 4.37
CA ILE A 38 -5.13 6.58 3.13
C ILE A 38 -6.53 7.12 2.82
N PRO A 39 -6.73 8.46 2.85
CA PRO A 39 -8.04 9.08 2.59
C PRO A 39 -8.62 8.72 1.21
N GLY A 40 -9.57 7.79 1.18
CA GLY A 40 -10.19 7.39 -0.08
C GLY A 40 -9.71 6.03 -0.60
N TYR A 41 -8.90 5.32 0.18
CA TYR A 41 -8.42 3.98 -0.21
C TYR A 41 -8.63 2.93 0.89
N LYS A 42 -8.89 1.69 0.44
CA LYS A 42 -9.13 0.55 1.33
C LYS A 42 -8.08 -0.55 1.11
N LEU A 43 -7.55 -1.12 2.19
CA LEU A 43 -6.48 -2.13 2.10
C LEU A 43 -6.95 -3.41 1.39
N ARG A 44 -6.25 -3.78 0.32
CA ARG A 44 -6.54 -5.02 -0.41
C ARG A 44 -5.88 -6.24 0.24
N GLU A 45 -4.55 -6.21 0.36
CA GLU A 45 -3.79 -7.35 0.90
C GLU A 45 -2.47 -6.91 1.54
N ILE A 46 -1.99 -7.72 2.50
CA ILE A 46 -0.71 -7.48 3.18
C ILE A 46 0.33 -8.55 2.79
N PRO A 47 1.55 -8.12 2.41
CA PRO A 47 2.62 -9.06 2.01
C PRO A 47 3.17 -9.90 3.18
N HIS A 48 3.46 -11.18 2.93
CA HIS A 48 3.97 -12.10 3.95
C HIS A 48 5.25 -11.58 4.63
N ASN A 49 5.99 -10.72 3.93
CA ASN A 49 7.25 -10.16 4.45
C ASN A 49 7.05 -8.76 5.05
N ALA A 50 5.83 -8.45 5.48
CA ALA A 50 5.52 -7.15 6.07
C ALA A 50 6.07 -6.99 7.50
N THR A 51 6.40 -8.12 8.13
CA THR A 51 6.96 -8.14 9.49
C THR A 51 8.19 -9.04 9.58
N GLY A 52 9.01 -8.85 10.63
CA GLY A 52 10.17 -9.71 10.84
C GLY A 52 11.39 -8.95 11.32
N ASN A 53 12.57 -9.56 11.17
CA ASN A 53 13.83 -8.93 11.56
C ASN A 53 14.65 -8.53 10.32
N ILE A 54 15.29 -7.35 10.36
CA ILE A 54 16.11 -6.87 9.25
C ILE A 54 17.39 -7.71 9.12
N THR A 55 17.34 -8.72 8.26
CA THR A 55 18.49 -9.60 8.02
C THR A 55 19.20 -9.26 6.71
N ASP A 56 18.68 -8.27 5.99
CA ASP A 56 19.21 -7.91 4.67
C ASP A 56 19.02 -6.41 4.39
N THR A 57 19.82 -5.87 3.47
CA THR A 57 19.79 -4.43 3.14
C THR A 57 18.97 -4.15 1.88
N GLY A 58 18.20 -3.07 1.91
CA GLY A 58 17.35 -2.70 0.78
C GLY A 58 16.07 -3.53 0.66
N ILE A 59 15.43 -3.83 1.79
CA ILE A 59 14.16 -4.56 1.79
C ILE A 59 12.99 -3.60 1.56
N ILE A 60 12.07 -3.96 0.66
CA ILE A 60 10.88 -3.13 0.41
C ILE A 60 9.58 -3.92 0.66
N VAL A 61 8.78 -3.42 1.60
CA VAL A 61 7.47 -3.98 1.91
C VAL A 61 6.36 -3.15 1.23
N ARG A 62 5.57 -3.81 0.39
CA ARG A 62 4.52 -3.11 -0.36
C ARG A 62 3.09 -3.51 0.06
N TYR A 63 2.36 -2.54 0.59
CA TYR A 63 0.93 -2.72 0.90
C TYR A 63 0.07 -2.32 -0.30
N ILE A 64 -0.89 -3.16 -0.64
CA ILE A 64 -1.77 -2.93 -1.80
C ILE A 64 -3.14 -2.41 -1.36
N TYR A 65 -3.59 -1.30 -1.96
CA TYR A 65 -4.92 -0.73 -1.67
C TYR A 65 -5.78 -0.59 -2.94
N ASP A 66 -7.08 -0.57 -2.74
CA ASP A 66 -8.02 -0.24 -3.82
C ASP A 66 -8.69 1.11 -3.53
N LYS A 67 -9.08 1.84 -4.58
CA LYS A 67 -9.75 3.14 -4.39
C LYS A 67 -11.22 2.96 -4.00
N ILE A 68 -11.61 3.56 -2.88
CA ILE A 68 -12.98 3.44 -2.37
C ILE A 68 -14.00 4.11 -3.30
N ILE A 69 -14.98 3.33 -3.76
CA ILE A 69 -16.05 3.88 -4.58
C ILE A 69 -17.28 4.26 -3.74
N ASP A 70 -17.36 5.55 -3.41
CA ASP A 70 -18.51 6.13 -2.70
C ASP A 70 -18.62 5.70 -1.23
N VAL A 71 -19.17 6.60 -0.40
CA VAL A 71 -19.38 6.34 1.03
C VAL A 71 -20.86 6.10 1.35
N SER A 72 -21.71 6.18 0.33
CA SER A 72 -23.17 5.95 0.45
C SER A 72 -23.88 7.06 1.24
N TYR A 73 -23.18 8.17 1.50
CA TYR A 73 -23.76 9.33 2.20
C TYR A 73 -24.25 10.42 1.23
N VAL A 74 -24.27 10.10 -0.06
CA VAL A 74 -24.68 11.06 -1.09
C VAL A 74 -26.19 10.93 -1.40
N ASP A 75 -26.80 12.04 -1.80
CA ASP A 75 -28.25 12.11 -2.03
C ASP A 75 -28.64 11.58 -3.44
N GLU A 76 -27.83 10.68 -3.98
CA GLU A 76 -28.06 10.15 -5.33
C GLU A 76 -28.29 8.62 -5.32
N THR A 77 -27.85 7.95 -4.26
CA THR A 77 -27.96 6.48 -4.17
C THR A 77 -29.40 6.03 -3.84
N GLY A 78 -29.85 6.33 -2.62
CA GLY A 78 -31.19 5.94 -2.19
C GLY A 78 -31.48 6.39 -0.77
N LYS A 79 -31.05 5.60 0.20
CA LYS A 79 -31.15 5.94 1.63
C LYS A 79 -32.55 6.40 2.07
N ASP A 80 -32.90 7.67 1.77
CA ASP A 80 -34.15 8.26 2.24
C ASP A 80 -34.92 8.96 1.10
N LEU A 81 -34.56 8.62 -0.13
CA LEU A 81 -35.19 9.22 -1.32
C LEU A 81 -36.16 8.22 -1.98
N LEU A 82 -36.50 8.48 -3.24
CA LEU A 82 -37.20 7.49 -4.06
C LEU A 82 -36.21 6.67 -4.89
N PRO A 83 -36.09 5.36 -4.59
CA PRO A 83 -35.24 4.45 -5.38
C PRO A 83 -35.81 4.21 -6.79
N VAL A 84 -35.19 4.83 -7.80
CA VAL A 84 -35.68 4.72 -9.18
C VAL A 84 -35.47 3.30 -9.74
N VAL A 85 -36.37 2.42 -9.34
CA VAL A 85 -36.39 1.03 -9.82
C VAL A 85 -37.74 0.73 -10.50
N GLU A 86 -38.03 -0.55 -10.75
CA GLU A 86 -39.31 -0.94 -11.34
C GLU A 86 -40.46 -0.78 -10.34
N ILE A 87 -40.97 0.44 -10.27
CA ILE A 87 -42.10 0.77 -9.38
C ILE A 87 -43.42 0.61 -10.13
N ILE A 88 -43.55 -0.53 -10.82
CA ILE A 88 -44.67 -0.78 -11.72
C ILE A 88 -46.00 -0.94 -11.00
N ASN A 89 -46.00 -1.65 -9.87
CA ASN A 89 -47.22 -1.93 -9.11
C ASN A 89 -48.31 -2.59 -9.99
N SER A 90 -49.55 -2.63 -9.49
CA SER A 90 -50.65 -3.26 -10.23
C SER A 90 -51.98 -2.50 -10.06
N GLU A 91 -52.56 -2.58 -8.86
CA GLU A 91 -53.89 -2.03 -8.60
C GLU A 91 -53.90 -0.49 -8.65
N ALA A 92 -53.19 0.16 -7.74
CA ALA A 92 -53.16 1.63 -7.68
C ALA A 92 -52.20 2.24 -8.72
N ALA A 93 -51.69 1.42 -9.63
CA ALA A 93 -50.71 1.87 -10.63
C ALA A 93 -51.38 2.51 -11.86
N VAL A 94 -52.70 2.63 -11.84
CA VAL A 94 -53.46 3.14 -13.00
C VAL A 94 -53.83 4.63 -12.86
N LEU A 95 -53.15 5.33 -11.96
CA LEU A 95 -53.42 6.76 -11.71
C LEU A 95 -52.74 7.68 -12.73
N GLU A 96 -51.49 7.34 -13.10
CA GLU A 96 -50.61 8.22 -13.89
C GLU A 96 -50.23 9.48 -13.09
N HIS A 97 -48.93 9.71 -12.89
CA HIS A 97 -48.44 10.87 -12.14
C HIS A 97 -48.48 12.18 -12.94
N HIS A 98 -48.97 12.12 -14.19
CA HIS A 98 -49.13 13.31 -15.04
C HIS A 98 -47.86 14.19 -15.07
N HIS A 99 -46.74 13.63 -15.49
CA HIS A 99 -45.48 14.40 -15.51
C HIS A 99 -45.43 15.33 -16.73
N HIS A 100 -45.25 14.76 -17.92
CA HIS A 100 -45.27 15.55 -19.16
C HIS A 100 -46.31 15.01 -20.14
N HIS A 101 -47.55 15.50 -20.02
CA HIS A 101 -48.66 15.02 -20.83
C HIS A 101 -48.72 15.76 -22.17
N HIS A 102 -48.41 15.06 -23.27
CA HIS A 102 -48.35 15.64 -24.63
C HIS A 102 -47.11 16.55 -24.80
N MET A 1 36.83 -0.64 8.21
CA MET A 1 36.14 0.20 9.21
C MET A 1 35.04 1.03 8.55
N ASP A 2 33.79 0.58 8.65
CA ASP A 2 32.64 1.29 8.07
C ASP A 2 31.31 0.83 8.68
N THR A 3 30.22 1.48 8.31
CA THR A 3 28.89 1.16 8.86
C THR A 3 27.86 0.94 7.74
N ASN A 4 27.42 -0.30 7.56
CA ASN A 4 26.36 -0.63 6.61
C ASN A 4 24.97 -0.43 7.25
N ASN A 5 24.27 0.63 6.84
CA ASN A 5 22.93 0.91 7.34
C ASN A 5 21.88 0.00 6.69
N PHE A 6 21.47 -1.04 7.41
CA PHE A 6 20.43 -1.96 6.92
C PHE A 6 19.02 -1.38 7.11
N THR A 7 18.41 -0.91 6.03
CA THR A 7 17.07 -0.28 6.09
C THR A 7 16.03 -1.04 5.27
N VAL A 8 14.78 -1.00 5.73
CA VAL A 8 13.65 -1.57 4.98
C VAL A 8 12.67 -0.46 4.53
N LYS A 9 12.31 -0.46 3.26
CA LYS A 9 11.39 0.56 2.74
C LYS A 9 9.97 0.00 2.61
N VAL A 10 8.99 0.73 3.14
CA VAL A 10 7.59 0.32 3.07
C VAL A 10 6.81 1.19 2.07
N GLU A 11 6.30 0.55 1.01
CA GLU A 11 5.51 1.24 -0.01
C GLU A 11 4.01 1.00 0.16
N TYR A 12 3.24 2.07 0.07
CA TYR A 12 1.78 1.99 0.10
C TYR A 12 1.21 2.25 -1.30
N VAL A 13 0.88 1.18 -2.00
CA VAL A 13 0.61 1.24 -3.44
C VAL A 13 -0.82 0.79 -3.80
N ASP A 14 -1.32 1.23 -4.96
CA ASP A 14 -2.67 0.89 -5.39
C ASP A 14 -2.69 -0.48 -6.11
N ALA A 15 -3.84 -0.80 -6.72
CA ALA A 15 -4.02 -2.09 -7.38
C ALA A 15 -3.13 -2.28 -8.64
N ASP A 16 -2.56 -1.18 -9.15
CA ASP A 16 -1.63 -1.26 -10.28
C ASP A 16 -0.17 -1.30 -9.80
N GLY A 17 0.03 -1.19 -8.49
CA GLY A 17 1.36 -1.33 -7.91
C GLY A 17 2.18 -0.05 -7.92
N ALA A 18 1.50 1.10 -7.84
CA ALA A 18 2.19 2.40 -7.76
C ALA A 18 1.84 3.11 -6.44
N GLU A 19 2.85 3.52 -5.69
CA GLU A 19 2.61 4.08 -4.35
C GLU A 19 1.73 5.35 -4.43
N ILE A 20 0.62 5.31 -3.73
CA ILE A 20 -0.37 6.37 -3.74
C ILE A 20 -0.29 7.24 -2.49
N ALA A 21 0.75 7.00 -1.68
CA ALA A 21 0.84 7.64 -0.37
C ALA A 21 2.30 7.77 0.09
N PRO A 22 2.58 8.68 1.05
CA PRO A 22 3.93 8.80 1.64
C PRO A 22 4.43 7.47 2.21
N SER A 23 5.62 7.08 1.76
CA SER A 23 6.22 5.80 2.16
C SER A 23 7.13 5.95 3.37
N ASP A 24 7.42 4.84 4.04
CA ASP A 24 8.30 4.82 5.20
C ASP A 24 9.61 4.07 4.92
N THR A 25 10.60 4.27 5.78
CA THR A 25 11.84 3.50 5.73
C THR A 25 12.30 3.17 7.15
N LEU A 26 12.08 1.92 7.55
CA LEU A 26 12.33 1.48 8.92
C LEU A 26 13.82 1.17 9.17
N THR A 27 14.39 1.87 10.14
CA THR A 27 15.77 1.59 10.59
C THR A 27 15.77 0.60 11.76
N ASP A 28 14.57 0.35 12.30
CA ASP A 28 14.36 -0.55 13.43
C ASP A 28 14.67 -2.01 13.07
N TYR A 29 15.44 -2.69 13.93
CA TYR A 29 15.78 -4.11 13.70
C TYR A 29 14.52 -4.95 13.42
N HIS A 30 13.51 -4.84 14.27
CA HIS A 30 12.22 -5.48 14.00
C HIS A 30 11.35 -4.57 13.13
N TYR A 31 11.55 -4.66 11.82
CA TYR A 31 10.75 -3.87 10.89
C TYR A 31 9.30 -4.41 10.86
N VAL A 32 8.44 -3.76 11.63
CA VAL A 32 7.03 -4.12 11.67
C VAL A 32 6.18 -2.94 11.19
N SER A 33 5.59 -3.09 10.00
CA SER A 33 4.83 -2.00 9.38
C SER A 33 3.31 -2.19 9.50
N THR A 34 2.57 -1.14 9.14
CA THR A 34 1.10 -1.14 9.27
C THR A 34 0.44 -0.49 8.05
N PRO A 35 -0.72 -1.02 7.59
CA PRO A 35 -1.47 -0.43 6.47
C PRO A 35 -2.13 0.91 6.85
N LYS A 36 -1.61 2.01 6.32
CA LYS A 36 -2.18 3.34 6.58
C LYS A 36 -3.59 3.46 6.03
N ASP A 37 -4.39 4.21 6.75
CA ASP A 37 -5.78 4.43 6.40
C ASP A 37 -5.93 5.61 5.43
N ILE A 38 -5.79 5.32 4.13
CA ILE A 38 -5.79 6.35 3.09
C ILE A 38 -7.22 6.80 2.72
N PRO A 39 -7.51 8.11 2.80
CA PRO A 39 -8.82 8.64 2.40
C PRO A 39 -9.09 8.48 0.90
N GLY A 40 -9.93 7.51 0.55
CA GLY A 40 -10.18 7.20 -0.86
C GLY A 40 -9.59 5.87 -1.30
N TYR A 41 -8.90 5.18 -0.39
CA TYR A 41 -8.35 3.84 -0.66
C TYR A 41 -8.53 2.88 0.53
N LYS A 42 -8.69 1.59 0.21
CA LYS A 42 -8.89 0.55 1.23
C LYS A 42 -7.88 -0.59 1.07
N LEU A 43 -7.39 -1.13 2.19
CA LEU A 43 -6.44 -2.25 2.14
C LEU A 43 -7.10 -3.52 1.60
N ARG A 44 -6.53 -4.09 0.54
CA ARG A 44 -7.08 -5.31 -0.06
C ARG A 44 -6.33 -6.58 0.37
N GLU A 45 -5.02 -6.47 0.60
CA GLU A 45 -4.20 -7.64 0.95
C GLU A 45 -2.89 -7.24 1.65
N ILE A 46 -2.34 -8.16 2.45
CA ILE A 46 -1.10 -7.93 3.19
C ILE A 46 0.10 -8.70 2.60
N PRO A 47 1.25 -8.03 2.45
CA PRO A 47 2.48 -8.67 1.93
C PRO A 47 3.12 -9.64 2.94
N HIS A 48 3.74 -10.71 2.44
CA HIS A 48 4.32 -11.75 3.29
C HIS A 48 5.41 -11.21 4.24
N ASN A 49 6.02 -10.09 3.88
CA ASN A 49 7.12 -9.51 4.67
C ASN A 49 6.66 -8.28 5.49
N ALA A 50 5.38 -8.23 5.88
CA ALA A 50 4.85 -7.11 6.66
C ALA A 50 5.47 -7.02 8.07
N THR A 51 5.94 -8.16 8.60
CA THR A 51 6.54 -8.20 9.93
C THR A 51 7.77 -9.10 9.96
N GLY A 52 8.82 -8.69 10.69
CA GLY A 52 10.00 -9.53 10.84
C GLY A 52 11.21 -8.78 11.39
N ASN A 53 12.40 -9.30 11.05
CA ASN A 53 13.67 -8.70 11.49
C ASN A 53 14.56 -8.35 10.29
N ILE A 54 15.21 -7.19 10.32
CA ILE A 54 16.08 -6.77 9.23
C ILE A 54 17.31 -7.68 9.13
N THR A 55 17.22 -8.67 8.27
CA THR A 55 18.33 -9.59 8.02
C THR A 55 19.09 -9.21 6.74
N ASP A 56 18.42 -8.44 5.88
CA ASP A 56 19.02 -7.92 4.65
C ASP A 56 18.62 -6.45 4.44
N THR A 57 19.40 -5.72 3.64
CA THR A 57 19.08 -4.31 3.35
C THR A 57 18.39 -4.15 1.99
N GLY A 58 17.55 -3.13 1.87
CA GLY A 58 16.80 -2.89 0.65
C GLY A 58 15.55 -3.77 0.53
N ILE A 59 14.97 -4.14 1.67
CA ILE A 59 13.73 -4.93 1.69
C ILE A 59 12.52 -4.00 1.49
N ILE A 60 11.60 -4.37 0.60
CA ILE A 60 10.44 -3.53 0.32
C ILE A 60 9.11 -4.21 0.74
N VAL A 61 8.40 -3.57 1.66
CA VAL A 61 7.10 -4.05 2.10
C VAL A 61 5.98 -3.26 1.41
N ARG A 62 5.26 -3.90 0.49
CA ARG A 62 4.24 -3.21 -0.31
C ARG A 62 2.81 -3.56 0.13
N TYR A 63 2.11 -2.56 0.67
CA TYR A 63 0.70 -2.68 1.02
C TYR A 63 -0.18 -2.26 -0.17
N ILE A 64 -1.09 -3.14 -0.57
CA ILE A 64 -1.92 -2.90 -1.75
C ILE A 64 -3.31 -2.34 -1.36
N TYR A 65 -3.71 -1.26 -2.03
CA TYR A 65 -5.00 -0.62 -1.73
C TYR A 65 -5.93 -0.62 -2.96
N ASP A 66 -7.18 -0.98 -2.73
CA ASP A 66 -8.23 -0.81 -3.73
C ASP A 66 -8.79 0.62 -3.69
N LYS A 67 -9.14 1.17 -4.84
CA LYS A 67 -9.61 2.55 -4.93
C LYS A 67 -11.08 2.66 -4.52
N ILE A 68 -11.33 3.39 -3.44
CA ILE A 68 -12.68 3.53 -2.88
C ILE A 68 -13.52 4.54 -3.66
N ILE A 69 -14.67 4.08 -4.15
CA ILE A 69 -15.62 4.95 -4.87
C ILE A 69 -16.55 5.66 -3.88
N ASP A 70 -16.70 5.08 -2.70
CA ASP A 70 -17.57 5.63 -1.66
C ASP A 70 -16.90 6.80 -0.92
N VAL A 71 -16.63 7.87 -1.66
CA VAL A 71 -16.08 9.09 -1.09
C VAL A 71 -16.72 10.32 -1.76
N SER A 72 -17.96 10.15 -2.21
CA SER A 72 -18.65 11.16 -3.03
C SER A 72 -19.03 12.41 -2.23
N TYR A 73 -18.04 13.27 -1.98
CA TYR A 73 -18.27 14.61 -1.42
C TYR A 73 -17.68 15.67 -2.38
N VAL A 74 -17.20 15.19 -3.53
CA VAL A 74 -16.49 16.03 -4.49
C VAL A 74 -17.40 16.46 -5.64
N ASP A 75 -18.12 17.55 -5.46
CA ASP A 75 -19.04 18.03 -6.50
C ASP A 75 -18.32 18.99 -7.46
N GLU A 76 -17.48 18.41 -8.32
CA GLU A 76 -16.72 19.18 -9.31
C GLU A 76 -16.30 18.26 -10.47
N THR A 77 -15.17 17.58 -10.32
CA THR A 77 -14.72 16.54 -11.28
C THR A 77 -13.88 15.47 -10.57
N GLY A 78 -13.35 14.52 -11.34
CA GLY A 78 -12.56 13.44 -10.76
C GLY A 78 -12.67 12.16 -11.58
N LYS A 79 -12.13 12.20 -12.79
CA LYS A 79 -12.25 11.08 -13.74
C LYS A 79 -11.11 10.06 -13.57
N ASP A 80 -9.90 10.42 -14.01
CA ASP A 80 -8.76 9.50 -14.01
C ASP A 80 -7.58 10.02 -13.19
N LEU A 81 -6.95 11.09 -13.67
CA LEU A 81 -5.70 11.61 -13.07
C LEU A 81 -4.64 10.50 -13.04
N LEU A 82 -4.74 9.60 -14.01
CA LEU A 82 -3.94 8.36 -14.03
C LEU A 82 -2.52 8.64 -14.54
N PRO A 83 -1.47 8.23 -13.77
CA PRO A 83 -0.06 8.42 -14.15
C PRO A 83 0.36 7.56 -15.35
N VAL A 84 1.52 7.89 -15.96
CA VAL A 84 2.01 7.18 -17.14
C VAL A 84 2.31 5.69 -16.86
N VAL A 85 1.66 4.82 -17.62
CA VAL A 85 1.88 3.36 -17.52
C VAL A 85 1.48 2.67 -18.85
N GLU A 86 2.25 1.65 -19.24
CA GLU A 86 1.98 0.92 -20.48
C GLU A 86 2.46 -0.55 -20.40
N ILE A 87 1.56 -1.44 -19.94
CA ILE A 87 1.82 -2.89 -19.87
C ILE A 87 3.07 -3.23 -19.02
N ILE A 88 2.85 -3.83 -17.84
CA ILE A 88 3.95 -4.13 -16.92
C ILE A 88 4.02 -5.62 -16.52
N ASN A 89 5.24 -6.17 -16.58
CA ASN A 89 5.51 -7.54 -16.12
C ASN A 89 7.02 -7.69 -15.79
N SER A 90 7.37 -7.44 -14.53
CA SER A 90 8.78 -7.40 -14.11
C SER A 90 9.28 -8.78 -13.62
N GLU A 91 8.40 -9.56 -13.00
CA GLU A 91 8.78 -10.90 -12.53
C GLU A 91 9.03 -11.85 -13.72
N ALA A 92 10.28 -11.90 -14.17
CA ALA A 92 10.68 -12.76 -15.29
C ALA A 92 12.19 -12.96 -15.31
N ALA A 93 12.93 -11.87 -15.36
CA ALA A 93 14.40 -11.92 -15.36
C ALA A 93 14.96 -12.22 -13.96
N VAL A 94 15.14 -13.51 -13.66
CA VAL A 94 15.67 -13.95 -12.37
C VAL A 94 16.79 -14.99 -12.54
N LEU A 95 18.04 -14.52 -12.51
CA LEU A 95 19.20 -15.41 -12.54
C LEU A 95 19.73 -15.62 -11.11
N GLU A 96 19.34 -16.72 -10.49
CA GLU A 96 19.74 -17.04 -9.11
C GLU A 96 21.27 -17.11 -8.97
N HIS A 97 21.81 -16.42 -7.96
CA HIS A 97 23.26 -16.33 -7.74
C HIS A 97 23.69 -17.12 -6.49
N HIS A 98 24.99 -17.43 -6.39
CA HIS A 98 25.52 -18.18 -5.24
C HIS A 98 27.05 -18.04 -5.13
N HIS A 99 27.51 -17.36 -4.08
CA HIS A 99 28.95 -17.24 -3.77
C HIS A 99 29.20 -17.40 -2.27
N HIS A 100 30.06 -18.36 -1.92
CA HIS A 100 30.39 -18.65 -0.52
C HIS A 100 31.57 -17.78 -0.04
N HIS A 101 31.48 -17.29 1.20
CA HIS A 101 32.54 -16.46 1.78
C HIS A 101 32.83 -16.84 3.24
N HIS A 102 33.84 -16.18 3.81
CA HIS A 102 34.23 -16.37 5.22
C HIS A 102 35.27 -15.32 5.64
N MET A 1 29.46 2.22 -0.15
CA MET A 1 29.31 1.05 0.77
C MET A 1 29.71 1.40 2.21
N ASP A 2 29.93 2.69 2.47
CA ASP A 2 30.35 3.16 3.81
C ASP A 2 29.23 2.92 4.83
N THR A 3 29.40 1.87 5.65
CA THR A 3 28.36 1.42 6.59
C THR A 3 27.09 0.97 5.86
N ASN A 4 26.97 -0.34 5.63
CA ASN A 4 25.79 -0.89 4.96
C ASN A 4 24.57 -0.84 5.87
N ASN A 5 23.87 0.30 5.81
CA ASN A 5 22.68 0.52 6.63
C ASN A 5 21.52 -0.41 6.21
N PHE A 6 21.26 -1.41 7.05
CA PHE A 6 20.16 -2.35 6.84
C PHE A 6 18.81 -1.69 7.15
N THR A 7 18.16 -1.13 6.12
CA THR A 7 16.87 -0.45 6.28
C THR A 7 15.75 -1.15 5.50
N VAL A 8 14.50 -0.88 5.90
CA VAL A 8 13.32 -1.45 5.24
C VAL A 8 12.35 -0.35 4.76
N LYS A 9 12.16 -0.25 3.46
CA LYS A 9 11.18 0.68 2.88
C LYS A 9 9.77 0.08 2.91
N VAL A 10 8.81 0.85 3.38
CA VAL A 10 7.40 0.43 3.35
C VAL A 10 6.60 1.29 2.35
N GLU A 11 6.12 0.66 1.29
CA GLU A 11 5.39 1.35 0.22
C GLU A 11 3.88 1.13 0.33
N TYR A 12 3.11 2.16 -0.03
CA TYR A 12 1.65 2.11 0.02
C TYR A 12 1.09 2.39 -1.37
N VAL A 13 0.75 1.34 -2.10
CA VAL A 13 0.47 1.44 -3.54
C VAL A 13 -0.95 0.98 -3.91
N ASP A 14 -1.46 1.52 -5.03
CA ASP A 14 -2.73 1.10 -5.61
C ASP A 14 -2.59 -0.29 -6.27
N ALA A 15 -3.70 -0.88 -6.66
CA ALA A 15 -3.72 -2.24 -7.21
C ALA A 15 -2.78 -2.44 -8.42
N ASP A 16 -2.37 -1.36 -9.08
CA ASP A 16 -1.47 -1.47 -10.23
C ASP A 16 -0.02 -1.56 -9.76
N GLY A 17 0.25 -1.01 -8.58
CA GLY A 17 1.60 -0.98 -8.06
C GLY A 17 2.16 0.42 -7.88
N ALA A 18 1.32 1.44 -8.11
CA ALA A 18 1.76 2.85 -7.99
C ALA A 18 1.53 3.38 -6.56
N GLU A 19 2.59 3.86 -5.92
CA GLU A 19 2.50 4.33 -4.53
C GLU A 19 1.64 5.61 -4.42
N ILE A 20 0.39 5.39 -4.03
CA ILE A 20 -0.61 6.46 -3.91
C ILE A 20 -0.39 7.32 -2.66
N ALA A 21 0.65 7.02 -1.89
CA ALA A 21 0.87 7.70 -0.60
C ALA A 21 2.35 7.67 -0.20
N PRO A 22 2.79 8.64 0.64
CA PRO A 22 4.16 8.65 1.17
C PRO A 22 4.59 7.31 1.77
N SER A 23 5.83 6.92 1.50
CA SER A 23 6.34 5.61 1.89
C SER A 23 7.46 5.74 2.95
N ASP A 24 7.40 4.88 3.96
CA ASP A 24 8.29 5.00 5.13
C ASP A 24 9.58 4.18 4.95
N THR A 25 10.56 4.44 5.83
CA THR A 25 11.78 3.63 5.89
C THR A 25 12.08 3.24 7.34
N LEU A 26 11.81 2.00 7.69
CA LEU A 26 12.07 1.49 9.04
C LEU A 26 13.55 1.12 9.23
N THR A 27 14.22 1.78 10.19
CA THR A 27 15.61 1.47 10.52
C THR A 27 15.70 0.52 11.73
N ASP A 28 14.55 0.30 12.38
CA ASP A 28 14.45 -0.66 13.49
C ASP A 28 14.76 -2.09 13.03
N TYR A 29 15.59 -2.81 13.79
CA TYR A 29 15.97 -4.19 13.42
C TYR A 29 14.74 -5.08 13.20
N HIS A 30 13.80 -5.04 14.14
CA HIS A 30 12.53 -5.74 13.95
C HIS A 30 11.53 -4.85 13.21
N TYR A 31 11.60 -4.87 11.88
CA TYR A 31 10.71 -4.05 11.08
C TYR A 31 9.27 -4.61 11.11
N VAL A 32 8.41 -3.95 11.86
CA VAL A 32 6.99 -4.29 11.90
C VAL A 32 6.17 -3.10 11.40
N SER A 33 5.59 -3.24 10.21
CA SER A 33 4.93 -2.10 9.53
C SER A 33 3.42 -2.04 9.81
N THR A 34 2.81 -0.91 9.46
CA THR A 34 1.38 -0.69 9.68
C THR A 34 0.67 -0.25 8.38
N PRO A 35 -0.48 -0.85 8.04
CA PRO A 35 -1.26 -0.48 6.85
C PRO A 35 -2.01 0.86 7.02
N LYS A 36 -1.79 1.79 6.11
CA LYS A 36 -2.46 3.09 6.15
C LYS A 36 -3.77 3.06 5.37
N ASP A 37 -4.91 3.10 6.07
CA ASP A 37 -6.20 3.18 5.38
C ASP A 37 -6.37 4.59 4.79
N ILE A 38 -5.89 4.75 3.56
CA ILE A 38 -5.79 6.05 2.89
C ILE A 38 -7.17 6.63 2.52
N PRO A 39 -7.39 7.94 2.72
CA PRO A 39 -8.63 8.62 2.29
C PRO A 39 -8.90 8.43 0.79
N GLY A 40 -9.90 7.62 0.45
CA GLY A 40 -10.20 7.31 -0.95
C GLY A 40 -9.72 5.93 -1.37
N TYR A 41 -8.96 5.28 -0.51
CA TYR A 41 -8.45 3.92 -0.76
C TYR A 41 -8.62 3.00 0.46
N LYS A 42 -8.77 1.70 0.20
CA LYS A 42 -8.93 0.72 1.29
C LYS A 42 -7.95 -0.44 1.14
N LEU A 43 -7.46 -0.97 2.26
CA LEU A 43 -6.46 -2.06 2.24
C LEU A 43 -7.03 -3.36 1.65
N ARG A 44 -6.40 -3.82 0.56
CA ARG A 44 -6.77 -5.11 -0.04
C ARG A 44 -6.12 -6.28 0.71
N GLU A 45 -4.80 -6.19 0.91
CA GLU A 45 -4.05 -7.32 1.48
C GLU A 45 -2.74 -6.86 2.15
N ILE A 46 -2.34 -7.58 3.19
CA ILE A 46 -1.06 -7.33 3.87
C ILE A 46 0.00 -8.35 3.44
N PRO A 47 1.12 -7.89 2.85
CA PRO A 47 2.20 -8.78 2.38
C PRO A 47 2.86 -9.59 3.52
N HIS A 48 3.21 -10.85 3.24
CA HIS A 48 3.92 -11.70 4.21
C HIS A 48 5.22 -11.03 4.69
N ASN A 49 5.75 -10.14 3.85
CA ASN A 49 7.01 -9.44 4.11
C ASN A 49 6.81 -8.23 5.05
N ALA A 50 5.61 -8.08 5.62
CA ALA A 50 5.28 -6.93 6.47
C ALA A 50 5.84 -7.03 7.90
N THR A 51 6.33 -8.21 8.28
CA THR A 51 6.87 -8.43 9.64
C THR A 51 8.15 -9.29 9.61
N GLY A 52 9.12 -8.93 10.45
CA GLY A 52 10.31 -9.74 10.59
C GLY A 52 11.52 -8.96 11.11
N ASN A 53 12.70 -9.58 11.03
CA ASN A 53 13.95 -8.90 11.37
C ASN A 53 14.74 -8.56 10.11
N ILE A 54 15.38 -7.39 10.10
CA ILE A 54 16.14 -6.98 8.93
C ILE A 54 17.38 -7.85 8.74
N THR A 55 17.24 -8.89 7.94
CA THR A 55 18.34 -9.81 7.63
C THR A 55 19.02 -9.44 6.31
N ASP A 56 18.48 -8.43 5.65
CA ASP A 56 19.01 -7.92 4.38
C ASP A 56 18.64 -6.43 4.24
N THR A 57 19.49 -5.65 3.57
CA THR A 57 19.23 -4.21 3.41
C THR A 57 18.39 -3.93 2.16
N GLY A 58 17.58 -2.88 2.23
CA GLY A 58 16.72 -2.52 1.10
C GLY A 58 15.47 -3.38 0.98
N ILE A 59 15.01 -3.95 2.09
CA ILE A 59 13.77 -4.72 2.10
C ILE A 59 12.57 -3.78 1.93
N ILE A 60 11.61 -4.15 1.07
CA ILE A 60 10.46 -3.29 0.83
C ILE A 60 9.13 -3.99 1.15
N VAL A 61 8.39 -3.43 2.12
CA VAL A 61 7.05 -3.88 2.45
C VAL A 61 6.01 -3.07 1.66
N ARG A 62 5.42 -3.67 0.65
CA ARG A 62 4.50 -2.95 -0.24
C ARG A 62 3.04 -3.39 -0.04
N TYR A 63 2.24 -2.51 0.56
CA TYR A 63 0.80 -2.77 0.78
C TYR A 63 -0.03 -2.44 -0.47
N ILE A 64 -1.01 -3.30 -0.74
CA ILE A 64 -1.90 -3.14 -1.91
C ILE A 64 -3.27 -2.58 -1.47
N TYR A 65 -3.69 -1.48 -2.10
CA TYR A 65 -4.99 -0.85 -1.77
C TYR A 65 -5.95 -0.84 -2.97
N ASP A 66 -7.24 -0.93 -2.67
CA ASP A 66 -8.29 -0.78 -3.66
C ASP A 66 -8.82 0.66 -3.72
N LYS A 67 -9.06 1.15 -4.92
CA LYS A 67 -9.64 2.48 -5.11
C LYS A 67 -11.11 2.50 -4.66
N ILE A 68 -11.44 3.40 -3.74
CA ILE A 68 -12.81 3.52 -3.26
C ILE A 68 -13.62 4.44 -4.17
N ILE A 69 -14.44 3.83 -5.02
CA ILE A 69 -15.30 4.57 -5.95
C ILE A 69 -16.79 4.35 -5.60
N ASP A 70 -17.04 3.95 -4.35
CA ASP A 70 -18.35 3.59 -3.88
C ASP A 70 -18.24 3.28 -2.41
N VAL A 71 -19.35 3.11 -1.74
CA VAL A 71 -19.32 2.98 -0.31
C VAL A 71 -18.86 1.58 0.17
N SER A 72 -17.54 1.38 0.09
CA SER A 72 -16.90 0.12 0.51
C SER A 72 -17.38 -1.08 -0.31
N TYR A 73 -18.02 -0.82 -1.44
CA TYR A 73 -18.59 -1.87 -2.29
C TYR A 73 -17.51 -2.61 -3.10
N VAL A 74 -17.07 -3.75 -2.57
CA VAL A 74 -16.10 -4.62 -3.26
C VAL A 74 -16.65 -6.04 -3.42
N ASP A 75 -16.56 -6.59 -4.63
CA ASP A 75 -17.09 -7.93 -4.93
C ASP A 75 -16.40 -9.04 -4.13
N GLU A 76 -15.07 -8.96 -4.06
CA GLU A 76 -14.21 -9.99 -3.42
C GLU A 76 -14.17 -11.30 -4.24
N THR A 77 -15.35 -11.82 -4.59
CA THR A 77 -15.50 -13.02 -5.45
C THR A 77 -14.72 -14.24 -4.93
N GLY A 78 -13.49 -14.44 -5.42
CA GLY A 78 -12.71 -15.61 -5.06
C GLY A 78 -13.39 -16.91 -5.50
N LYS A 79 -13.81 -17.71 -4.51
CA LYS A 79 -14.56 -18.94 -4.77
C LYS A 79 -15.55 -19.22 -3.62
N ASP A 80 -15.07 -19.03 -2.39
CA ASP A 80 -15.84 -19.36 -1.18
C ASP A 80 -16.95 -18.33 -0.90
N LEU A 81 -18.14 -18.58 -1.45
CA LEU A 81 -19.32 -17.75 -1.19
C LEU A 81 -20.62 -18.37 -1.73
N LEU A 82 -21.76 -17.84 -1.28
CA LEU A 82 -23.08 -18.28 -1.75
C LEU A 82 -23.90 -17.09 -2.29
N PRO A 83 -24.06 -16.99 -3.63
CA PRO A 83 -24.88 -15.95 -4.26
C PRO A 83 -26.39 -16.18 -4.04
N VAL A 84 -27.22 -15.43 -4.79
CA VAL A 84 -28.68 -15.59 -4.72
C VAL A 84 -29.12 -17.00 -5.18
N VAL A 85 -30.05 -17.60 -4.43
CA VAL A 85 -30.55 -18.95 -4.75
C VAL A 85 -31.46 -18.91 -6.00
N GLU A 86 -31.00 -19.54 -7.08
CA GLU A 86 -31.71 -19.55 -8.37
C GLU A 86 -31.80 -18.14 -8.97
N ILE A 87 -32.42 -18.05 -10.15
CA ILE A 87 -32.45 -16.81 -10.94
C ILE A 87 -31.03 -16.42 -11.40
N ILE A 88 -30.82 -16.39 -12.71
CA ILE A 88 -29.53 -15.98 -13.26
C ILE A 88 -29.38 -14.45 -13.28
N ASN A 89 -28.20 -13.97 -13.67
CA ASN A 89 -27.88 -12.53 -13.73
C ASN A 89 -27.70 -11.92 -12.33
N SER A 90 -28.78 -11.97 -11.52
CA SER A 90 -28.77 -11.42 -10.16
C SER A 90 -28.64 -9.89 -10.15
N GLU A 91 -27.43 -9.38 -10.36
CA GLU A 91 -27.16 -7.94 -10.30
C GLU A 91 -27.96 -7.16 -11.35
N ALA A 92 -28.83 -6.26 -10.88
CA ALA A 92 -29.66 -5.40 -11.74
C ALA A 92 -30.57 -6.20 -12.70
N ALA A 93 -30.61 -7.53 -12.54
CA ALA A 93 -31.40 -8.40 -13.42
C ALA A 93 -31.14 -8.11 -14.92
N VAL A 94 -29.90 -8.28 -15.35
CA VAL A 94 -29.54 -8.02 -16.75
C VAL A 94 -29.90 -9.23 -17.65
N LEU A 95 -31.17 -9.33 -18.02
CA LEU A 95 -31.65 -10.44 -18.85
C LEU A 95 -31.18 -10.34 -20.31
N GLU A 96 -30.16 -11.11 -20.65
CA GLU A 96 -29.74 -11.27 -22.05
C GLU A 96 -30.34 -12.56 -22.63
N HIS A 97 -31.37 -12.41 -23.46
CA HIS A 97 -32.09 -13.56 -24.00
C HIS A 97 -31.58 -13.94 -25.40
N HIS A 98 -31.06 -15.15 -25.55
CA HIS A 98 -30.50 -15.60 -26.82
C HIS A 98 -31.60 -16.03 -27.83
N HIS A 99 -31.30 -15.89 -29.11
CA HIS A 99 -32.21 -16.31 -30.18
C HIS A 99 -31.57 -17.41 -31.04
N HIS A 100 -32.16 -17.69 -32.20
CA HIS A 100 -31.57 -18.65 -33.15
C HIS A 100 -31.89 -18.28 -34.61
N HIS A 101 -30.89 -18.33 -35.47
CA HIS A 101 -31.05 -18.01 -36.90
C HIS A 101 -30.48 -19.13 -37.78
N HIS A 102 -31.37 -19.89 -38.42
CA HIS A 102 -30.97 -20.99 -39.29
C HIS A 102 -30.69 -20.52 -40.73
N MET A 1 31.17 4.06 1.21
CA MET A 1 31.47 5.13 2.20
C MET A 1 30.21 5.53 3.00
N ASP A 2 30.41 6.28 4.08
CA ASP A 2 29.33 6.79 4.94
C ASP A 2 28.82 5.73 5.92
N THR A 3 27.77 4.99 5.53
CA THR A 3 27.19 3.95 6.40
C THR A 3 26.36 2.95 5.59
N ASN A 4 26.51 1.66 5.89
CA ASN A 4 25.67 0.63 5.28
C ASN A 4 24.39 0.43 6.11
N ASN A 5 23.37 1.22 5.80
CA ASN A 5 22.11 1.19 6.56
C ASN A 5 21.24 -0.03 6.17
N PHE A 6 21.21 -1.04 7.04
CA PHE A 6 20.29 -2.16 6.87
C PHE A 6 18.87 -1.75 7.30
N THR A 7 18.13 -1.20 6.35
CA THR A 7 16.78 -0.69 6.62
C THR A 7 15.74 -1.31 5.67
N VAL A 8 14.47 -1.13 6.00
CA VAL A 8 13.37 -1.65 5.19
C VAL A 8 12.43 -0.53 4.71
N LYS A 9 12.40 -0.32 3.40
CA LYS A 9 11.47 0.63 2.78
C LYS A 9 10.04 0.07 2.76
N VAL A 10 9.09 0.88 3.20
CA VAL A 10 7.68 0.49 3.17
C VAL A 10 6.89 1.42 2.24
N GLU A 11 6.39 0.87 1.14
CA GLU A 11 5.65 1.66 0.14
C GLU A 11 4.18 1.25 0.09
N TYR A 12 3.29 2.21 -0.17
CA TYR A 12 1.85 1.95 -0.17
C TYR A 12 1.26 2.22 -1.56
N VAL A 13 0.90 1.15 -2.27
CA VAL A 13 0.53 1.24 -3.68
C VAL A 13 -0.90 0.74 -3.95
N ASP A 14 -1.44 1.11 -5.10
CA ASP A 14 -2.78 0.66 -5.51
C ASP A 14 -2.77 -0.79 -6.04
N ALA A 15 -3.89 -1.22 -6.61
CA ALA A 15 -4.02 -2.60 -7.10
C ALA A 15 -3.17 -2.88 -8.35
N ASP A 16 -2.71 -1.82 -9.02
CA ASP A 16 -1.84 -1.98 -10.19
C ASP A 16 -0.36 -2.02 -9.77
N GLY A 17 -0.05 -1.38 -8.63
CA GLY A 17 1.31 -1.34 -8.14
C GLY A 17 1.92 0.06 -8.21
N ALA A 18 1.06 1.09 -8.18
CA ALA A 18 1.51 2.48 -8.16
C ALA A 18 1.24 3.12 -6.80
N GLU A 19 2.28 3.62 -6.15
CA GLU A 19 2.15 4.14 -4.78
C GLU A 19 1.26 5.38 -4.71
N ILE A 20 0.31 5.32 -3.80
CA ILE A 20 -0.71 6.36 -3.62
C ILE A 20 -0.47 7.15 -2.32
N ALA A 21 0.63 6.84 -1.64
CA ALA A 21 0.90 7.40 -0.31
C ALA A 21 2.41 7.44 -0.03
N PRO A 22 2.87 8.41 0.80
CA PRO A 22 4.28 8.51 1.18
C PRO A 22 4.86 7.20 1.71
N SER A 23 6.13 6.98 1.43
CA SER A 23 6.80 5.72 1.74
C SER A 23 7.71 5.87 2.96
N ASP A 24 7.78 4.83 3.79
CA ASP A 24 8.54 4.87 5.04
C ASP A 24 9.88 4.13 4.92
N THR A 25 10.75 4.34 5.91
CA THR A 25 12.02 3.62 6.00
C THR A 25 12.27 3.16 7.44
N LEU A 26 12.08 1.86 7.70
CA LEU A 26 12.22 1.31 9.04
C LEU A 26 13.67 0.90 9.33
N THR A 27 14.28 1.57 10.31
CA THR A 27 15.67 1.26 10.73
C THR A 27 15.69 0.32 11.94
N ASP A 28 14.52 -0.05 12.43
CA ASP A 28 14.40 -0.96 13.57
C ASP A 28 14.73 -2.41 13.14
N TYR A 29 15.52 -3.12 13.94
CA TYR A 29 15.82 -4.54 13.65
C TYR A 29 14.51 -5.33 13.43
N HIS A 30 13.46 -4.96 14.16
CA HIS A 30 12.15 -5.54 13.93
C HIS A 30 11.27 -4.59 13.12
N TYR A 31 11.38 -4.67 11.80
CA TYR A 31 10.55 -3.83 10.93
C TYR A 31 9.08 -4.29 10.99
N VAL A 32 8.36 -3.73 11.96
CA VAL A 32 6.95 -4.03 12.13
C VAL A 32 6.10 -2.82 11.72
N SER A 33 5.41 -2.93 10.59
CA SER A 33 4.63 -1.81 10.03
C SER A 33 3.13 -2.08 10.08
N THR A 34 2.35 -1.09 9.68
CA THR A 34 0.88 -1.16 9.71
C THR A 34 0.26 -0.50 8.46
N PRO A 35 -0.85 -1.06 7.94
CA PRO A 35 -1.60 -0.43 6.85
C PRO A 35 -2.18 0.94 7.25
N LYS A 36 -1.98 1.94 6.40
CA LYS A 36 -2.49 3.29 6.69
C LYS A 36 -3.91 3.48 6.16
N ASP A 37 -4.73 4.26 6.87
CA ASP A 37 -6.08 4.56 6.42
C ASP A 37 -6.05 5.67 5.36
N ILE A 38 -5.68 5.30 4.15
CA ILE A 38 -5.52 6.26 3.05
C ILE A 38 -6.88 6.82 2.59
N PRO A 39 -7.06 8.16 2.65
CA PRO A 39 -8.34 8.79 2.26
C PRO A 39 -8.78 8.45 0.83
N GLY A 40 -9.67 7.47 0.70
CA GLY A 40 -10.19 7.07 -0.60
C GLY A 40 -9.66 5.72 -1.07
N TYR A 41 -8.84 5.06 -0.25
CA TYR A 41 -8.30 3.74 -0.58
C TYR A 41 -8.40 2.76 0.60
N LYS A 42 -8.63 1.48 0.29
CA LYS A 42 -8.80 0.43 1.30
C LYS A 42 -7.77 -0.69 1.09
N LEU A 43 -7.24 -1.23 2.19
CA LEU A 43 -6.23 -2.30 2.13
C LEU A 43 -6.75 -3.53 1.35
N ARG A 44 -6.21 -3.74 0.16
CA ARG A 44 -6.56 -4.89 -0.68
C ARG A 44 -6.00 -6.20 -0.10
N GLU A 45 -4.70 -6.20 0.19
CA GLU A 45 -4.01 -7.39 0.67
C GLU A 45 -2.69 -7.04 1.40
N ILE A 46 -2.23 -7.98 2.22
CA ILE A 46 -0.99 -7.80 2.98
C ILE A 46 0.21 -8.48 2.31
N PRO A 47 1.37 -7.81 2.26
CA PRO A 47 2.62 -8.36 1.69
C PRO A 47 3.28 -9.42 2.61
N HIS A 48 4.02 -10.34 2.00
CA HIS A 48 4.67 -11.45 2.74
C HIS A 48 5.65 -10.95 3.82
N ASN A 49 6.11 -9.71 3.68
CA ASN A 49 7.12 -9.14 4.58
C ASN A 49 6.58 -7.96 5.39
N ALA A 50 5.27 -7.96 5.69
CA ALA A 50 4.64 -6.88 6.46
C ALA A 50 5.37 -6.59 7.79
N THR A 51 5.74 -7.65 8.52
CA THR A 51 6.47 -7.51 9.79
C THR A 51 7.53 -8.60 9.93
N GLY A 52 8.72 -8.23 10.39
CA GLY A 52 9.78 -9.22 10.60
C GLY A 52 11.05 -8.64 11.22
N ASN A 53 12.19 -9.27 10.91
CA ASN A 53 13.50 -8.83 11.42
C ASN A 53 14.47 -8.54 10.27
N ILE A 54 15.00 -7.30 10.23
CA ILE A 54 15.92 -6.88 9.18
C ILE A 54 17.15 -7.78 9.13
N THR A 55 17.12 -8.77 8.24
CA THR A 55 18.26 -9.65 8.02
C THR A 55 18.98 -9.31 6.70
N ASP A 56 18.48 -8.28 6.02
CA ASP A 56 19.10 -7.77 4.80
C ASP A 56 18.65 -6.32 4.54
N THR A 57 19.40 -5.61 3.69
CA THR A 57 19.11 -4.19 3.40
C THR A 57 18.41 -4.01 2.04
N GLY A 58 17.58 -2.98 1.95
CA GLY A 58 16.86 -2.69 0.71
C GLY A 58 15.55 -3.46 0.57
N ILE A 59 15.10 -4.08 1.67
CA ILE A 59 13.83 -4.81 1.68
C ILE A 59 12.65 -3.84 1.55
N ILE A 60 11.77 -4.08 0.59
CA ILE A 60 10.61 -3.21 0.38
C ILE A 60 9.28 -3.91 0.70
N VAL A 61 8.58 -3.38 1.70
CA VAL A 61 7.25 -3.86 2.08
C VAL A 61 6.18 -3.02 1.39
N ARG A 62 5.44 -3.63 0.46
CA ARG A 62 4.42 -2.91 -0.32
C ARG A 62 3.00 -3.31 0.08
N TYR A 63 2.28 -2.37 0.70
CA TYR A 63 0.86 -2.56 1.03
C TYR A 63 0.00 -2.20 -0.17
N ILE A 64 -0.88 -3.12 -0.57
CA ILE A 64 -1.71 -2.96 -1.77
C ILE A 64 -3.11 -2.45 -1.40
N TYR A 65 -3.60 -1.42 -2.10
CA TYR A 65 -4.93 -0.84 -1.81
C TYR A 65 -5.85 -0.80 -3.05
N ASP A 66 -7.14 -1.01 -2.83
CA ASP A 66 -8.18 -0.75 -3.83
C ASP A 66 -8.87 0.59 -3.55
N LYS A 67 -9.26 1.31 -4.59
CA LYS A 67 -9.85 2.64 -4.41
C LYS A 67 -11.30 2.55 -3.91
N ILE A 68 -11.57 3.15 -2.75
CA ILE A 68 -12.90 3.13 -2.14
C ILE A 68 -13.90 3.98 -2.93
N ILE A 69 -14.81 3.32 -3.64
CA ILE A 69 -15.88 4.02 -4.37
C ILE A 69 -17.12 4.20 -3.47
N ASP A 70 -17.37 3.19 -2.65
CA ASP A 70 -18.54 3.16 -1.73
C ASP A 70 -19.83 2.97 -2.51
N VAL A 71 -20.65 2.03 -2.06
CA VAL A 71 -21.88 1.70 -2.77
C VAL A 71 -23.08 1.56 -1.83
N SER A 72 -22.86 1.80 -0.53
CA SER A 72 -23.89 1.62 0.51
C SER A 72 -24.31 0.15 0.64
N TYR A 73 -25.05 -0.33 -0.36
CA TYR A 73 -25.52 -1.73 -0.41
C TYR A 73 -26.49 -2.05 0.75
N VAL A 74 -27.07 -1.00 1.34
CA VAL A 74 -28.06 -1.16 2.39
C VAL A 74 -29.41 -1.64 1.83
N ASP A 75 -30.02 -2.60 2.51
CA ASP A 75 -31.27 -3.24 2.06
C ASP A 75 -32.39 -2.23 1.78
N GLU A 76 -32.38 -1.11 2.51
CA GLU A 76 -33.36 -0.04 2.31
C GLU A 76 -33.34 0.47 0.86
N THR A 77 -32.15 0.54 0.27
CA THR A 77 -32.00 0.93 -1.14
C THR A 77 -31.71 -0.28 -2.04
N GLY A 78 -30.53 -0.87 -1.89
CA GLY A 78 -30.13 -2.02 -2.70
C GLY A 78 -30.27 -1.81 -4.21
N LYS A 79 -30.41 -0.55 -4.64
CA LYS A 79 -30.59 -0.24 -6.07
C LYS A 79 -29.26 0.14 -6.74
N ASP A 80 -28.20 0.26 -5.95
CA ASP A 80 -26.86 0.51 -6.49
C ASP A 80 -26.03 -0.79 -6.54
N LEU A 81 -26.08 -1.49 -7.67
CA LEU A 81 -25.35 -2.77 -7.83
C LEU A 81 -24.48 -2.76 -9.09
N LEU A 82 -24.02 -3.96 -9.48
CA LEU A 82 -23.27 -4.17 -10.73
C LEU A 82 -21.85 -3.58 -10.67
N PRO A 83 -20.83 -4.46 -10.49
CA PRO A 83 -19.42 -4.03 -10.47
C PRO A 83 -18.91 -3.61 -11.86
N VAL A 84 -18.76 -2.31 -12.07
CA VAL A 84 -18.22 -1.79 -13.33
C VAL A 84 -16.70 -2.00 -13.42
N VAL A 85 -16.28 -3.08 -14.09
CA VAL A 85 -14.86 -3.44 -14.21
C VAL A 85 -14.40 -3.54 -15.68
N GLU A 86 -13.15 -3.16 -15.92
CA GLU A 86 -12.56 -3.25 -17.26
C GLU A 86 -11.17 -3.92 -17.20
N ILE A 87 -11.08 -5.16 -17.68
CA ILE A 87 -9.81 -5.89 -17.64
C ILE A 87 -9.00 -5.67 -18.93
N ILE A 88 -8.08 -4.71 -18.88
CA ILE A 88 -7.18 -4.44 -19.99
C ILE A 88 -5.83 -5.17 -19.81
N ASN A 89 -5.24 -5.60 -20.91
CA ASN A 89 -3.96 -6.33 -20.87
C ASN A 89 -2.76 -5.37 -20.78
N SER A 90 -1.55 -5.92 -20.90
CA SER A 90 -0.32 -5.11 -20.95
C SER A 90 -0.16 -4.48 -22.35
N GLU A 91 0.96 -3.79 -22.58
CA GLU A 91 1.22 -3.18 -23.88
C GLU A 91 1.18 -4.23 -25.00
N ALA A 92 0.14 -4.17 -25.85
CA ALA A 92 -0.07 -5.15 -26.92
C ALA A 92 -0.23 -6.58 -26.39
N ALA A 93 -0.30 -6.72 -25.06
CA ALA A 93 -0.33 -8.03 -24.40
C ALA A 93 0.86 -8.91 -24.83
N VAL A 94 2.02 -8.27 -25.03
CA VAL A 94 3.24 -8.94 -25.48
C VAL A 94 3.58 -10.17 -24.60
N LEU A 95 3.92 -11.28 -25.27
CA LEU A 95 4.26 -12.53 -24.59
C LEU A 95 5.56 -13.13 -25.16
N GLU A 96 6.30 -12.33 -25.91
CA GLU A 96 7.55 -12.76 -26.57
C GLU A 96 8.54 -13.40 -25.58
N HIS A 97 8.50 -14.73 -25.47
CA HIS A 97 9.41 -15.48 -24.60
C HIS A 97 10.52 -16.14 -25.43
N HIS A 98 11.76 -15.70 -25.23
CA HIS A 98 12.92 -16.30 -25.92
C HIS A 98 14.04 -16.64 -24.94
N HIS A 99 15.06 -17.36 -25.42
CA HIS A 99 16.21 -17.73 -24.61
C HIS A 99 17.43 -16.87 -24.94
N HIS A 100 18.51 -17.03 -24.18
CA HIS A 100 19.76 -16.30 -24.43
C HIS A 100 20.65 -17.01 -25.47
N HIS A 101 21.88 -16.53 -25.66
CA HIS A 101 22.78 -17.08 -26.68
C HIS A 101 24.26 -16.86 -26.31
N HIS A 102 25.07 -17.90 -26.50
CA HIS A 102 26.53 -17.82 -26.29
C HIS A 102 27.28 -17.50 -27.59
N MET A 1 23.73 2.09 -6.31
CA MET A 1 23.60 1.59 -4.90
C MET A 1 24.99 1.50 -4.25
N ASP A 2 25.30 2.44 -3.34
CA ASP A 2 26.61 2.47 -2.68
C ASP A 2 26.50 2.15 -1.18
N THR A 3 25.79 3.01 -0.45
CA THR A 3 25.60 2.83 1.00
C THR A 3 24.66 1.64 1.30
N ASN A 4 25.17 0.65 2.05
CA ASN A 4 24.40 -0.54 2.41
C ASN A 4 23.04 -0.18 3.05
N ASN A 5 23.09 0.46 4.22
CA ASN A 5 21.88 0.89 4.95
C ASN A 5 20.87 -0.25 5.13
N PHE A 6 21.19 -1.20 6.01
CA PHE A 6 20.26 -2.30 6.33
C PHE A 6 18.94 -1.76 6.89
N THR A 7 18.00 -1.47 6.00
CA THR A 7 16.71 -0.87 6.37
C THR A 7 15.55 -1.47 5.59
N VAL A 8 14.34 -1.30 6.11
CA VAL A 8 13.15 -1.82 5.46
C VAL A 8 12.24 -0.69 4.95
N LYS A 9 12.23 -0.50 3.64
CA LYS A 9 11.33 0.48 3.03
C LYS A 9 9.89 -0.02 3.05
N VAL A 10 8.94 0.90 3.17
CA VAL A 10 7.53 0.55 3.05
C VAL A 10 6.82 1.41 2.00
N GLU A 11 6.38 0.78 0.90
CA GLU A 11 5.58 1.45 -0.14
C GLU A 11 4.09 1.08 -0.02
N TYR A 12 3.23 2.05 -0.33
CA TYR A 12 1.78 1.86 -0.27
C TYR A 12 1.17 2.17 -1.65
N VAL A 13 0.82 1.13 -2.39
CA VAL A 13 0.47 1.30 -3.80
C VAL A 13 -0.96 0.81 -4.12
N ASP A 14 -1.60 1.50 -5.07
CA ASP A 14 -2.90 1.10 -5.59
C ASP A 14 -2.78 -0.22 -6.38
N ALA A 15 -3.92 -0.81 -6.74
CA ALA A 15 -3.94 -2.08 -7.49
C ALA A 15 -3.17 -2.00 -8.82
N ASP A 16 -2.92 -0.80 -9.32
CA ASP A 16 -2.17 -0.62 -10.57
C ASP A 16 -0.68 -0.34 -10.28
N GLY A 17 -0.29 -0.58 -9.03
CA GLY A 17 1.11 -0.45 -8.65
C GLY A 17 1.57 0.98 -8.42
N ALA A 18 0.65 1.93 -8.53
CA ALA A 18 0.98 3.35 -8.32
C ALA A 18 0.90 3.70 -6.83
N GLU A 19 2.04 4.10 -6.25
CA GLU A 19 2.09 4.38 -4.81
C GLU A 19 1.25 5.61 -4.45
N ILE A 20 0.20 5.38 -3.70
CA ILE A 20 -0.79 6.40 -3.36
C ILE A 20 -0.43 7.12 -2.06
N ALA A 21 0.69 6.73 -1.45
CA ALA A 21 1.04 7.22 -0.12
C ALA A 21 2.56 7.30 0.07
N PRO A 22 3.03 8.15 1.01
CA PRO A 22 4.47 8.32 1.28
C PRO A 22 5.20 7.00 1.63
N SER A 23 6.39 6.82 1.06
CA SER A 23 7.22 5.65 1.35
C SER A 23 8.03 5.88 2.64
N ASP A 24 7.99 4.89 3.54
CA ASP A 24 8.69 5.00 4.83
C ASP A 24 10.02 4.25 4.84
N THR A 25 10.84 4.51 5.86
CA THR A 25 12.12 3.82 6.03
C THR A 25 12.25 3.28 7.46
N LEU A 26 12.09 1.97 7.62
CA LEU A 26 12.20 1.33 8.93
C LEU A 26 13.66 1.03 9.28
N THR A 27 14.20 1.78 10.24
CA THR A 27 15.58 1.60 10.71
C THR A 27 15.65 0.64 11.92
N ASP A 28 14.49 0.26 12.42
CA ASP A 28 14.38 -0.64 13.57
C ASP A 28 14.65 -2.10 13.15
N TYR A 29 15.53 -2.80 13.89
CA TYR A 29 15.83 -4.20 13.59
C TYR A 29 14.55 -5.05 13.48
N HIS A 30 13.74 -5.06 14.54
CA HIS A 30 12.47 -5.78 14.50
C HIS A 30 11.38 -4.90 13.86
N TYR A 31 11.38 -4.86 12.53
CA TYR A 31 10.47 -4.00 11.79
C TYR A 31 9.05 -4.58 11.73
N VAL A 32 8.08 -3.77 12.15
CA VAL A 32 6.66 -4.13 12.08
C VAL A 32 5.88 -2.97 11.45
N SER A 33 5.40 -3.18 10.21
CA SER A 33 4.78 -2.10 9.43
C SER A 33 3.25 -2.06 9.60
N THR A 34 2.67 -0.92 9.25
CA THR A 34 1.21 -0.72 9.37
C THR A 34 0.61 -0.15 8.07
N PRO A 35 -0.63 -0.55 7.73
CA PRO A 35 -1.37 0.07 6.62
C PRO A 35 -1.84 1.50 6.96
N LYS A 36 -1.31 2.50 6.25
CA LYS A 36 -1.64 3.91 6.52
C LYS A 36 -3.14 4.21 6.38
N ASP A 37 -3.59 5.26 7.05
CA ASP A 37 -4.94 5.77 6.88
C ASP A 37 -5.07 6.54 5.57
N ILE A 38 -5.42 5.84 4.50
CA ILE A 38 -5.58 6.45 3.18
C ILE A 38 -7.06 6.69 2.84
N PRO A 39 -7.52 7.96 2.93
CA PRO A 39 -8.93 8.30 2.66
C PRO A 39 -9.35 8.01 1.21
N GLY A 40 -10.12 6.93 1.03
CA GLY A 40 -10.60 6.56 -0.30
C GLY A 40 -9.95 5.31 -0.87
N TYR A 41 -9.20 4.58 -0.04
CA TYR A 41 -8.57 3.32 -0.48
C TYR A 41 -8.82 2.17 0.51
N LYS A 42 -9.03 0.98 -0.06
CA LYS A 42 -9.34 -0.22 0.74
C LYS A 42 -8.18 -1.24 0.67
N LEU A 43 -7.62 -1.61 1.82
CA LEU A 43 -6.51 -2.58 1.84
C LEU A 43 -7.00 -3.98 1.46
N ARG A 44 -6.49 -4.52 0.35
CA ARG A 44 -6.92 -5.84 -0.13
C ARG A 44 -6.08 -6.98 0.48
N GLU A 45 -4.80 -6.71 0.75
CA GLU A 45 -3.89 -7.74 1.27
C GLU A 45 -2.65 -7.13 1.95
N ILE A 46 -1.98 -7.93 2.77
CA ILE A 46 -0.75 -7.54 3.45
C ILE A 46 0.44 -8.41 2.98
N PRO A 47 1.56 -7.79 2.56
CA PRO A 47 2.75 -8.50 2.09
C PRO A 47 3.40 -9.41 3.16
N HIS A 48 3.96 -10.53 2.74
CA HIS A 48 4.55 -11.52 3.66
C HIS A 48 5.63 -10.89 4.57
N ASN A 49 6.33 -9.90 4.05
CA ASN A 49 7.44 -9.27 4.78
C ASN A 49 7.00 -8.03 5.55
N ALA A 50 5.71 -7.95 5.88
CA ALA A 50 5.18 -6.80 6.64
C ALA A 50 5.69 -6.78 8.10
N THR A 51 6.01 -7.96 8.64
CA THR A 51 6.50 -8.09 10.01
C THR A 51 7.70 -9.04 10.09
N GLY A 52 8.79 -8.60 10.73
CA GLY A 52 9.94 -9.46 10.92
C GLY A 52 11.18 -8.74 11.45
N ASN A 53 12.36 -9.27 11.15
CA ASN A 53 13.63 -8.68 11.58
C ASN A 53 14.51 -8.33 10.36
N ILE A 54 15.25 -7.23 10.44
CA ILE A 54 16.11 -6.81 9.33
C ILE A 54 17.24 -7.83 9.09
N THR A 55 16.98 -8.75 8.19
CA THR A 55 17.95 -9.79 7.83
C THR A 55 18.67 -9.45 6.53
N ASP A 56 17.97 -8.76 5.63
CA ASP A 56 18.55 -8.31 4.36
C ASP A 56 18.83 -6.80 4.38
N THR A 57 19.51 -6.30 3.35
CA THR A 57 19.86 -4.88 3.24
C THR A 57 18.66 -4.00 2.88
N GLY A 58 18.23 -4.08 1.63
CA GLY A 58 17.11 -3.28 1.15
C GLY A 58 15.81 -4.07 1.06
N ILE A 59 15.08 -4.17 2.17
CA ILE A 59 13.79 -4.87 2.20
C ILE A 59 12.65 -3.91 1.87
N ILE A 60 11.75 -4.30 0.97
CA ILE A 60 10.62 -3.43 0.58
C ILE A 60 9.27 -4.07 0.90
N VAL A 61 8.57 -3.51 1.87
CA VAL A 61 7.20 -3.93 2.22
C VAL A 61 6.18 -3.14 1.39
N ARG A 62 5.42 -3.83 0.54
CA ARG A 62 4.49 -3.16 -0.37
C ARG A 62 3.02 -3.52 -0.06
N TYR A 63 2.28 -2.55 0.50
CA TYR A 63 0.84 -2.73 0.76
C TYR A 63 0.00 -2.39 -0.47
N ILE A 64 -0.98 -3.24 -0.78
CA ILE A 64 -1.82 -3.05 -1.97
C ILE A 64 -3.24 -2.59 -1.61
N TYR A 65 -3.67 -1.47 -2.18
CA TYR A 65 -5.02 -0.93 -1.92
C TYR A 65 -5.85 -0.83 -3.20
N ASP A 66 -7.13 -1.13 -3.07
CA ASP A 66 -8.10 -0.89 -4.13
C ASP A 66 -8.77 0.49 -3.94
N LYS A 67 -8.69 1.33 -4.95
CA LYS A 67 -9.29 2.67 -4.88
C LYS A 67 -10.82 2.60 -4.72
N ILE A 68 -11.30 3.07 -3.58
CA ILE A 68 -12.74 3.07 -3.29
C ILE A 68 -13.47 4.14 -4.12
N ILE A 69 -14.46 3.70 -4.90
CA ILE A 69 -15.26 4.63 -5.69
C ILE A 69 -16.17 5.48 -4.79
N ASP A 70 -16.45 4.93 -3.60
CA ASP A 70 -17.12 5.65 -2.52
C ASP A 70 -18.63 5.74 -2.75
N VAL A 71 -19.36 6.06 -1.70
CA VAL A 71 -20.80 5.94 -1.74
C VAL A 71 -21.51 7.30 -1.57
N SER A 72 -21.07 8.29 -2.37
CA SER A 72 -21.66 9.65 -2.40
C SER A 72 -21.18 10.54 -1.24
N TYR A 73 -20.09 10.13 -0.61
CA TYR A 73 -19.52 10.85 0.53
C TYR A 73 -18.26 11.65 0.16
N VAL A 74 -17.90 11.60 -1.12
CA VAL A 74 -16.74 12.36 -1.63
C VAL A 74 -17.17 13.54 -2.52
N ASP A 75 -16.38 14.61 -2.51
CA ASP A 75 -16.68 15.81 -3.31
C ASP A 75 -16.03 15.73 -4.71
N GLU A 76 -16.67 16.38 -5.69
CA GLU A 76 -16.20 16.37 -7.08
C GLU A 76 -14.82 17.03 -7.23
N THR A 77 -14.70 18.28 -6.82
CA THR A 77 -13.43 19.01 -6.90
C THR A 77 -12.58 18.77 -5.64
N GLY A 78 -12.93 19.45 -4.54
CA GLY A 78 -12.27 19.25 -3.26
C GLY A 78 -10.74 19.32 -3.30
N LYS A 79 -10.12 18.17 -3.58
CA LYS A 79 -8.66 18.06 -3.63
C LYS A 79 -8.04 18.95 -4.72
N ASP A 80 -8.48 18.76 -5.96
CA ASP A 80 -7.85 19.36 -7.12
C ASP A 80 -8.12 20.89 -7.23
N LEU A 81 -9.37 21.24 -7.49
CA LEU A 81 -9.79 22.65 -7.65
C LEU A 81 -9.17 23.31 -8.88
N LEU A 82 -9.28 24.65 -8.97
CA LEU A 82 -8.66 25.40 -10.06
C LEU A 82 -8.09 26.74 -9.56
N PRO A 83 -6.85 27.09 -9.97
CA PRO A 83 -6.24 28.39 -9.66
C PRO A 83 -6.70 29.52 -10.62
N VAL A 84 -6.36 30.77 -10.27
CA VAL A 84 -6.66 31.92 -11.13
C VAL A 84 -5.71 33.09 -10.82
N VAL A 85 -4.93 33.49 -11.82
CA VAL A 85 -3.93 34.56 -11.65
C VAL A 85 -3.44 35.09 -13.01
N GLU A 86 -3.60 36.39 -13.22
CA GLU A 86 -3.20 37.03 -14.49
C GLU A 86 -3.29 38.56 -14.39
N ILE A 87 -2.16 39.22 -14.15
CA ILE A 87 -2.10 40.69 -14.07
C ILE A 87 -0.85 41.25 -14.75
N ILE A 88 -1.05 42.13 -15.73
CA ILE A 88 0.06 42.84 -16.38
C ILE A 88 -0.20 44.35 -16.42
N ASN A 89 0.53 45.12 -15.60
CA ASN A 89 0.37 46.56 -15.56
C ASN A 89 1.73 47.28 -15.48
N SER A 90 2.22 47.71 -16.64
CA SER A 90 3.49 48.44 -16.74
C SER A 90 3.29 49.74 -17.51
N GLU A 91 4.07 50.78 -17.17
CA GLU A 91 3.98 52.08 -17.85
C GLU A 91 2.57 52.68 -17.73
N ALA A 92 1.88 52.34 -16.63
CA ALA A 92 0.51 52.78 -16.35
C ALA A 92 -0.51 52.16 -17.34
N ALA A 93 -0.04 51.26 -18.20
CA ALA A 93 -0.88 50.58 -19.19
C ALA A 93 -1.68 51.58 -20.05
N VAL A 94 -1.06 52.05 -21.13
CA VAL A 94 -1.72 53.00 -22.04
C VAL A 94 -2.81 52.30 -22.86
N LEU A 95 -4.05 52.37 -22.41
CA LEU A 95 -5.15 51.63 -23.03
C LEU A 95 -6.43 52.47 -23.15
N GLU A 96 -6.27 53.79 -23.14
CA GLU A 96 -7.42 54.71 -23.31
C GLU A 96 -7.82 54.78 -24.79
N HIS A 97 -8.40 53.69 -25.30
CA HIS A 97 -8.70 53.57 -26.73
C HIS A 97 -10.11 54.09 -27.09
N HIS A 98 -10.49 55.26 -26.55
CA HIS A 98 -11.81 55.84 -26.83
C HIS A 98 -11.97 56.15 -28.32
N HIS A 99 -12.77 55.33 -29.00
CA HIS A 99 -13.00 55.48 -30.45
C HIS A 99 -14.00 56.61 -30.74
N HIS A 100 -13.60 57.54 -31.60
CA HIS A 100 -14.44 58.72 -31.91
C HIS A 100 -14.48 59.02 -33.42
N HIS A 101 -15.61 59.55 -33.88
CA HIS A 101 -15.84 59.83 -35.31
C HIS A 101 -15.82 58.53 -36.15
N HIS A 102 -15.99 58.65 -37.46
CA HIS A 102 -15.95 57.48 -38.36
C HIS A 102 -14.71 57.51 -39.28
N MET A 1 26.34 1.35 15.02
CA MET A 1 27.83 1.22 14.93
C MET A 1 28.27 -0.26 14.86
N ASP A 2 27.60 -1.15 15.59
CA ASP A 2 27.95 -2.57 15.61
C ASP A 2 27.54 -3.25 14.28
N THR A 3 26.24 -3.50 14.12
CA THR A 3 25.70 -4.10 12.90
C THR A 3 25.53 -3.05 11.80
N ASN A 4 25.88 -3.40 10.56
CA ASN A 4 25.71 -2.49 9.42
C ASN A 4 24.25 -2.06 9.29
N ASN A 5 24.00 -0.79 9.60
CA ASN A 5 22.63 -0.23 9.59
C ASN A 5 21.93 -0.41 8.23
N PHE A 6 21.20 -1.51 8.10
CA PHE A 6 20.33 -1.73 6.94
C PHE A 6 18.94 -1.12 7.20
N THR A 7 18.26 -0.68 6.15
CA THR A 7 16.98 0.00 6.30
C THR A 7 15.88 -0.63 5.44
N VAL A 8 14.67 -0.64 5.96
CA VAL A 8 13.50 -1.21 5.27
C VAL A 8 12.59 -0.12 4.71
N LYS A 9 12.27 -0.21 3.44
CA LYS A 9 11.32 0.72 2.80
C LYS A 9 9.88 0.19 2.91
N VAL A 10 8.96 1.03 3.34
CA VAL A 10 7.54 0.69 3.37
C VAL A 10 6.76 1.52 2.34
N GLU A 11 6.23 0.87 1.32
CA GLU A 11 5.49 1.54 0.25
C GLU A 11 4.00 1.17 0.28
N TYR A 12 3.15 2.11 -0.14
CA TYR A 12 1.69 1.89 -0.16
C TYR A 12 1.15 2.13 -1.57
N VAL A 13 0.76 1.05 -2.27
CA VAL A 13 0.45 1.14 -3.70
C VAL A 13 -0.99 0.73 -4.04
N ASP A 14 -1.51 1.34 -5.11
CA ASP A 14 -2.83 1.04 -5.67
C ASP A 14 -2.85 -0.33 -6.38
N ALA A 15 -4.04 -0.81 -6.72
CA ALA A 15 -4.23 -2.11 -7.38
C ALA A 15 -3.44 -2.24 -8.71
N ASP A 16 -3.08 -1.10 -9.32
CA ASP A 16 -2.31 -1.10 -10.57
C ASP A 16 -0.80 -1.06 -10.30
N GLY A 17 -0.43 -0.93 -9.03
CA GLY A 17 0.97 -0.92 -8.65
C GLY A 17 1.59 0.48 -8.60
N ALA A 18 0.78 1.49 -8.33
CA ALA A 18 1.27 2.86 -8.20
C ALA A 18 1.15 3.35 -6.74
N GLU A 19 2.28 3.68 -6.12
CA GLU A 19 2.28 4.11 -4.71
C GLU A 19 1.47 5.40 -4.50
N ILE A 20 0.31 5.23 -3.91
CA ILE A 20 -0.67 6.29 -3.72
C ILE A 20 -0.43 7.11 -2.44
N ALA A 21 0.67 6.82 -1.75
CA ALA A 21 0.91 7.41 -0.44
C ALA A 21 2.41 7.56 -0.14
N PRO A 22 2.77 8.50 0.78
CA PRO A 22 4.16 8.64 1.24
C PRO A 22 4.75 7.33 1.75
N SER A 23 6.05 7.14 1.54
CA SER A 23 6.72 5.90 1.91
C SER A 23 7.59 6.08 3.16
N ASP A 24 7.76 5.01 3.93
CA ASP A 24 8.50 5.06 5.20
C ASP A 24 9.82 4.29 5.12
N THR A 25 10.69 4.54 6.10
CA THR A 25 11.99 3.85 6.18
C THR A 25 12.27 3.39 7.63
N LEU A 26 12.14 2.09 7.87
CA LEU A 26 12.36 1.52 9.20
C LEU A 26 13.84 1.12 9.41
N THR A 27 14.42 1.56 10.52
CA THR A 27 15.81 1.19 10.87
C THR A 27 15.84 0.24 12.07
N ASP A 28 14.66 -0.13 12.56
CA ASP A 28 14.53 -1.07 13.68
C ASP A 28 14.82 -2.51 13.22
N TYR A 29 15.61 -3.25 14.01
CA TYR A 29 15.94 -4.64 13.68
C TYR A 29 14.69 -5.46 13.35
N HIS A 30 13.73 -5.51 14.26
CA HIS A 30 12.44 -6.14 13.98
C HIS A 30 11.51 -5.13 13.29
N TYR A 31 11.60 -5.04 11.98
CA TYR A 31 10.76 -4.13 11.21
C TYR A 31 9.30 -4.60 11.19
N VAL A 32 8.49 -4.07 12.09
CA VAL A 32 7.06 -4.33 12.09
C VAL A 32 6.31 -3.09 11.57
N SER A 33 5.75 -3.21 10.36
CA SER A 33 5.09 -2.08 9.71
C SER A 33 3.56 -2.15 9.86
N THR A 34 2.88 -1.08 9.46
CA THR A 34 1.43 -1.00 9.56
C THR A 34 0.80 -0.36 8.31
N PRO A 35 -0.45 -0.74 7.97
CA PRO A 35 -1.22 -0.07 6.90
C PRO A 35 -1.64 1.35 7.30
N LYS A 36 -2.18 2.11 6.34
CA LYS A 36 -2.60 3.50 6.57
C LYS A 36 -4.01 3.75 6.04
N ASP A 37 -4.80 4.51 6.79
CA ASP A 37 -6.15 4.90 6.40
C ASP A 37 -6.10 5.98 5.29
N ILE A 38 -6.09 5.53 4.04
CA ILE A 38 -6.01 6.43 2.89
C ILE A 38 -7.42 6.87 2.41
N PRO A 39 -7.70 8.19 2.36
CA PRO A 39 -9.01 8.71 1.94
C PRO A 39 -9.35 8.37 0.47
N GLY A 40 -10.15 7.32 0.27
CA GLY A 40 -10.54 6.91 -1.08
C GLY A 40 -9.91 5.57 -1.49
N TYR A 41 -9.14 4.96 -0.59
CA TYR A 41 -8.54 3.64 -0.85
C TYR A 41 -8.80 2.65 0.29
N LYS A 42 -8.98 1.38 -0.09
CA LYS A 42 -9.29 0.31 0.86
C LYS A 42 -8.18 -0.75 0.87
N LEU A 43 -7.54 -0.97 2.02
CA LEU A 43 -6.51 -2.02 2.14
C LEU A 43 -7.06 -3.38 1.67
N ARG A 44 -6.40 -3.98 0.69
CA ARG A 44 -6.81 -5.28 0.15
C ARG A 44 -6.32 -6.44 1.04
N GLU A 45 -5.01 -6.52 1.23
CA GLU A 45 -4.39 -7.61 1.97
C GLU A 45 -3.04 -7.17 2.55
N ILE A 46 -2.55 -7.93 3.52
CA ILE A 46 -1.26 -7.65 4.14
C ILE A 46 -0.12 -8.42 3.45
N PRO A 47 0.99 -7.73 3.11
CA PRO A 47 2.14 -8.33 2.43
C PRO A 47 2.90 -9.35 3.31
N HIS A 48 3.43 -10.41 2.68
CA HIS A 48 4.22 -11.42 3.41
C HIS A 48 5.45 -10.77 4.06
N ASN A 49 5.92 -9.69 3.44
CA ASN A 49 7.14 -8.98 3.88
C ASN A 49 6.80 -7.84 4.87
N ALA A 50 5.57 -7.86 5.42
CA ALA A 50 5.10 -6.80 6.32
C ALA A 50 5.91 -6.74 7.64
N THR A 51 6.15 -7.91 8.24
CA THR A 51 6.86 -8.00 9.53
C THR A 51 8.10 -8.91 9.42
N GLY A 52 9.03 -8.75 10.36
CA GLY A 52 10.20 -9.61 10.40
C GLY A 52 11.43 -8.94 11.00
N ASN A 53 12.59 -9.57 10.83
CA ASN A 53 13.87 -9.00 11.29
C ASN A 53 14.77 -8.63 10.10
N ILE A 54 15.50 -7.53 10.22
CA ILE A 54 16.39 -7.09 9.14
C ILE A 54 17.56 -8.06 8.99
N THR A 55 17.41 -9.01 8.08
CA THR A 55 18.45 -9.99 7.77
C THR A 55 19.14 -9.65 6.45
N ASP A 56 18.41 -9.03 5.53
CA ASP A 56 18.94 -8.68 4.21
C ASP A 56 18.94 -7.15 3.99
N THR A 57 19.44 -6.73 2.84
CA THR A 57 19.52 -5.30 2.48
C THR A 57 18.37 -4.87 1.57
N GLY A 58 17.96 -3.61 1.69
CA GLY A 58 16.95 -3.05 0.81
C GLY A 58 15.62 -3.81 0.82
N ILE A 59 15.09 -4.05 2.02
CA ILE A 59 13.84 -4.79 2.18
C ILE A 59 12.62 -3.91 1.85
N ILE A 60 11.73 -4.40 0.97
CA ILE A 60 10.57 -3.61 0.51
C ILE A 60 9.23 -4.15 1.08
N VAL A 61 8.67 -3.43 2.04
CA VAL A 61 7.32 -3.74 2.56
C VAL A 61 6.26 -2.96 1.78
N ARG A 62 5.60 -3.62 0.83
CA ARG A 62 4.64 -2.94 -0.05
C ARG A 62 3.18 -3.37 0.24
N TYR A 63 2.39 -2.44 0.79
CA TYR A 63 0.97 -2.68 1.08
C TYR A 63 0.09 -2.43 -0.16
N ILE A 64 -1.01 -3.18 -0.27
CA ILE A 64 -1.89 -3.14 -1.43
C ILE A 64 -3.25 -2.52 -1.09
N TYR A 65 -3.68 -1.51 -1.86
CA TYR A 65 -4.99 -0.87 -1.64
C TYR A 65 -5.85 -0.87 -2.91
N ASP A 66 -7.13 -1.17 -2.74
CA ASP A 66 -8.10 -1.06 -3.82
C ASP A 66 -8.64 0.37 -3.93
N LYS A 67 -8.65 0.92 -5.14
CA LYS A 67 -9.19 2.27 -5.36
C LYS A 67 -10.71 2.28 -5.20
N ILE A 68 -11.20 3.05 -4.23
CA ILE A 68 -12.64 3.11 -3.96
C ILE A 68 -13.35 4.12 -4.87
N ILE A 69 -14.07 3.61 -5.87
CA ILE A 69 -14.83 4.46 -6.80
C ILE A 69 -16.20 4.81 -6.20
N ASP A 70 -16.57 4.09 -5.14
CA ASP A 70 -17.87 4.26 -4.49
C ASP A 70 -17.95 5.59 -3.73
N VAL A 71 -16.88 6.36 -3.75
CA VAL A 71 -16.83 7.67 -3.11
C VAL A 71 -17.36 8.78 -4.04
N SER A 72 -17.68 8.41 -5.28
CA SER A 72 -18.04 9.37 -6.34
C SER A 72 -16.83 10.21 -6.77
N TYR A 73 -16.14 10.81 -5.80
CA TYR A 73 -14.89 11.55 -6.03
C TYR A 73 -15.13 12.74 -6.98
N VAL A 74 -16.37 13.24 -6.97
CA VAL A 74 -16.78 14.37 -7.82
C VAL A 74 -18.14 14.92 -7.35
N ASP A 75 -18.52 16.08 -7.89
CA ASP A 75 -19.81 16.73 -7.60
C ASP A 75 -19.79 17.49 -6.25
N GLU A 76 -20.71 18.43 -6.11
CA GLU A 76 -20.78 19.30 -4.93
C GLU A 76 -22.19 19.86 -4.71
N THR A 77 -23.01 19.86 -5.77
CA THR A 77 -24.40 20.34 -5.69
C THR A 77 -25.33 19.49 -6.58
N GLY A 78 -25.19 18.16 -6.47
CA GLY A 78 -25.96 17.22 -7.30
C GLY A 78 -27.46 17.50 -7.34
N LYS A 79 -28.13 17.48 -6.19
CA LYS A 79 -29.59 17.69 -6.13
C LYS A 79 -29.97 18.79 -5.13
N ASP A 80 -29.98 18.47 -3.85
CA ASP A 80 -30.28 19.43 -2.79
C ASP A 80 -29.40 19.18 -1.56
N LEU A 81 -28.33 19.96 -1.42
CA LEU A 81 -27.35 19.76 -0.37
C LEU A 81 -26.26 20.84 -0.37
N LEU A 82 -25.79 21.21 0.82
CA LEU A 82 -24.63 22.10 0.97
C LEU A 82 -23.58 21.49 1.90
N PRO A 83 -22.62 20.73 1.33
CA PRO A 83 -21.60 20.02 2.11
C PRO A 83 -20.47 20.96 2.62
N VAL A 84 -20.21 20.91 3.93
CA VAL A 84 -19.13 21.70 4.52
C VAL A 84 -17.78 21.00 4.34
N VAL A 85 -16.90 21.60 3.56
CA VAL A 85 -15.61 21.01 3.24
C VAL A 85 -14.43 21.87 3.76
N GLU A 86 -13.22 21.36 3.61
CA GLU A 86 -12.01 22.10 4.00
C GLU A 86 -11.44 22.91 2.82
N ILE A 87 -11.21 24.21 3.05
CA ILE A 87 -10.65 25.09 2.01
C ILE A 87 -9.13 25.26 2.22
N ILE A 88 -8.33 24.53 1.45
CA ILE A 88 -6.87 24.58 1.58
C ILE A 88 -6.24 25.50 0.52
N ASN A 89 -5.59 26.57 0.98
CA ASN A 89 -4.89 27.51 0.09
C ASN A 89 -3.60 28.00 0.75
N SER A 90 -2.45 27.50 0.26
CA SER A 90 -1.14 27.83 0.85
C SER A 90 -0.21 28.47 -0.20
N GLU A 91 1.05 28.67 0.16
CA GLU A 91 2.09 29.20 -0.76
C GLU A 91 1.94 30.72 -1.00
N ALA A 92 0.72 31.18 -1.27
CA ALA A 92 0.47 32.60 -1.57
C ALA A 92 0.75 33.53 -0.38
N ALA A 93 1.08 32.96 0.77
CA ALA A 93 1.33 33.76 1.99
C ALA A 93 2.79 34.22 2.11
N VAL A 94 3.62 33.87 1.13
CA VAL A 94 5.04 34.25 1.16
C VAL A 94 5.25 35.70 0.70
N LEU A 95 5.21 36.65 1.64
CA LEU A 95 5.51 38.05 1.34
C LEU A 95 6.76 38.51 2.14
N GLU A 96 7.82 38.89 1.43
CA GLU A 96 9.08 39.28 2.06
C GLU A 96 9.03 40.74 2.59
N HIS A 97 9.73 40.99 3.69
CA HIS A 97 9.78 42.32 4.31
C HIS A 97 11.23 42.73 4.61
N HIS A 98 11.97 43.14 3.58
CA HIS A 98 13.40 43.44 3.72
C HIS A 98 13.65 44.88 4.20
N HIS A 99 13.45 45.09 5.51
CA HIS A 99 13.76 46.36 6.19
C HIS A 99 13.35 46.29 7.66
N HIS A 100 14.03 47.03 8.53
CA HIS A 100 13.75 47.00 9.96
C HIS A 100 12.34 47.52 10.28
N HIS A 101 11.40 46.59 10.49
CA HIS A 101 10.05 46.95 10.90
C HIS A 101 10.02 47.26 12.41
N HIS A 102 9.98 48.54 12.75
CA HIS A 102 10.08 48.98 14.16
C HIS A 102 8.88 49.86 14.56
N MET A 1 26.03 8.87 0.62
CA MET A 1 27.04 8.05 1.35
C MET A 1 26.95 6.57 0.93
N ASP A 2 28.01 6.08 0.29
CA ASP A 2 28.05 4.68 -0.12
C ASP A 2 28.35 3.75 1.07
N THR A 3 27.34 3.01 1.53
CA THR A 3 27.47 2.15 2.70
C THR A 3 26.35 1.11 2.76
N ASN A 4 26.64 -0.05 3.35
CA ASN A 4 25.64 -1.13 3.45
C ASN A 4 24.68 -0.90 4.62
N ASN A 5 23.82 0.11 4.49
CA ASN A 5 22.81 0.39 5.51
C ASN A 5 21.56 -0.46 5.29
N PHE A 6 21.35 -1.42 6.19
CA PHE A 6 20.19 -2.31 6.13
C PHE A 6 18.91 -1.60 6.59
N THR A 7 18.10 -1.13 5.64
CA THR A 7 16.83 -0.45 5.95
C THR A 7 15.63 -1.13 5.29
N VAL A 8 14.46 -0.95 5.89
CA VAL A 8 13.20 -1.46 5.34
C VAL A 8 12.28 -0.31 4.91
N LYS A 9 12.16 -0.09 3.61
CA LYS A 9 11.34 1.00 3.07
C LYS A 9 9.92 0.53 2.75
N VAL A 10 8.95 1.10 3.46
CA VAL A 10 7.55 0.70 3.33
C VAL A 10 6.80 1.55 2.29
N GLU A 11 6.26 0.89 1.26
CA GLU A 11 5.46 1.57 0.24
C GLU A 11 3.97 1.28 0.42
N TYR A 12 3.14 2.31 0.24
CA TYR A 12 1.70 2.16 0.31
C TYR A 12 1.10 2.36 -1.07
N VAL A 13 0.82 1.25 -1.76
CA VAL A 13 0.53 1.27 -3.18
C VAL A 13 -0.85 0.71 -3.53
N ASP A 14 -1.40 1.13 -4.65
CA ASP A 14 -2.65 0.57 -5.17
C ASP A 14 -2.39 -0.78 -5.87
N ALA A 15 -3.43 -1.46 -6.30
CA ALA A 15 -3.32 -2.78 -6.93
C ALA A 15 -2.46 -2.78 -8.21
N ASP A 16 -2.06 -1.61 -8.70
CA ASP A 16 -1.18 -1.52 -9.88
C ASP A 16 0.29 -1.63 -9.47
N GLY A 17 0.54 -1.57 -8.17
CA GLY A 17 1.90 -1.59 -7.65
C GLY A 17 2.50 -0.20 -7.51
N ALA A 18 1.76 0.82 -7.96
CA ALA A 18 2.19 2.21 -7.86
C ALA A 18 1.67 2.86 -6.57
N GLU A 19 2.53 3.61 -5.88
CA GLU A 19 2.17 4.13 -4.55
C GLU A 19 1.14 5.27 -4.64
N ILE A 20 0.41 5.42 -3.55
CA ILE A 20 -0.70 6.37 -3.45
C ILE A 20 -0.59 7.20 -2.18
N ALA A 21 0.52 7.04 -1.47
CA ALA A 21 0.68 7.65 -0.14
C ALA A 21 2.16 7.68 0.26
N PRO A 22 2.61 8.75 0.96
CA PRO A 22 3.99 8.90 1.43
C PRO A 22 4.58 7.62 2.05
N SER A 23 5.80 7.30 1.65
CA SER A 23 6.47 6.08 2.09
C SER A 23 7.18 6.26 3.44
N ASP A 24 7.48 5.15 4.10
CA ASP A 24 8.21 5.15 5.36
C ASP A 24 9.50 4.32 5.25
N THR A 25 10.42 4.51 6.19
CA THR A 25 11.68 3.74 6.19
C THR A 25 12.05 3.29 7.61
N LEU A 26 11.85 2.01 7.90
CA LEU A 26 12.18 1.44 9.21
C LEU A 26 13.63 0.95 9.25
N THR A 27 14.44 1.54 10.12
CA THR A 27 15.84 1.12 10.29
C THR A 27 15.99 0.15 11.49
N ASP A 28 14.88 -0.12 12.17
CA ASP A 28 14.85 -1.06 13.30
C ASP A 28 15.03 -2.51 12.85
N TYR A 29 15.89 -3.26 13.54
CA TYR A 29 16.15 -4.67 13.20
C TYR A 29 14.85 -5.47 13.05
N HIS A 30 14.03 -5.49 14.10
CA HIS A 30 12.74 -6.19 14.04
C HIS A 30 11.65 -5.23 13.53
N TYR A 31 11.51 -5.15 12.22
CA TYR A 31 10.56 -4.22 11.61
C TYR A 31 9.13 -4.78 11.64
N VAL A 32 8.22 -4.00 12.21
CA VAL A 32 6.79 -4.31 12.19
C VAL A 32 6.01 -3.14 11.62
N SER A 33 5.48 -3.30 10.40
CA SER A 33 4.83 -2.19 9.69
C SER A 33 3.34 -2.07 9.96
N THR A 34 2.73 -1.01 9.45
CA THR A 34 1.29 -0.74 9.61
C THR A 34 0.70 -0.15 8.32
N PRO A 35 -0.59 -0.43 8.02
CA PRO A 35 -1.28 0.20 6.88
C PRO A 35 -1.56 1.70 7.12
N LYS A 36 -2.26 2.32 6.17
CA LYS A 36 -2.66 3.73 6.32
C LYS A 36 -4.09 3.94 5.86
N ASP A 37 -4.81 4.68 6.68
CA ASP A 37 -6.18 5.06 6.38
C ASP A 37 -6.24 6.09 5.25
N ILE A 38 -6.10 5.61 4.01
CA ILE A 38 -6.02 6.48 2.84
C ILE A 38 -7.42 6.84 2.28
N PRO A 39 -7.74 8.15 2.20
CA PRO A 39 -9.05 8.62 1.70
C PRO A 39 -9.33 8.17 0.26
N GLY A 40 -10.30 7.27 0.10
CA GLY A 40 -10.65 6.77 -1.22
C GLY A 40 -9.95 5.47 -1.57
N TYR A 41 -9.30 4.86 -0.58
CA TYR A 41 -8.62 3.56 -0.77
C TYR A 41 -8.96 2.55 0.32
N LYS A 42 -9.05 1.28 -0.10
CA LYS A 42 -9.36 0.17 0.81
C LYS A 42 -8.19 -0.82 0.86
N LEU A 43 -7.61 -1.07 2.05
CA LEU A 43 -6.52 -2.04 2.16
C LEU A 43 -6.92 -3.42 1.62
N ARG A 44 -6.32 -3.80 0.49
CA ARG A 44 -6.61 -5.09 -0.14
C ARG A 44 -6.02 -6.25 0.68
N GLU A 45 -4.71 -6.23 0.89
CA GLU A 45 -4.02 -7.31 1.60
C GLU A 45 -2.74 -6.83 2.27
N ILE A 46 -2.33 -7.53 3.32
CA ILE A 46 -1.07 -7.24 4.01
C ILE A 46 0.05 -8.18 3.52
N PRO A 47 1.17 -7.63 3.00
CA PRO A 47 2.25 -8.44 2.41
C PRO A 47 2.87 -9.45 3.37
N HIS A 48 3.32 -10.58 2.82
CA HIS A 48 4.11 -11.56 3.59
C HIS A 48 5.36 -10.89 4.17
N ASN A 49 5.76 -9.79 3.54
CA ASN A 49 6.92 -9.00 3.96
C ASN A 49 6.45 -7.73 4.71
N ALA A 50 5.68 -7.90 5.78
CA ALA A 50 5.20 -6.76 6.58
C ALA A 50 5.78 -6.75 8.00
N THR A 51 6.07 -7.95 8.53
CA THR A 51 6.63 -8.09 9.88
C THR A 51 7.78 -9.11 9.89
N GLY A 52 8.92 -8.73 10.46
CA GLY A 52 10.06 -9.64 10.54
C GLY A 52 11.34 -8.94 10.98
N ASN A 53 12.48 -9.60 10.76
CA ASN A 53 13.79 -9.02 11.07
C ASN A 53 14.56 -8.64 9.79
N ILE A 54 15.31 -7.54 9.85
CA ILE A 54 16.09 -7.11 8.69
C ILE A 54 17.23 -8.10 8.40
N THR A 55 16.96 -9.02 7.50
CA THR A 55 17.94 -10.04 7.12
C THR A 55 18.69 -9.65 5.85
N ASP A 56 18.01 -8.86 4.99
CA ASP A 56 18.64 -8.29 3.79
C ASP A 56 18.55 -6.76 3.82
N THR A 57 19.19 -6.08 2.87
CA THR A 57 19.05 -4.62 2.75
C THR A 57 18.13 -4.25 1.58
N GLY A 58 17.65 -3.01 1.58
CA GLY A 58 16.71 -2.57 0.56
C GLY A 58 15.39 -3.36 0.59
N ILE A 59 14.91 -3.66 1.80
CA ILE A 59 13.67 -4.42 1.96
C ILE A 59 12.45 -3.52 1.77
N ILE A 60 11.68 -3.74 0.70
CA ILE A 60 10.50 -2.94 0.41
C ILE A 60 9.22 -3.62 0.91
N VAL A 61 8.46 -2.93 1.74
CA VAL A 61 7.19 -3.45 2.27
C VAL A 61 5.99 -2.76 1.58
N ARG A 62 5.36 -3.46 0.65
CA ARG A 62 4.26 -2.89 -0.15
C ARG A 62 2.87 -3.32 0.35
N TYR A 63 2.15 -2.37 0.94
CA TYR A 63 0.74 -2.58 1.30
C TYR A 63 -0.16 -2.24 0.10
N ILE A 64 -0.94 -3.21 -0.36
CA ILE A 64 -1.77 -3.06 -1.55
C ILE A 64 -3.18 -2.53 -1.20
N TYR A 65 -3.63 -1.49 -1.89
CA TYR A 65 -4.98 -0.95 -1.69
C TYR A 65 -5.80 -1.03 -2.97
N ASP A 66 -7.12 -1.04 -2.80
CA ASP A 66 -8.04 -0.96 -3.92
C ASP A 66 -8.65 0.44 -4.01
N LYS A 67 -8.35 1.15 -5.10
CA LYS A 67 -8.92 2.47 -5.35
C LYS A 67 -10.46 2.41 -5.40
N ILE A 68 -11.10 3.12 -4.48
CA ILE A 68 -12.55 3.05 -4.31
C ILE A 68 -13.29 4.01 -5.26
N ILE A 69 -14.06 3.44 -6.17
CA ILE A 69 -14.92 4.24 -7.06
C ILE A 69 -16.22 4.61 -6.35
N ASP A 70 -16.72 3.68 -5.55
CA ASP A 70 -17.94 3.85 -4.76
C ASP A 70 -19.19 3.87 -5.66
N VAL A 71 -20.31 3.46 -5.08
CA VAL A 71 -21.57 3.38 -5.83
C VAL A 71 -22.33 4.71 -5.83
N SER A 72 -21.58 5.81 -5.88
CA SER A 72 -22.15 7.17 -5.87
C SER A 72 -22.65 7.58 -7.26
N TYR A 73 -23.22 6.63 -7.99
CA TYR A 73 -23.70 6.87 -9.36
C TYR A 73 -25.06 7.56 -9.38
N VAL A 74 -25.05 8.88 -9.39
CA VAL A 74 -26.29 9.67 -9.47
C VAL A 74 -26.41 10.39 -10.81
N ASP A 75 -27.61 10.35 -11.39
CA ASP A 75 -27.83 10.94 -12.72
C ASP A 75 -28.57 12.28 -12.64
N GLU A 76 -28.34 13.02 -11.56
CA GLU A 76 -29.05 14.29 -11.32
C GLU A 76 -28.55 15.43 -12.23
N THR A 77 -27.25 15.48 -12.49
CA THR A 77 -26.67 16.56 -13.30
C THR A 77 -26.62 16.21 -14.80
N GLY A 78 -26.82 17.22 -15.64
CA GLY A 78 -26.74 17.02 -17.08
C GLY A 78 -25.30 16.97 -17.59
N LYS A 79 -24.62 15.88 -17.28
CA LYS A 79 -23.19 15.72 -17.63
C LYS A 79 -23.01 15.19 -19.06
N ASP A 80 -23.61 14.03 -19.35
CA ASP A 80 -23.45 13.37 -20.65
C ASP A 80 -24.79 12.84 -21.18
N LEU A 81 -25.38 13.58 -22.11
CA LEU A 81 -26.67 13.21 -22.70
C LEU A 81 -26.63 13.29 -24.25
N LEU A 82 -25.87 12.38 -24.85
CA LEU A 82 -25.73 12.33 -26.31
C LEU A 82 -26.57 11.19 -26.91
N PRO A 83 -27.36 11.47 -27.97
CA PRO A 83 -28.17 10.44 -28.65
C PRO A 83 -27.35 9.20 -29.04
N VAL A 84 -27.57 8.09 -28.35
CA VAL A 84 -26.83 6.84 -28.60
C VAL A 84 -27.48 6.01 -29.72
N VAL A 85 -26.66 5.56 -30.68
CA VAL A 85 -27.15 4.71 -31.77
C VAL A 85 -27.36 3.26 -31.30
N GLU A 86 -28.58 2.94 -30.89
CA GLU A 86 -28.95 1.59 -30.48
C GLU A 86 -30.39 1.27 -30.90
N ILE A 87 -30.68 -0.01 -31.13
CA ILE A 87 -31.99 -0.42 -31.62
C ILE A 87 -33.02 -0.48 -30.48
N ILE A 88 -33.70 0.64 -30.24
CA ILE A 88 -34.80 0.70 -29.27
C ILE A 88 -36.06 0.03 -29.85
N ASN A 89 -36.68 -0.86 -29.08
CA ASN A 89 -37.83 -1.63 -29.59
C ASN A 89 -38.99 -1.67 -28.58
N SER A 90 -40.20 -1.74 -29.11
CA SER A 90 -41.44 -1.80 -28.30
C SER A 90 -42.61 -2.26 -29.16
N GLU A 91 -43.85 -2.05 -28.69
CA GLU A 91 -45.07 -2.26 -29.49
C GLU A 91 -45.43 -3.76 -29.66
N ALA A 92 -44.50 -4.55 -30.20
CA ALA A 92 -44.75 -5.98 -30.46
C ALA A 92 -44.90 -6.82 -29.18
N ALA A 93 -44.61 -6.22 -28.02
CA ALA A 93 -44.62 -6.95 -26.74
C ALA A 93 -46.05 -7.07 -26.14
N VAL A 94 -47.07 -7.07 -27.00
CA VAL A 94 -48.46 -7.15 -26.54
C VAL A 94 -48.91 -8.59 -26.27
N LEU A 95 -49.65 -8.78 -25.18
CA LEU A 95 -50.25 -10.09 -24.87
C LEU A 95 -51.74 -10.10 -25.19
N GLU A 96 -52.08 -10.62 -26.37
CA GLU A 96 -53.48 -10.70 -26.83
C GLU A 96 -54.28 -11.76 -26.05
N HIS A 97 -55.56 -11.89 -26.39
CA HIS A 97 -56.42 -12.92 -25.77
C HIS A 97 -57.59 -13.30 -26.70
N HIS A 98 -58.49 -14.15 -26.22
CA HIS A 98 -59.66 -14.57 -27.00
C HIS A 98 -60.95 -14.49 -26.16
N HIS A 99 -62.11 -14.37 -26.82
CA HIS A 99 -63.39 -14.28 -26.10
C HIS A 99 -64.13 -15.63 -26.03
N HIS A 100 -65.12 -15.71 -25.15
CA HIS A 100 -65.95 -16.91 -24.99
C HIS A 100 -67.44 -16.56 -24.96
N HIS A 101 -68.27 -17.47 -25.47
CA HIS A 101 -69.73 -17.35 -25.36
C HIS A 101 -70.29 -18.57 -24.62
N HIS A 102 -70.84 -18.33 -23.41
CA HIS A 102 -71.20 -19.39 -22.45
C HIS A 102 -69.95 -19.93 -21.72
N MET A 1 25.68 -4.22 12.15
CA MET A 1 24.70 -3.15 11.79
C MET A 1 25.34 -2.12 10.86
N ASP A 2 26.35 -1.41 11.36
CA ASP A 2 27.05 -0.39 10.57
C ASP A 2 27.89 -1.02 9.45
N THR A 3 27.30 -1.17 8.27
CA THR A 3 28.00 -1.75 7.11
C THR A 3 27.37 -1.32 5.78
N ASN A 4 26.10 -1.67 5.57
CA ASN A 4 25.42 -1.40 4.29
C ASN A 4 24.16 -0.54 4.48
N ASN A 5 24.04 0.12 5.64
CA ASN A 5 22.83 0.88 5.97
C ASN A 5 21.56 0.06 5.73
N PHE A 6 21.41 -1.01 6.50
CA PHE A 6 20.25 -1.92 6.37
C PHE A 6 18.93 -1.19 6.69
N THR A 7 18.17 -0.87 5.65
CA THR A 7 16.87 -0.19 5.81
C THR A 7 15.75 -0.92 5.05
N VAL A 8 14.53 -0.79 5.57
CA VAL A 8 13.34 -1.37 4.92
C VAL A 8 12.36 -0.27 4.51
N LYS A 9 12.18 -0.08 3.21
CA LYS A 9 11.28 0.97 2.71
C LYS A 9 9.86 0.42 2.51
N VAL A 10 8.91 0.96 3.27
CA VAL A 10 7.51 0.53 3.18
C VAL A 10 6.73 1.39 2.19
N GLU A 11 6.29 0.79 1.09
CA GLU A 11 5.54 1.50 0.05
C GLU A 11 4.04 1.17 0.13
N TYR A 12 3.23 2.21 0.28
CA TYR A 12 1.78 2.06 0.34
C TYR A 12 1.19 2.30 -1.04
N VAL A 13 0.88 1.22 -1.74
CA VAL A 13 0.61 1.28 -3.17
C VAL A 13 -0.79 0.78 -3.54
N ASP A 14 -1.30 1.23 -4.68
CA ASP A 14 -2.55 0.72 -5.23
C ASP A 14 -2.35 -0.71 -5.79
N ALA A 15 -3.44 -1.37 -6.17
CA ALA A 15 -3.36 -2.73 -6.73
C ALA A 15 -2.57 -2.81 -8.06
N ASP A 16 -2.08 -1.67 -8.54
CA ASP A 16 -1.19 -1.65 -9.71
C ASP A 16 0.29 -1.74 -9.29
N GLY A 17 0.56 -1.42 -8.03
CA GLY A 17 1.93 -1.43 -7.53
C GLY A 17 2.53 -0.02 -7.39
N ALA A 18 1.75 0.99 -7.75
CA ALA A 18 2.19 2.39 -7.65
C ALA A 18 1.75 3.02 -6.32
N GLU A 19 2.69 3.64 -5.59
CA GLU A 19 2.41 4.16 -4.25
C GLU A 19 1.48 5.38 -4.30
N ILE A 20 0.48 5.36 -3.44
CA ILE A 20 -0.57 6.38 -3.41
C ILE A 20 -0.46 7.27 -2.17
N ALA A 21 0.60 7.08 -1.39
CA ALA A 21 0.72 7.75 -0.10
C ALA A 21 2.18 7.85 0.35
N PRO A 22 2.51 8.79 1.28
CA PRO A 22 3.86 8.90 1.85
C PRO A 22 4.39 7.57 2.41
N SER A 23 5.48 7.11 1.83
CA SER A 23 6.09 5.83 2.22
C SER A 23 6.96 5.98 3.48
N ASP A 24 7.27 4.87 4.13
CA ASP A 24 8.08 4.87 5.35
C ASP A 24 9.45 4.22 5.13
N THR A 25 10.38 4.51 6.04
CA THR A 25 11.72 3.89 6.03
C THR A 25 12.06 3.38 7.43
N LEU A 26 12.10 2.06 7.59
CA LEU A 26 12.38 1.43 8.89
C LEU A 26 13.81 0.90 8.96
N THR A 27 14.62 1.47 9.86
CA THR A 27 15.98 0.97 10.12
C THR A 27 15.99 0.06 11.35
N ASP A 28 14.86 -0.01 12.04
CA ASP A 28 14.65 -0.90 13.19
C ASP A 28 14.90 -2.37 12.82
N TYR A 29 15.63 -3.09 13.68
CA TYR A 29 15.91 -4.52 13.46
C TYR A 29 14.61 -5.30 13.18
N HIS A 30 13.57 -5.02 13.96
CA HIS A 30 12.25 -5.57 13.67
C HIS A 30 11.42 -4.58 12.83
N TYR A 31 11.41 -4.79 11.52
CA TYR A 31 10.63 -3.92 10.64
C TYR A 31 9.14 -4.36 10.64
N VAL A 32 8.37 -3.79 11.55
CA VAL A 32 6.95 -4.09 11.65
C VAL A 32 6.12 -2.91 11.10
N SER A 33 5.48 -3.11 9.96
CA SER A 33 4.75 -2.03 9.28
C SER A 33 3.27 -1.95 9.69
N THR A 34 2.58 -0.91 9.22
CA THR A 34 1.17 -0.65 9.57
C THR A 34 0.38 -0.08 8.38
N PRO A 35 -0.83 -0.57 8.10
CA PRO A 35 -1.68 -0.02 7.04
C PRO A 35 -2.23 1.37 7.40
N LYS A 36 -1.84 2.39 6.63
CA LYS A 36 -2.29 3.77 6.88
C LYS A 36 -3.74 3.99 6.44
N ASP A 37 -4.41 4.95 7.07
CA ASP A 37 -5.77 5.33 6.69
C ASP A 37 -5.74 6.29 5.48
N ILE A 38 -5.98 5.74 4.29
CA ILE A 38 -5.93 6.51 3.05
C ILE A 38 -7.34 6.89 2.56
N PRO A 39 -7.69 8.20 2.58
CA PRO A 39 -9.01 8.67 2.15
C PRO A 39 -9.35 8.29 0.70
N GLY A 40 -10.11 7.21 0.52
CA GLY A 40 -10.55 6.79 -0.80
C GLY A 40 -9.88 5.51 -1.31
N TYR A 41 -9.06 4.86 -0.47
CA TYR A 41 -8.43 3.59 -0.84
C TYR A 41 -8.66 2.48 0.20
N LYS A 42 -8.85 1.26 -0.31
CA LYS A 42 -9.21 0.08 0.49
C LYS A 42 -8.10 -0.98 0.45
N LEU A 43 -7.50 -1.31 1.60
CA LEU A 43 -6.45 -2.33 1.66
C LEU A 43 -7.00 -3.72 1.29
N ARG A 44 -6.40 -4.36 0.28
CA ARG A 44 -6.85 -5.69 -0.17
C ARG A 44 -6.02 -6.81 0.46
N GLU A 45 -4.76 -6.54 0.80
CA GLU A 45 -3.89 -7.54 1.46
C GLU A 45 -2.72 -6.89 2.20
N ILE A 46 -2.24 -7.58 3.24
CA ILE A 46 -1.00 -7.20 3.93
C ILE A 46 0.17 -8.05 3.43
N PRO A 47 1.25 -7.42 2.92
CA PRO A 47 2.37 -8.14 2.27
C PRO A 47 2.98 -9.25 3.14
N HIS A 48 3.49 -10.29 2.48
CA HIS A 48 4.08 -11.46 3.17
C HIS A 48 5.27 -11.05 4.07
N ASN A 49 5.86 -9.89 3.79
CA ASN A 49 7.03 -9.41 4.53
C ASN A 49 6.73 -8.10 5.28
N ALA A 50 5.53 -7.99 5.85
CA ALA A 50 5.14 -6.78 6.59
C ALA A 50 5.63 -6.82 8.05
N THR A 51 6.04 -8.01 8.51
CA THR A 51 6.50 -8.21 9.88
C THR A 51 7.70 -9.16 9.93
N GLY A 52 8.77 -8.76 10.59
CA GLY A 52 9.95 -9.63 10.73
C GLY A 52 11.21 -8.87 11.12
N ASN A 53 12.36 -9.54 11.01
CA ASN A 53 13.64 -8.93 11.34
C ASN A 53 14.48 -8.67 10.07
N ILE A 54 15.17 -7.53 10.04
CA ILE A 54 16.05 -7.20 8.93
C ILE A 54 17.20 -8.21 8.83
N THR A 55 17.02 -9.21 7.99
CA THR A 55 18.05 -10.24 7.80
C THR A 55 18.90 -9.98 6.54
N ASP A 56 18.50 -8.97 5.77
CA ASP A 56 19.27 -8.55 4.59
C ASP A 56 18.93 -7.09 4.22
N THR A 57 19.71 -6.50 3.30
CA THR A 57 19.53 -5.09 2.91
C THR A 57 18.61 -4.95 1.69
N GLY A 58 17.98 -3.78 1.56
CA GLY A 58 17.10 -3.51 0.42
C GLY A 58 15.78 -4.28 0.48
N ILE A 59 15.11 -4.23 1.63
CA ILE A 59 13.79 -4.85 1.79
C ILE A 59 12.68 -3.81 1.61
N ILE A 60 11.64 -4.16 0.86
CA ILE A 60 10.51 -3.25 0.63
C ILE A 60 9.17 -3.91 1.03
N VAL A 61 8.36 -3.17 1.78
CA VAL A 61 7.05 -3.66 2.23
C VAL A 61 5.92 -2.93 1.49
N ARG A 62 5.21 -3.65 0.63
CA ARG A 62 4.15 -3.04 -0.21
C ARG A 62 2.74 -3.40 0.25
N TYR A 63 2.03 -2.43 0.79
CA TYR A 63 0.61 -2.58 1.11
C TYR A 63 -0.25 -2.29 -0.12
N ILE A 64 -1.01 -3.28 -0.56
CA ILE A 64 -1.79 -3.18 -1.79
C ILE A 64 -3.22 -2.67 -1.50
N TYR A 65 -3.57 -1.51 -2.06
CA TYR A 65 -4.91 -0.93 -1.86
C TYR A 65 -5.79 -1.02 -3.11
N ASP A 66 -7.05 -0.66 -2.95
CA ASP A 66 -8.04 -0.65 -4.03
C ASP A 66 -8.74 0.72 -4.06
N LYS A 67 -8.67 1.40 -5.20
CA LYS A 67 -9.29 2.73 -5.32
C LYS A 67 -10.81 2.65 -5.18
N ILE A 68 -11.34 3.20 -4.10
CA ILE A 68 -12.77 3.10 -3.79
C ILE A 68 -13.59 4.06 -4.65
N ILE A 69 -14.59 3.52 -5.36
CA ILE A 69 -15.45 4.31 -6.26
C ILE A 69 -16.50 5.15 -5.49
N ASP A 70 -16.31 5.29 -4.18
CA ASP A 70 -17.27 5.99 -3.31
C ASP A 70 -17.22 7.53 -3.52
N VAL A 71 -16.58 7.97 -4.59
CA VAL A 71 -16.46 9.40 -4.92
C VAL A 71 -17.24 9.75 -6.20
N SER A 72 -18.31 8.98 -6.47
CA SER A 72 -19.07 9.08 -7.73
C SER A 72 -18.24 8.57 -8.91
N TYR A 73 -17.18 9.30 -9.26
CA TYR A 73 -16.15 8.83 -10.19
C TYR A 73 -16.66 8.64 -11.63
N VAL A 74 -17.92 8.97 -11.88
CA VAL A 74 -18.52 8.75 -13.20
C VAL A 74 -19.31 9.97 -13.70
N ASP A 75 -18.93 10.46 -14.88
CA ASP A 75 -19.70 11.51 -15.57
C ASP A 75 -19.83 11.18 -17.06
N GLU A 76 -18.79 10.57 -17.61
CA GLU A 76 -18.79 10.12 -19.01
C GLU A 76 -19.67 8.86 -19.15
N THR A 77 -19.20 7.73 -18.62
CA THR A 77 -19.96 6.47 -18.60
C THR A 77 -19.46 5.54 -17.49
N GLY A 78 -20.22 4.49 -17.20
CA GLY A 78 -19.80 3.50 -16.21
C GLY A 78 -18.84 2.46 -16.80
N LYS A 79 -18.63 1.38 -16.06
CA LYS A 79 -17.74 0.29 -16.49
C LYS A 79 -18.25 -1.05 -15.94
N ASP A 80 -17.49 -2.14 -16.14
CA ASP A 80 -17.87 -3.47 -15.65
C ASP A 80 -18.03 -3.50 -14.12
N LEU A 81 -19.24 -3.18 -13.66
CA LEU A 81 -19.59 -3.19 -12.24
C LEU A 81 -21.10 -2.92 -12.07
N LEU A 82 -21.69 -3.38 -10.97
CA LEU A 82 -23.10 -3.13 -10.70
C LEU A 82 -23.30 -1.94 -9.74
N PRO A 83 -24.54 -1.40 -9.65
CA PRO A 83 -24.85 -0.33 -8.69
C PRO A 83 -24.75 -0.80 -7.22
N VAL A 84 -23.61 -0.54 -6.59
CA VAL A 84 -23.43 -0.86 -5.16
C VAL A 84 -24.33 0.02 -4.26
N VAL A 85 -25.61 -0.30 -4.24
CA VAL A 85 -26.59 0.48 -3.49
C VAL A 85 -26.73 -0.01 -2.04
N GLU A 86 -26.25 0.79 -1.09
CA GLU A 86 -26.42 0.51 0.33
C GLU A 86 -27.32 1.58 0.98
N ILE A 87 -28.46 1.14 1.50
CA ILE A 87 -29.50 2.07 1.97
C ILE A 87 -29.23 2.55 3.41
N ILE A 88 -29.82 3.71 3.77
CA ILE A 88 -29.51 4.41 5.03
C ILE A 88 -28.01 4.68 5.14
N ASN A 89 -27.50 5.53 4.24
CA ASN A 89 -26.08 5.91 4.21
C ASN A 89 -25.90 7.39 3.85
N SER A 90 -27.00 8.15 3.88
CA SER A 90 -26.97 9.58 3.55
C SER A 90 -26.47 10.42 4.74
N GLU A 91 -26.07 11.67 4.44
CA GLU A 91 -25.62 12.63 5.48
C GLU A 91 -24.34 12.16 6.20
N ALA A 92 -23.67 11.15 5.63
CA ALA A 92 -22.41 10.66 6.19
C ALA A 92 -21.20 11.40 5.59
N ALA A 93 -21.46 12.22 4.58
CA ALA A 93 -20.42 13.01 3.90
C ALA A 93 -20.75 14.51 3.94
N VAL A 94 -20.32 15.20 5.00
CA VAL A 94 -20.57 16.63 5.16
C VAL A 94 -19.27 17.45 4.97
N LEU A 95 -19.13 18.09 3.82
CA LEU A 95 -17.93 18.88 3.50
C LEU A 95 -18.16 20.38 3.74
N GLU A 96 -19.11 20.71 4.61
CA GLU A 96 -19.48 22.10 4.91
C GLU A 96 -18.50 22.79 5.87
N HIS A 97 -17.34 22.18 6.11
CA HIS A 97 -16.34 22.74 7.03
C HIS A 97 -15.37 23.68 6.32
N HIS A 98 -15.00 24.77 6.99
CA HIS A 98 -14.16 25.82 6.38
C HIS A 98 -12.69 25.75 6.83
N HIS A 99 -11.77 25.80 5.86
CA HIS A 99 -10.32 25.84 6.16
C HIS A 99 -9.50 26.31 4.94
N HIS A 100 -8.74 27.39 5.12
CA HIS A 100 -7.85 27.93 4.07
C HIS A 100 -6.43 27.35 4.21
N HIS A 101 -5.85 26.91 3.08
CA HIS A 101 -4.50 26.32 3.06
C HIS A 101 -4.42 25.07 3.96
N HIS A 102 -3.21 24.55 4.16
CA HIS A 102 -2.98 23.45 5.11
C HIS A 102 -2.29 23.98 6.40
N MET A 1 26.76 4.04 -3.06
CA MET A 1 28.06 3.33 -3.19
C MET A 1 28.72 3.14 -1.82
N ASP A 2 29.37 1.99 -1.63
CA ASP A 2 30.17 1.70 -0.42
C ASP A 2 29.31 1.71 0.87
N THR A 3 27.99 1.65 0.72
CA THR A 3 27.08 1.74 1.87
C THR A 3 26.25 0.46 2.02
N ASN A 4 25.97 0.08 3.27
CA ASN A 4 25.15 -1.11 3.56
C ASN A 4 23.75 -0.70 4.05
N ASN A 5 23.69 -0.05 5.21
CA ASN A 5 22.41 0.40 5.81
C ASN A 5 21.32 -0.68 5.78
N PHE A 6 21.39 -1.62 6.71
CA PHE A 6 20.33 -2.61 6.88
C PHE A 6 19.00 -1.93 7.23
N THR A 7 18.17 -1.69 6.22
CA THR A 7 16.90 -0.97 6.40
C THR A 7 15.74 -1.65 5.66
N VAL A 8 14.51 -1.26 6.02
CA VAL A 8 13.31 -1.80 5.37
C VAL A 8 12.41 -0.67 4.84
N LYS A 9 12.41 -0.48 3.52
CA LYS A 9 11.61 0.59 2.90
C LYS A 9 10.18 0.11 2.63
N VAL A 10 9.20 0.82 3.20
CA VAL A 10 7.79 0.43 3.08
C VAL A 10 7.04 1.32 2.09
N GLU A 11 6.50 0.71 1.02
CA GLU A 11 5.72 1.44 0.01
C GLU A 11 4.22 1.17 0.18
N TYR A 12 3.42 2.16 -0.17
CA TYR A 12 1.96 2.04 -0.13
C TYR A 12 1.35 2.33 -1.50
N VAL A 13 1.04 1.26 -2.24
CA VAL A 13 0.61 1.38 -3.64
C VAL A 13 -0.81 0.81 -3.85
N ASP A 14 -1.49 1.25 -4.90
CA ASP A 14 -2.87 0.81 -5.15
C ASP A 14 -2.90 -0.39 -6.12
N ALA A 15 -4.11 -0.81 -6.50
CA ALA A 15 -4.29 -1.98 -7.39
C ALA A 15 -3.75 -1.73 -8.80
N ASP A 16 -3.46 -0.47 -9.12
CA ASP A 16 -2.86 -0.13 -10.42
C ASP A 16 -1.32 -0.27 -10.34
N GLY A 17 -0.80 -0.22 -9.12
CA GLY A 17 0.63 -0.36 -8.90
C GLY A 17 1.31 0.96 -8.57
N ALA A 18 0.53 2.02 -8.39
CA ALA A 18 1.08 3.36 -8.11
C ALA A 18 1.00 3.67 -6.61
N GLU A 19 2.11 4.14 -6.02
CA GLU A 19 2.12 4.48 -4.60
C GLU A 19 1.25 5.71 -4.31
N ILE A 20 0.06 5.44 -3.83
CA ILE A 20 -0.94 6.48 -3.54
C ILE A 20 -0.63 7.24 -2.24
N ALA A 21 0.50 6.92 -1.62
CA ALA A 21 0.86 7.51 -0.32
C ALA A 21 2.38 7.57 -0.14
N PRO A 22 2.88 8.51 0.68
CA PRO A 22 4.32 8.60 1.00
C PRO A 22 4.87 7.30 1.59
N SER A 23 6.06 6.91 1.16
CA SER A 23 6.69 5.65 1.61
C SER A 23 7.66 5.88 2.77
N ASP A 24 7.70 4.93 3.71
CA ASP A 24 8.56 5.05 4.91
C ASP A 24 9.85 4.23 4.78
N THR A 25 10.79 4.49 5.68
CA THR A 25 12.04 3.73 5.77
C THR A 25 12.29 3.26 7.21
N LEU A 26 12.04 1.99 7.48
CA LEU A 26 12.16 1.43 8.83
C LEU A 26 13.62 1.17 9.22
N THR A 27 14.09 1.89 10.23
CA THR A 27 15.44 1.68 10.79
C THR A 27 15.43 0.63 11.92
N ASP A 28 14.25 0.31 12.42
CA ASP A 28 14.10 -0.66 13.51
C ASP A 28 14.45 -2.08 13.04
N TYR A 29 15.31 -2.76 13.78
CA TYR A 29 15.67 -4.16 13.47
C TYR A 29 14.42 -5.03 13.33
N HIS A 30 13.53 -4.98 14.31
CA HIS A 30 12.25 -5.66 14.19
C HIS A 30 11.27 -4.81 13.37
N TYR A 31 11.39 -4.87 12.05
CA TYR A 31 10.52 -4.08 11.18
C TYR A 31 9.08 -4.61 11.22
N VAL A 32 8.23 -3.88 11.94
CA VAL A 32 6.81 -4.17 12.00
C VAL A 32 6.03 -2.98 11.41
N SER A 33 5.47 -3.18 10.22
CA SER A 33 4.83 -2.09 9.47
C SER A 33 3.31 -2.14 9.55
N THR A 34 2.69 -0.96 9.53
CA THR A 34 1.22 -0.85 9.57
C THR A 34 0.67 -0.17 8.31
N PRO A 35 -0.57 -0.52 7.89
CA PRO A 35 -1.29 0.22 6.84
C PRO A 35 -1.57 1.68 7.26
N LYS A 36 -2.01 2.51 6.31
CA LYS A 36 -2.32 3.91 6.60
C LYS A 36 -3.76 4.27 6.17
N ASP A 37 -4.38 5.18 6.91
CA ASP A 37 -5.70 5.68 6.56
C ASP A 37 -5.64 6.56 5.30
N ILE A 38 -5.80 5.93 4.14
CA ILE A 38 -5.78 6.66 2.86
C ILE A 38 -7.22 6.95 2.37
N PRO A 39 -7.55 8.24 2.14
CA PRO A 39 -8.92 8.64 1.74
C PRO A 39 -9.34 8.08 0.37
N GLY A 40 -10.33 7.18 0.39
CA GLY A 40 -10.84 6.60 -0.85
C GLY A 40 -10.18 5.29 -1.23
N TYR A 41 -9.38 4.73 -0.32
CA TYR A 41 -8.69 3.46 -0.59
C TYR A 41 -8.89 2.42 0.52
N LYS A 42 -8.95 1.16 0.10
CA LYS A 42 -9.17 0.01 0.99
C LYS A 42 -7.91 -0.88 1.01
N LEU A 43 -7.49 -1.36 2.17
CA LEU A 43 -6.34 -2.27 2.23
C LEU A 43 -6.66 -3.61 1.56
N ARG A 44 -6.10 -3.83 0.38
CA ARG A 44 -6.35 -5.04 -0.40
C ARG A 44 -5.71 -6.27 0.25
N GLU A 45 -4.44 -6.13 0.64
CA GLU A 45 -3.66 -7.26 1.17
C GLU A 45 -2.39 -6.78 1.91
N ILE A 46 -1.88 -7.62 2.81
CA ILE A 46 -0.63 -7.35 3.54
C ILE A 46 0.50 -8.27 3.07
N PRO A 47 1.63 -7.69 2.59
CA PRO A 47 2.77 -8.46 2.05
C PRO A 47 3.33 -9.52 3.00
N HIS A 48 3.78 -10.65 2.43
CA HIS A 48 4.34 -11.78 3.20
C HIS A 48 5.57 -11.37 4.05
N ASN A 49 6.19 -10.25 3.70
CA ASN A 49 7.40 -9.79 4.41
C ASN A 49 7.16 -8.43 5.11
N ALA A 50 5.93 -8.22 5.59
CA ALA A 50 5.56 -6.94 6.23
C ALA A 50 6.08 -6.81 7.66
N THR A 51 6.24 -7.94 8.35
CA THR A 51 6.69 -7.94 9.75
C THR A 51 7.75 -9.01 10.02
N GLY A 52 8.87 -8.61 10.63
CA GLY A 52 9.92 -9.56 10.98
C GLY A 52 11.18 -8.91 11.53
N ASN A 53 12.33 -9.53 11.29
CA ASN A 53 13.63 -9.00 11.71
C ASN A 53 14.53 -8.70 10.51
N ILE A 54 15.23 -7.57 10.54
CA ILE A 54 16.11 -7.19 9.43
C ILE A 54 17.27 -8.18 9.27
N THR A 55 17.07 -9.15 8.38
CA THR A 55 18.11 -10.14 8.08
C THR A 55 18.71 -9.90 6.69
N ASP A 56 18.42 -8.73 6.13
CA ASP A 56 18.93 -8.32 4.82
C ASP A 56 19.08 -6.79 4.76
N THR A 57 19.96 -6.32 3.87
CA THR A 57 20.31 -4.89 3.80
C THR A 57 19.18 -4.04 3.18
N GLY A 58 18.51 -4.59 2.18
CA GLY A 58 17.51 -3.83 1.44
C GLY A 58 16.17 -4.54 1.33
N ILE A 59 15.40 -4.55 2.42
CA ILE A 59 14.06 -5.16 2.42
C ILE A 59 13.00 -4.12 2.05
N ILE A 60 12.00 -4.53 1.26
CA ILE A 60 10.91 -3.63 0.87
C ILE A 60 9.54 -4.23 1.18
N VAL A 61 8.72 -3.45 1.88
CA VAL A 61 7.36 -3.88 2.25
C VAL A 61 6.32 -3.08 1.47
N ARG A 62 5.63 -3.73 0.54
CA ARG A 62 4.63 -3.05 -0.31
C ARG A 62 3.19 -3.43 0.07
N TYR A 63 2.46 -2.46 0.64
CA TYR A 63 1.04 -2.64 0.93
C TYR A 63 0.18 -2.25 -0.28
N ILE A 64 -0.78 -3.11 -0.63
CA ILE A 64 -1.64 -2.88 -1.80
C ILE A 64 -3.03 -2.39 -1.35
N TYR A 65 -3.53 -1.32 -1.98
CA TYR A 65 -4.86 -0.80 -1.67
C TYR A 65 -5.80 -0.87 -2.89
N ASP A 66 -7.03 -1.30 -2.67
CA ASP A 66 -8.06 -1.27 -3.70
C ASP A 66 -8.83 0.05 -3.63
N LYS A 67 -8.97 0.73 -4.76
CA LYS A 67 -9.65 2.03 -4.76
C LYS A 67 -11.15 1.88 -4.51
N ILE A 68 -11.60 2.42 -3.38
CA ILE A 68 -13.00 2.29 -2.95
C ILE A 68 -13.96 2.99 -3.92
N ILE A 69 -14.85 2.23 -4.54
CA ILE A 69 -15.87 2.80 -5.42
C ILE A 69 -16.90 3.57 -4.60
N ASP A 70 -16.55 4.81 -4.28
CA ASP A 70 -17.39 5.67 -3.47
C ASP A 70 -17.38 7.11 -4.02
N VAL A 71 -16.72 7.27 -5.16
CA VAL A 71 -16.61 8.57 -5.84
C VAL A 71 -17.72 8.77 -6.89
N SER A 72 -18.60 7.77 -7.01
CA SER A 72 -19.75 7.83 -7.94
C SER A 72 -19.33 7.76 -9.43
N TYR A 73 -18.04 7.94 -9.72
CA TYR A 73 -17.55 7.89 -11.10
C TYR A 73 -17.47 6.44 -11.64
N VAL A 74 -18.59 5.96 -12.17
CA VAL A 74 -18.67 4.64 -12.79
C VAL A 74 -19.26 4.73 -14.21
N ASP A 75 -19.64 3.58 -14.79
CA ASP A 75 -20.25 3.56 -16.13
C ASP A 75 -21.73 4.01 -16.08
N GLU A 76 -22.24 4.46 -17.22
CA GLU A 76 -23.61 5.01 -17.30
C GLU A 76 -24.44 4.37 -18.43
N THR A 77 -23.91 3.35 -19.10
CA THR A 77 -24.58 2.80 -20.31
C THR A 77 -24.45 1.26 -20.45
N GLY A 78 -23.22 0.74 -20.44
CA GLY A 78 -23.01 -0.68 -20.69
C GLY A 78 -21.54 -1.07 -20.79
N LYS A 79 -20.78 -0.79 -19.75
CA LYS A 79 -19.36 -1.16 -19.67
C LYS A 79 -19.08 -1.95 -18.38
N ASP A 80 -19.19 -1.27 -17.24
CA ASP A 80 -19.07 -1.91 -15.94
C ASP A 80 -19.80 -1.07 -14.88
N LEU A 81 -21.05 -1.42 -14.61
CA LEU A 81 -21.86 -0.71 -13.63
C LEU A 81 -22.23 -1.63 -12.46
N LEU A 82 -22.41 -1.05 -11.27
CA LEU A 82 -22.74 -1.83 -10.08
C LEU A 82 -24.27 -1.95 -9.88
N PRO A 83 -24.71 -2.89 -9.01
CA PRO A 83 -26.14 -3.06 -8.70
C PRO A 83 -26.78 -1.81 -8.07
N VAL A 84 -27.74 -1.20 -8.77
CA VAL A 84 -28.48 -0.06 -8.23
C VAL A 84 -29.53 -0.54 -7.20
N VAL A 85 -29.30 -0.20 -5.95
CA VAL A 85 -30.16 -0.65 -4.85
C VAL A 85 -31.02 0.49 -4.27
N GLU A 86 -31.68 0.22 -3.15
CA GLU A 86 -32.55 1.21 -2.49
C GLU A 86 -31.74 2.37 -1.90
N ILE A 87 -31.81 3.53 -2.54
CA ILE A 87 -31.09 4.72 -2.10
C ILE A 87 -32.05 5.90 -1.85
N ILE A 88 -31.66 6.82 -0.98
CA ILE A 88 -32.49 8.00 -0.69
C ILE A 88 -32.43 9.00 -1.87
N ASN A 89 -33.22 8.71 -2.90
CA ASN A 89 -33.33 9.52 -4.12
C ASN A 89 -34.52 9.04 -4.98
N SER A 90 -34.66 9.60 -6.18
CA SER A 90 -35.78 9.24 -7.06
C SER A 90 -35.33 9.14 -8.53
N GLU A 91 -36.17 8.51 -9.36
CA GLU A 91 -35.89 8.36 -10.81
C GLU A 91 -34.58 7.57 -11.04
N ALA A 92 -34.20 6.76 -10.04
CA ALA A 92 -32.93 6.01 -10.07
C ALA A 92 -31.70 6.94 -10.12
N ALA A 93 -31.94 8.24 -9.92
CA ALA A 93 -30.87 9.25 -9.95
C ALA A 93 -30.09 9.27 -11.28
N VAL A 94 -30.77 8.90 -12.37
CA VAL A 94 -30.15 8.85 -13.70
C VAL A 94 -29.65 10.23 -14.18
N LEU A 95 -28.78 10.23 -15.19
CA LEU A 95 -28.11 11.45 -15.67
C LEU A 95 -28.60 11.88 -17.07
N GLU A 96 -29.88 11.64 -17.35
CA GLU A 96 -30.46 11.92 -18.68
C GLU A 96 -30.36 13.42 -19.05
N HIS A 97 -29.21 13.81 -19.59
CA HIS A 97 -28.98 15.17 -20.10
C HIS A 97 -28.18 15.11 -21.42
N HIS A 98 -28.53 15.98 -22.38
CA HIS A 98 -27.80 16.08 -23.65
C HIS A 98 -28.00 14.82 -24.51
N HIS A 99 -28.35 15.00 -25.80
CA HIS A 99 -28.71 13.85 -26.66
C HIS A 99 -28.22 14.02 -28.11
N HIS A 100 -28.32 15.23 -28.65
CA HIS A 100 -28.01 15.51 -30.07
C HIS A 100 -29.09 14.93 -31.02
N HIS A 101 -29.31 15.62 -32.15
CA HIS A 101 -30.24 15.16 -33.18
C HIS A 101 -30.10 15.99 -34.46
N HIS A 102 -30.03 15.32 -35.61
CA HIS A 102 -29.83 15.99 -36.91
C HIS A 102 -31.16 16.39 -37.56
#